data_6VI9
# 
_entry.id   6VI9 
# 
_audit_conform.dict_name       mmcif_pdbx.dic 
_audit_conform.dict_version    5.380 
_audit_conform.dict_location   http://mmcif.pdb.org/dictionaries/ascii/mmcif_pdbx.dic 
# 
loop_
_database_2.database_id 
_database_2.database_code 
_database_2.pdbx_database_accession 
_database_2.pdbx_DOI 
PDB   6VI9         pdb_00006vi9 10.2210/pdb6vi9/pdb 
WWPDB D_1000246449 ?            ?                   
# 
_pdbx_database_status.status_code                     REL 
_pdbx_database_status.status_code_sf                  REL 
_pdbx_database_status.status_code_mr                  ? 
_pdbx_database_status.entry_id                        6VI9 
_pdbx_database_status.recvd_initial_deposition_date   2020-01-12 
_pdbx_database_status.SG_entry                        N 
_pdbx_database_status.deposit_site                    RCSB 
_pdbx_database_status.process_site                    RCSB 
_pdbx_database_status.status_code_cs                  ? 
_pdbx_database_status.status_code_nmr_data            ? 
_pdbx_database_status.methods_development_category    ? 
_pdbx_database_status.pdb_format_compatible           Y 
# 
loop_
_audit_author.name 
_audit_author.pdbx_ordinal 
_audit_author.identifier_ORCID 
'Wang, Y.' 1 ? 
'Liu, F.'  2 ? 
'Yang, Y.' 3 ? 
'Liu, A.'  4 ? 
# 
_citation.abstract                  ? 
_citation.abstract_id_CAS           ? 
_citation.book_id_ISBN              ? 
_citation.book_publisher            ? 
_citation.book_publisher_city       ? 
_citation.book_title                ? 
_citation.coordinate_linkage        ? 
_citation.country                   US 
_citation.database_id_Medline       ? 
_citation.details                   ? 
_citation.id                        primary 
_citation.journal_abbrev            Proc.Natl.Acad.Sci.USA 
_citation.journal_id_ASTM           PNASA6 
_citation.journal_id_CSD            0040 
_citation.journal_id_ISSN           1091-6490 
_citation.journal_full              ? 
_citation.journal_issue             ? 
_citation.journal_volume            117 
_citation.language                  ? 
_citation.page_first                19720 
_citation.page_last                 19730 
_citation.title                     'Observing 3-hydroxyanthranilate-3,4-dioxygenase in action through a crystalline lens.' 
_citation.year                      2020 
_citation.database_id_CSD           ? 
_citation.pdbx_database_id_DOI      10.1073/pnas.2005327117 
_citation.pdbx_database_id_PubMed   32732435 
_citation.unpublished_flag          ? 
# 
loop_
_citation_author.citation_id 
_citation_author.name 
_citation_author.ordinal 
_citation_author.identifier_ORCID 
primary 'Wang, Y.'  1 ? 
primary 'Liu, K.F.' 2 ? 
primary 'Yang, Y.'  3 ? 
primary 'Davis, I.' 4 ? 
primary 'Liu, A.'   5 ? 
# 
_cell.angle_alpha                  90.00 
_cell.angle_alpha_esd              ? 
_cell.angle_beta                   90.00 
_cell.angle_beta_esd               ? 
_cell.angle_gamma                  120.00 
_cell.angle_gamma_esd              ? 
_cell.entry_id                     6VI9 
_cell.details                      ? 
_cell.formula_units_Z              ? 
_cell.length_a                     57.790 
_cell.length_a_esd                 ? 
_cell.length_b                     57.790 
_cell.length_b_esd                 ? 
_cell.length_c                     231.440 
_cell.length_c_esd                 ? 
_cell.volume                       ? 
_cell.volume_esd                   ? 
_cell.Z_PDB                        12 
_cell.reciprocal_angle_alpha       ? 
_cell.reciprocal_angle_beta        ? 
_cell.reciprocal_angle_gamma       ? 
_cell.reciprocal_angle_alpha_esd   ? 
_cell.reciprocal_angle_beta_esd    ? 
_cell.reciprocal_angle_gamma_esd   ? 
_cell.reciprocal_length_a          ? 
_cell.reciprocal_length_b          ? 
_cell.reciprocal_length_c          ? 
_cell.reciprocal_length_a_esd      ? 
_cell.reciprocal_length_b_esd      ? 
_cell.reciprocal_length_c_esd      ? 
_cell.pdbx_unique_axis             ? 
# 
_symmetry.entry_id                         6VI9 
_symmetry.cell_setting                     ? 
_symmetry.Int_Tables_number                179 
_symmetry.space_group_name_Hall            ? 
_symmetry.space_group_name_H-M             'P 65 2 2' 
_symmetry.pdbx_full_space_group_name_H-M   ? 
# 
loop_
_entity.id 
_entity.type 
_entity.src_method 
_entity.pdbx_description 
_entity.formula_weight 
_entity.pdbx_number_of_molecules 
_entity.pdbx_ec 
_entity.pdbx_mutation 
_entity.pdbx_fragment 
_entity.details 
1 polymer     man '3-hydroxyanthranilate 3,4-dioxygenase'                                                              22590.377 1 
1.13.11.6 ? ? ? 
2 non-polymer syn 'FE (II) ION'                                                                                        55.845    1 
?         ? ? ? 
3 non-polymer syn '(5R,6Z)-5-(hydroperoxy-kappaO)-5-(hydroxy-kappaO)-6-iminocyclohexa-1,3-diene-1-carboxylato(2-)iron' 237.955   1 
?         ? ? ? 
4 non-polymer syn 2-AMINO-2-HYDROXYMETHYL-PROPANE-1,3-DIOL                                                             122.143   1 
?         ? ? ? 
5 water       nat water                                                                                                18.015    
97 ?         ? ? ? 
# 
_entity_name_com.entity_id   1 
_entity_name_com.name        '3-hydroxyanthranilate oxygenase,3-HAO,3-hydroxyanthranilic acid dioxygenase,HAD' 
# 
_entity_poly.entity_id                      1 
_entity_poly.type                           'polypeptide(L)' 
_entity_poly.nstd_linkage                   no 
_entity_poly.nstd_monomer                   no 
_entity_poly.pdbx_seq_one_letter_code       
;MGHHHHHHHHHHSSGHIEGRHMLTYGAPFNFPRWIDEHAHLLKPPVGNRQVWQDSDFIVTVVGGPNHRTDYHDDPLEEFF
YQLRGNAYLNLWVDGRRERADLKEGDIFLLPPHVRHSPQRPEAGSACLVIERQRPAGMLDGFEWYCDACGHLVHRVEVQL
KSIVTDLPPLFESFYASEDKRRCPHCGQVHPGRAA
;
_entity_poly.pdbx_seq_one_letter_code_can   
;MGHHHHHHHHHHSSGHIEGRHMLTYGAPFNFPRWIDEHAHLLKPPVGNRQVWQDSDFIVTVVGGPNHRTDYHDDPLEEFF
YQLRGNAYLNLWVDGRRERADLKEGDIFLLPPHVRHSPQRPEAGSACLVIERQRPAGMLDGFEWYCDACGHLVHRVEVQL
KSIVTDLPPLFESFYASEDKRRCPHCGQVHPGRAA
;
_entity_poly.pdbx_strand_id                 A 
_entity_poly.pdbx_target_identifier         ? 
# 
loop_
_entity_poly_seq.entity_id 
_entity_poly_seq.num 
_entity_poly_seq.mon_id 
_entity_poly_seq.hetero 
1 1   MET n 
1 2   GLY n 
1 3   HIS n 
1 4   HIS n 
1 5   HIS n 
1 6   HIS n 
1 7   HIS n 
1 8   HIS n 
1 9   HIS n 
1 10  HIS n 
1 11  HIS n 
1 12  HIS n 
1 13  SER n 
1 14  SER n 
1 15  GLY n 
1 16  HIS n 
1 17  ILE n 
1 18  GLU n 
1 19  GLY n 
1 20  ARG n 
1 21  HIS n 
1 22  MET n 
1 23  LEU n 
1 24  THR n 
1 25  TYR n 
1 26  GLY n 
1 27  ALA n 
1 28  PRO n 
1 29  PHE n 
1 30  ASN n 
1 31  PHE n 
1 32  PRO n 
1 33  ARG n 
1 34  TRP n 
1 35  ILE n 
1 36  ASP n 
1 37  GLU n 
1 38  HIS n 
1 39  ALA n 
1 40  HIS n 
1 41  LEU n 
1 42  LEU n 
1 43  LYS n 
1 44  PRO n 
1 45  PRO n 
1 46  VAL n 
1 47  GLY n 
1 48  ASN n 
1 49  ARG n 
1 50  GLN n 
1 51  VAL n 
1 52  TRP n 
1 53  GLN n 
1 54  ASP n 
1 55  SER n 
1 56  ASP n 
1 57  PHE n 
1 58  ILE n 
1 59  VAL n 
1 60  THR n 
1 61  VAL n 
1 62  VAL n 
1 63  GLY n 
1 64  GLY n 
1 65  PRO n 
1 66  ASN n 
1 67  HIS n 
1 68  ARG n 
1 69  THR n 
1 70  ASP n 
1 71  TYR n 
1 72  HIS n 
1 73  ASP n 
1 74  ASP n 
1 75  PRO n 
1 76  LEU n 
1 77  GLU n 
1 78  GLU n 
1 79  PHE n 
1 80  PHE n 
1 81  TYR n 
1 82  GLN n 
1 83  LEU n 
1 84  ARG n 
1 85  GLY n 
1 86  ASN n 
1 87  ALA n 
1 88  TYR n 
1 89  LEU n 
1 90  ASN n 
1 91  LEU n 
1 92  TRP n 
1 93  VAL n 
1 94  ASP n 
1 95  GLY n 
1 96  ARG n 
1 97  ARG n 
1 98  GLU n 
1 99  ARG n 
1 100 ALA n 
1 101 ASP n 
1 102 LEU n 
1 103 LYS n 
1 104 GLU n 
1 105 GLY n 
1 106 ASP n 
1 107 ILE n 
1 108 PHE n 
1 109 LEU n 
1 110 LEU n 
1 111 PRO n 
1 112 PRO n 
1 113 HIS n 
1 114 VAL n 
1 115 ARG n 
1 116 HIS n 
1 117 SER n 
1 118 PRO n 
1 119 GLN n 
1 120 ARG n 
1 121 PRO n 
1 122 GLU n 
1 123 ALA n 
1 124 GLY n 
1 125 SER n 
1 126 ALA n 
1 127 CYS n 
1 128 LEU n 
1 129 VAL n 
1 130 ILE n 
1 131 GLU n 
1 132 ARG n 
1 133 GLN n 
1 134 ARG n 
1 135 PRO n 
1 136 ALA n 
1 137 GLY n 
1 138 MET n 
1 139 LEU n 
1 140 ASP n 
1 141 GLY n 
1 142 PHE n 
1 143 GLU n 
1 144 TRP n 
1 145 TYR n 
1 146 CYS n 
1 147 ASP n 
1 148 ALA n 
1 149 CYS n 
1 150 GLY n 
1 151 HIS n 
1 152 LEU n 
1 153 VAL n 
1 154 HIS n 
1 155 ARG n 
1 156 VAL n 
1 157 GLU n 
1 158 VAL n 
1 159 GLN n 
1 160 LEU n 
1 161 LYS n 
1 162 SER n 
1 163 ILE n 
1 164 VAL n 
1 165 THR n 
1 166 ASP n 
1 167 LEU n 
1 168 PRO n 
1 169 PRO n 
1 170 LEU n 
1 171 PHE n 
1 172 GLU n 
1 173 SER n 
1 174 PHE n 
1 175 TYR n 
1 176 ALA n 
1 177 SER n 
1 178 GLU n 
1 179 ASP n 
1 180 LYS n 
1 181 ARG n 
1 182 ARG n 
1 183 CYS n 
1 184 PRO n 
1 185 HIS n 
1 186 CYS n 
1 187 GLY n 
1 188 GLN n 
1 189 VAL n 
1 190 HIS n 
1 191 PRO n 
1 192 GLY n 
1 193 ARG n 
1 194 ALA n 
1 195 ALA n 
# 
_entity_src_gen.entity_id                          1 
_entity_src_gen.pdbx_src_id                        1 
_entity_src_gen.pdbx_alt_source_flag               sample 
_entity_src_gen.pdbx_seq_type                      'Biological sequence' 
_entity_src_gen.pdbx_beg_seq_num                   1 
_entity_src_gen.pdbx_end_seq_num                   195 
_entity_src_gen.gene_src_common_name               ? 
_entity_src_gen.gene_src_genus                     ? 
_entity_src_gen.pdbx_gene_src_gene                 'nbaC, Rmet_5193' 
_entity_src_gen.gene_src_species                   ? 
_entity_src_gen.gene_src_strain                    'ATCC 43123 / DSM 2839 / NBRC 102507 / CH34' 
_entity_src_gen.gene_src_tissue                    ? 
_entity_src_gen.gene_src_tissue_fraction           ? 
_entity_src_gen.gene_src_details                   ? 
_entity_src_gen.pdbx_gene_src_fragment             ? 
_entity_src_gen.pdbx_gene_src_scientific_name      'Cupriavidus metallidurans (strain ATCC 43123 / DSM 2839 / NBRC 102507 / CH34)' 
_entity_src_gen.pdbx_gene_src_ncbi_taxonomy_id     266264 
_entity_src_gen.pdbx_gene_src_variant              ? 
_entity_src_gen.pdbx_gene_src_cell_line            ? 
_entity_src_gen.pdbx_gene_src_atcc                 ? 
_entity_src_gen.pdbx_gene_src_organ                ? 
_entity_src_gen.pdbx_gene_src_organelle            ? 
_entity_src_gen.pdbx_gene_src_cell                 ? 
_entity_src_gen.pdbx_gene_src_cellular_location    ? 
_entity_src_gen.host_org_common_name               ? 
_entity_src_gen.pdbx_host_org_scientific_name      'Escherichia coli BL21(DE3)' 
_entity_src_gen.pdbx_host_org_ncbi_taxonomy_id     469008 
_entity_src_gen.host_org_genus                     ? 
_entity_src_gen.pdbx_host_org_gene                 ? 
_entity_src_gen.pdbx_host_org_organ                ? 
_entity_src_gen.host_org_species                   ? 
_entity_src_gen.pdbx_host_org_tissue               ? 
_entity_src_gen.pdbx_host_org_tissue_fraction      ? 
_entity_src_gen.pdbx_host_org_strain               'BL21(DE3)' 
_entity_src_gen.pdbx_host_org_variant              ? 
_entity_src_gen.pdbx_host_org_cell_line            ? 
_entity_src_gen.pdbx_host_org_atcc                 ? 
_entity_src_gen.pdbx_host_org_culture_collection   ? 
_entity_src_gen.pdbx_host_org_cell                 ? 
_entity_src_gen.pdbx_host_org_organelle            ? 
_entity_src_gen.pdbx_host_org_cellular_location    ? 
_entity_src_gen.pdbx_host_org_vector_type          ? 
_entity_src_gen.pdbx_host_org_vector               ? 
_entity_src_gen.host_org_details                   ? 
_entity_src_gen.expression_system_id               ? 
_entity_src_gen.plasmid_name                       ? 
_entity_src_gen.plasmid_details                    ? 
_entity_src_gen.pdbx_description                   ? 
# 
_struct_ref.id                         1 
_struct_ref.db_name                    UNP 
_struct_ref.db_code                    3HAO_CUPMC 
_struct_ref.pdbx_db_accession          Q1LCS4 
_struct_ref.pdbx_db_isoform            ? 
_struct_ref.entity_id                  1 
_struct_ref.pdbx_seq_one_letter_code   
;MLTYGAPFNFPRWIDEHAHLLKPPVGNRQVWQDSDFIVTVVGGPNHRTDYHDDPLEEFFYQLRGNAYLNLWVDGRRERAD
LKEGDIFLLPPHVRHSPQRPEAGSACLVIERQRPAGMLDGFEWYCDACGHLVHRVEVQLKSIVTDLPPLFESFYASEDKR
RCPHCGQVHPGRAA
;
_struct_ref.pdbx_align_begin           1 
# 
_struct_ref_seq.align_id                      1 
_struct_ref_seq.ref_id                        1 
_struct_ref_seq.pdbx_PDB_id_code              6VI9 
_struct_ref_seq.pdbx_strand_id                A 
_struct_ref_seq.seq_align_beg                 22 
_struct_ref_seq.pdbx_seq_align_beg_ins_code   ? 
_struct_ref_seq.seq_align_end                 195 
_struct_ref_seq.pdbx_seq_align_end_ins_code   ? 
_struct_ref_seq.pdbx_db_accession             Q1LCS4 
_struct_ref_seq.db_align_beg                  1 
_struct_ref_seq.pdbx_db_align_beg_ins_code    ? 
_struct_ref_seq.db_align_end                  174 
_struct_ref_seq.pdbx_db_align_end_ins_code    ? 
_struct_ref_seq.pdbx_auth_seq_align_beg       1 
_struct_ref_seq.pdbx_auth_seq_align_end       174 
# 
loop_
_struct_ref_seq_dif.align_id 
_struct_ref_seq_dif.pdbx_pdb_id_code 
_struct_ref_seq_dif.mon_id 
_struct_ref_seq_dif.pdbx_pdb_strand_id 
_struct_ref_seq_dif.seq_num 
_struct_ref_seq_dif.pdbx_pdb_ins_code 
_struct_ref_seq_dif.pdbx_seq_db_name 
_struct_ref_seq_dif.pdbx_seq_db_accession_code 
_struct_ref_seq_dif.db_mon_id 
_struct_ref_seq_dif.pdbx_seq_db_seq_num 
_struct_ref_seq_dif.details 
_struct_ref_seq_dif.pdbx_auth_seq_num 
_struct_ref_seq_dif.pdbx_ordinal 
1 6VI9 MET A 1  ? UNP Q1LCS4 ? ? 'expression tag' -20 1  
1 6VI9 GLY A 2  ? UNP Q1LCS4 ? ? 'expression tag' -19 2  
1 6VI9 HIS A 3  ? UNP Q1LCS4 ? ? 'expression tag' -18 3  
1 6VI9 HIS A 4  ? UNP Q1LCS4 ? ? 'expression tag' -17 4  
1 6VI9 HIS A 5  ? UNP Q1LCS4 ? ? 'expression tag' -16 5  
1 6VI9 HIS A 6  ? UNP Q1LCS4 ? ? 'expression tag' -15 6  
1 6VI9 HIS A 7  ? UNP Q1LCS4 ? ? 'expression tag' -14 7  
1 6VI9 HIS A 8  ? UNP Q1LCS4 ? ? 'expression tag' -13 8  
1 6VI9 HIS A 9  ? UNP Q1LCS4 ? ? 'expression tag' -12 9  
1 6VI9 HIS A 10 ? UNP Q1LCS4 ? ? 'expression tag' -11 10 
1 6VI9 HIS A 11 ? UNP Q1LCS4 ? ? 'expression tag' -10 11 
1 6VI9 HIS A 12 ? UNP Q1LCS4 ? ? 'expression tag' -9  12 
1 6VI9 SER A 13 ? UNP Q1LCS4 ? ? 'expression tag' -8  13 
1 6VI9 SER A 14 ? UNP Q1LCS4 ? ? 'expression tag' -7  14 
1 6VI9 GLY A 15 ? UNP Q1LCS4 ? ? 'expression tag' -6  15 
1 6VI9 HIS A 16 ? UNP Q1LCS4 ? ? 'expression tag' -5  16 
1 6VI9 ILE A 17 ? UNP Q1LCS4 ? ? 'expression tag' -4  17 
1 6VI9 GLU A 18 ? UNP Q1LCS4 ? ? 'expression tag' -3  18 
1 6VI9 GLY A 19 ? UNP Q1LCS4 ? ? 'expression tag' -2  19 
1 6VI9 ARG A 20 ? UNP Q1LCS4 ? ? 'expression tag' -1  20 
1 6VI9 HIS A 21 ? UNP Q1LCS4 ? ? 'expression tag' 0   21 
# 
loop_
_chem_comp.id 
_chem_comp.type 
_chem_comp.mon_nstd_flag 
_chem_comp.name 
_chem_comp.pdbx_synonyms 
_chem_comp.formula 
_chem_comp.formula_weight 
ALA 'L-peptide linking' y ALANINE                                                                                              ? 
'C3 H7 N O2'      89.093  
ARG 'L-peptide linking' y ARGININE                                                                                             ? 
'C6 H15 N4 O2 1'  175.209 
ASN 'L-peptide linking' y ASPARAGINE                                                                                           ? 
'C4 H8 N2 O3'     132.118 
ASP 'L-peptide linking' y 'ASPARTIC ACID'                                                                                      ? 
'C4 H7 N O4'      133.103 
CYS 'L-peptide linking' y CYSTEINE                                                                                             ? 
'C3 H7 N O2 S'    121.158 
FE2 non-polymer         . 'FE (II) ION'                                                                                        ? 
'Fe 2'            55.845  
GLN 'L-peptide linking' y GLUTAMINE                                                                                            ? 
'C5 H10 N2 O3'    146.144 
GLU 'L-peptide linking' y 'GLUTAMIC ACID'                                                                                      ? 
'C5 H9 N O4'      147.129 
GLY 'peptide linking'   y GLYCINE                                                                                              ? 
'C2 H5 N O2'      75.067  
HIS 'L-peptide linking' y HISTIDINE                                                                                            ? 
'C6 H10 N3 O2 1'  156.162 
HOH non-polymer         . WATER                                                                                                ? 
'H2 O'            18.015  
ILE 'L-peptide linking' y ISOLEUCINE                                                                                           ? 
'C6 H13 N O2'     131.173 
LEU 'L-peptide linking' y LEUCINE                                                                                              ? 
'C6 H13 N O2'     131.173 
LYS 'L-peptide linking' y LYSINE                                                                                               ? 
'C6 H15 N2 O2 1'  147.195 
MET 'L-peptide linking' y METHIONINE                                                                                           ? 
'C5 H11 N O2 S'   149.211 
PHE 'L-peptide linking' y PHENYLALANINE                                                                                        ? 
'C9 H11 N O2'     165.189 
PRO 'L-peptide linking' y PROLINE                                                                                              ? 
'C5 H9 N O2'      115.130 
QXM non-polymer         . '(5R,6Z)-5-(hydroperoxy-kappaO)-5-(hydroxy-kappaO)-6-iminocyclohexa-1,3-diene-1-carboxylato(2-)iron' ? 
'C7 H4 Fe N O5 1' 237.955 
SER 'L-peptide linking' y SERINE                                                                                               ? 
'C3 H7 N O3'      105.093 
THR 'L-peptide linking' y THREONINE                                                                                            ? 
'C4 H9 N O3'      119.119 
TRP 'L-peptide linking' y TRYPTOPHAN                                                                                           ? 
'C11 H12 N2 O2'   204.225 
TRS non-polymer         . 2-AMINO-2-HYDROXYMETHYL-PROPANE-1,3-DIOL                                                             
'TRIS BUFFER' 'C4 H12 N O3 1'   122.143 
TYR 'L-peptide linking' y TYROSINE                                                                                             ? 
'C9 H11 N O3'     181.189 
VAL 'L-peptide linking' y VALINE                                                                                               ? 
'C5 H11 N O2'     117.146 
# 
_exptl.absorpt_coefficient_mu     ? 
_exptl.absorpt_correction_T_max   ? 
_exptl.absorpt_correction_T_min   ? 
_exptl.absorpt_correction_type    ? 
_exptl.absorpt_process_details    ? 
_exptl.entry_id                   6VI9 
_exptl.crystals_number            1 
_exptl.details                    ? 
_exptl.method                     'X-RAY DIFFRACTION' 
_exptl.method_details             ? 
# 
_exptl_crystal.colour                      ? 
_exptl_crystal.density_diffrn              ? 
_exptl_crystal.density_Matthews            2.47 
_exptl_crystal.density_method              ? 
_exptl_crystal.density_percent_sol         50.19 
_exptl_crystal.description                 ? 
_exptl_crystal.F_000                       ? 
_exptl_crystal.id                          1 
_exptl_crystal.preparation                 ? 
_exptl_crystal.size_max                    ? 
_exptl_crystal.size_mid                    ? 
_exptl_crystal.size_min                    ? 
_exptl_crystal.size_rad                    ? 
_exptl_crystal.colour_lustre               ? 
_exptl_crystal.colour_modifier             ? 
_exptl_crystal.colour_primary              ? 
_exptl_crystal.density_meas                ? 
_exptl_crystal.density_meas_esd            ? 
_exptl_crystal.density_meas_gt             ? 
_exptl_crystal.density_meas_lt             ? 
_exptl_crystal.density_meas_temp           ? 
_exptl_crystal.density_meas_temp_esd       ? 
_exptl_crystal.density_meas_temp_gt        ? 
_exptl_crystal.density_meas_temp_lt        ? 
_exptl_crystal.pdbx_crystal_image_url      ? 
_exptl_crystal.pdbx_crystal_image_format   ? 
_exptl_crystal.pdbx_mosaicity              ? 
_exptl_crystal.pdbx_mosaicity_esd          ? 
# 
_exptl_crystal_grow.apparatus       ? 
_exptl_crystal_grow.atmosphere      ? 
_exptl_crystal_grow.crystal_id      1 
_exptl_crystal_grow.details         ? 
_exptl_crystal_grow.method          'VAPOR DIFFUSION, SITTING DROP' 
_exptl_crystal_grow.method_ref      ? 
_exptl_crystal_grow.pH              ? 
_exptl_crystal_grow.pressure        ? 
_exptl_crystal_grow.pressure_esd    ? 
_exptl_crystal_grow.seeding         ? 
_exptl_crystal_grow.seeding_ref     ? 
_exptl_crystal_grow.temp            292 
_exptl_crystal_grow.temp_details    ? 
_exptl_crystal_grow.temp_esd        ? 
_exptl_crystal_grow.time            ? 
_exptl_crystal_grow.pdbx_details    '15% PEG8000, 0.1 M Tris-HCl, 0.2 M magnesium chloride, pH 8.5' 
_exptl_crystal_grow.pdbx_pH_range   ? 
# 
_diffrn.ambient_environment              ? 
_diffrn.ambient_temp                     100 
_diffrn.ambient_temp_details             ? 
_diffrn.ambient_temp_esd                 ? 
_diffrn.crystal_id                       1 
_diffrn.crystal_support                  ? 
_diffrn.crystal_treatment                ? 
_diffrn.details                          ? 
_diffrn.id                               1 
_diffrn.ambient_pressure                 ? 
_diffrn.ambient_pressure_esd             ? 
_diffrn.ambient_pressure_gt              ? 
_diffrn.ambient_pressure_lt              ? 
_diffrn.ambient_temp_gt                  ? 
_diffrn.ambient_temp_lt                  ? 
_diffrn.pdbx_serial_crystal_experiment   N 
# 
_diffrn_detector.details                      ? 
_diffrn_detector.detector                     PIXEL 
_diffrn_detector.diffrn_id                    1 
_diffrn_detector.type                         'DECTRIS PILATUS3 6M' 
_diffrn_detector.area_resol_mean              ? 
_diffrn_detector.dtime                        ? 
_diffrn_detector.pdbx_frames_total            ? 
_diffrn_detector.pdbx_collection_time_total   ? 
_diffrn_detector.pdbx_collection_date         2017-11-14 
_diffrn_detector.pdbx_frequency               ? 
# 
_diffrn_radiation.collimation                      ? 
_diffrn_radiation.diffrn_id                        1 
_diffrn_radiation.filter_edge                      ? 
_diffrn_radiation.inhomogeneity                    ? 
_diffrn_radiation.monochromator                    'double crystal Si(111)' 
_diffrn_radiation.polarisn_norm                    ? 
_diffrn_radiation.polarisn_ratio                   ? 
_diffrn_radiation.probe                            ? 
_diffrn_radiation.type                             ? 
_diffrn_radiation.xray_symbol                      ? 
_diffrn_radiation.wavelength_id                    1 
_diffrn_radiation.pdbx_monochromatic_or_laue_m_l   M 
_diffrn_radiation.pdbx_wavelength_list             ? 
_diffrn_radiation.pdbx_wavelength                  ? 
_diffrn_radiation.pdbx_diffrn_protocol             'SINGLE WAVELENGTH' 
_diffrn_radiation.pdbx_analyzer                    ? 
_diffrn_radiation.pdbx_scattering_type             x-ray 
# 
_diffrn_radiation_wavelength.id           1 
_diffrn_radiation_wavelength.wavelength   0.97919 
_diffrn_radiation_wavelength.wt           1.0 
# 
_diffrn_source.current                     ? 
_diffrn_source.details                     ? 
_diffrn_source.diffrn_id                   1 
_diffrn_source.power                       ? 
_diffrn_source.size                        ? 
_diffrn_source.source                      SYNCHROTRON 
_diffrn_source.target                      ? 
_diffrn_source.type                        'APS BEAMLINE 19-BM' 
_diffrn_source.voltage                     ? 
_diffrn_source.take-off_angle              ? 
_diffrn_source.pdbx_wavelength_list        0.97919 
_diffrn_source.pdbx_wavelength             ? 
_diffrn_source.pdbx_synchrotron_beamline   19-BM 
_diffrn_source.pdbx_synchrotron_site       APS 
# 
_reflns.B_iso_Wilson_estimate            26.38 
_reflns.entry_id                         6VI9 
_reflns.data_reduction_details           ? 
_reflns.data_reduction_method            ? 
_reflns.d_resolution_high                2.300 
_reflns.d_resolution_low                 50.000 
_reflns.details                          ? 
_reflns.limit_h_max                      ? 
_reflns.limit_h_min                      ? 
_reflns.limit_k_max                      ? 
_reflns.limit_k_min                      ? 
_reflns.limit_l_max                      ? 
_reflns.limit_l_min                      ? 
_reflns.number_all                       ? 
_reflns.number_obs                       11036 
_reflns.observed_criterion               ? 
_reflns.observed_criterion_F_max         ? 
_reflns.observed_criterion_F_min         ? 
_reflns.observed_criterion_I_max         ? 
_reflns.observed_criterion_I_min         ? 
_reflns.observed_criterion_sigma_F       ? 
_reflns.observed_criterion_sigma_I       ? 
_reflns.percent_possible_obs             99.6 
_reflns.R_free_details                   ? 
_reflns.Rmerge_F_all                     ? 
_reflns.Rmerge_F_obs                     ? 
_reflns.Friedel_coverage                 ? 
_reflns.number_gt                        ? 
_reflns.threshold_expression             ? 
_reflns.pdbx_redundancy                  16.70 
_reflns.pdbx_Rmerge_I_obs                0.12200 
_reflns.pdbx_Rmerge_I_all                ? 
_reflns.pdbx_Rsym_value                  ? 
_reflns.pdbx_netI_over_av_sigmaI         ? 
_reflns.pdbx_netI_over_sigmaI            6.0000 
_reflns.pdbx_res_netI_over_av_sigmaI_2   ? 
_reflns.pdbx_res_netI_over_sigmaI_2      ? 
_reflns.pdbx_chi_squared                 ? 
_reflns.pdbx_scaling_rejects             ? 
_reflns.pdbx_d_res_high_opt              ? 
_reflns.pdbx_d_res_low_opt               ? 
_reflns.pdbx_d_res_opt_method            ? 
_reflns.phase_calculation_details        ? 
_reflns.pdbx_Rrim_I_all                  ? 
_reflns.pdbx_Rpim_I_all                  ? 
_reflns.pdbx_d_opt                       ? 
_reflns.pdbx_number_measured_all         ? 
_reflns.pdbx_diffrn_id                   1 
_reflns.pdbx_ordinal                     1 
_reflns.pdbx_CC_half                     ? 
_reflns.pdbx_CC_star                     ? 
_reflns.pdbx_R_split                     ? 
# 
_reflns_shell.d_res_high                  2.30 
_reflns_shell.d_res_low                   2.34 
_reflns_shell.meanI_over_sigI_all         ? 
_reflns_shell.meanI_over_sigI_obs         ? 
_reflns_shell.number_measured_all         ? 
_reflns_shell.number_measured_obs         ? 
_reflns_shell.number_possible             ? 
_reflns_shell.number_unique_all           ? 
_reflns_shell.number_unique_obs           478 
_reflns_shell.percent_possible_all        100.0 
_reflns_shell.percent_possible_obs        ? 
_reflns_shell.Rmerge_F_all                ? 
_reflns_shell.Rmerge_F_obs                ? 
_reflns_shell.Rmerge_I_all                ? 
_reflns_shell.Rmerge_I_obs                0.99600 
_reflns_shell.meanI_over_sigI_gt          ? 
_reflns_shell.meanI_over_uI_all           ? 
_reflns_shell.meanI_over_uI_gt            ? 
_reflns_shell.number_measured_gt          ? 
_reflns_shell.number_unique_gt            ? 
_reflns_shell.percent_possible_gt         ? 
_reflns_shell.Rmerge_F_gt                 ? 
_reflns_shell.Rmerge_I_gt                 ? 
_reflns_shell.pdbx_redundancy             17.40 
_reflns_shell.pdbx_Rsym_value             ? 
_reflns_shell.pdbx_chi_squared            ? 
_reflns_shell.pdbx_netI_over_sigmaI_all   ? 
_reflns_shell.pdbx_netI_over_sigmaI_obs   ? 
_reflns_shell.pdbx_Rrim_I_all             ? 
_reflns_shell.pdbx_Rpim_I_all             ? 
_reflns_shell.pdbx_rejects                ? 
_reflns_shell.pdbx_ordinal                1 
_reflns_shell.pdbx_diffrn_id              1 
_reflns_shell.pdbx_CC_half                ? 
_reflns_shell.pdbx_CC_star                ? 
_reflns_shell.pdbx_R_split                ? 
# 
_refine.aniso_B[1][1]                            ? 
_refine.aniso_B[1][2]                            ? 
_refine.aniso_B[1][3]                            ? 
_refine.aniso_B[2][2]                            ? 
_refine.aniso_B[2][3]                            ? 
_refine.aniso_B[3][3]                            ? 
_refine.B_iso_max                                ? 
_refine.B_iso_mean                               30.83 
_refine.B_iso_min                                ? 
_refine.correlation_coeff_Fo_to_Fc               ? 
_refine.correlation_coeff_Fo_to_Fc_free          ? 
_refine.details                                  ? 
_refine.diff_density_max                         ? 
_refine.diff_density_max_esd                     ? 
_refine.diff_density_min                         ? 
_refine.diff_density_min_esd                     ? 
_refine.diff_density_rms                         ? 
_refine.diff_density_rms_esd                     ? 
_refine.entry_id                                 6VI9 
_refine.pdbx_refine_id                           'X-RAY DIFFRACTION' 
_refine.ls_abs_structure_details                 ? 
_refine.ls_abs_structure_Flack                   ? 
_refine.ls_abs_structure_Flack_esd               ? 
_refine.ls_abs_structure_Rogers                  ? 
_refine.ls_abs_structure_Rogers_esd              ? 
_refine.ls_d_res_high                            2.31 
_refine.ls_d_res_low                             30.55 
_refine.ls_extinction_coef                       ? 
_refine.ls_extinction_coef_esd                   ? 
_refine.ls_extinction_expression                 ? 
_refine.ls_extinction_method                     ? 
_refine.ls_goodness_of_fit_all                   ? 
_refine.ls_goodness_of_fit_all_esd               ? 
_refine.ls_goodness_of_fit_obs                   ? 
_refine.ls_goodness_of_fit_obs_esd               ? 
_refine.ls_hydrogen_treatment                    ? 
_refine.ls_matrix_type                           ? 
_refine.ls_number_constraints                    ? 
_refine.ls_number_parameters                     ? 
_refine.ls_number_reflns_all                     ? 
_refine.ls_number_reflns_obs                     9921 
_refine.ls_number_reflns_R_free                  992 
_refine.ls_number_reflns_R_work                  ? 
_refine.ls_number_restraints                     ? 
_refine.ls_percent_reflns_obs                    90.8 
_refine.ls_percent_reflns_R_free                 10.000 
_refine.ls_R_factor_all                          ? 
_refine.ls_R_factor_obs                          0.230 
_refine.ls_R_factor_R_free                       0.275 
_refine.ls_R_factor_R_free_error                 ? 
_refine.ls_R_factor_R_free_error_details         ? 
_refine.ls_R_factor_R_work                       0.225 
_refine.ls_R_Fsqd_factor_obs                     ? 
_refine.ls_R_I_factor_obs                        ? 
_refine.ls_redundancy_reflns_all                 ? 
_refine.ls_redundancy_reflns_obs                 ? 
_refine.ls_restrained_S_all                      ? 
_refine.ls_restrained_S_obs                      ? 
_refine.ls_shift_over_esd_max                    ? 
_refine.ls_shift_over_esd_mean                   ? 
_refine.ls_structure_factor_coef                 ? 
_refine.ls_weighting_details                     ? 
_refine.ls_weighting_scheme                      ? 
_refine.ls_wR_factor_all                         ? 
_refine.ls_wR_factor_obs                         ? 
_refine.ls_wR_factor_R_free                      ? 
_refine.ls_wR_factor_R_work                      ? 
_refine.occupancy_max                            ? 
_refine.occupancy_min                            ? 
_refine.solvent_model_details                    ? 
_refine.solvent_model_param_bsol                 ? 
_refine.solvent_model_param_ksol                 ? 
_refine.pdbx_R_complete                          ? 
_refine.ls_R_factor_gt                           ? 
_refine.ls_goodness_of_fit_gt                    ? 
_refine.ls_goodness_of_fit_ref                   ? 
_refine.ls_shift_over_su_max                     ? 
_refine.ls_shift_over_su_max_lt                  ? 
_refine.ls_shift_over_su_mean                    ? 
_refine.ls_shift_over_su_mean_lt                 ? 
_refine.pdbx_ls_sigma_I                          ? 
_refine.pdbx_ls_sigma_F                          1.350 
_refine.pdbx_ls_sigma_Fsqd                       ? 
_refine.pdbx_data_cutoff_high_absF               ? 
_refine.pdbx_data_cutoff_high_rms_absF           ? 
_refine.pdbx_data_cutoff_low_absF                ? 
_refine.pdbx_isotropic_thermal_model             ? 
_refine.pdbx_ls_cross_valid_method               THROUGHOUT 
_refine.pdbx_method_to_determine_struct          'MOLECULAR REPLACEMENT' 
_refine.pdbx_starting_model                      'PDB entry 1YFU' 
_refine.pdbx_stereochemistry_target_values       ? 
_refine.pdbx_R_Free_selection_details            ? 
_refine.pdbx_stereochem_target_val_spec_case     ? 
_refine.pdbx_overall_ESU_R                       ? 
_refine.pdbx_overall_ESU_R_Free                  ? 
_refine.pdbx_solvent_vdw_probe_radii             1.11 
_refine.pdbx_solvent_ion_probe_radii             ? 
_refine.pdbx_solvent_shrinkage_radii             0.90 
_refine.pdbx_real_space_R                        ? 
_refine.pdbx_density_correlation                 ? 
_refine.pdbx_pd_number_of_powder_patterns        ? 
_refine.pdbx_pd_number_of_points                 ? 
_refine.pdbx_pd_meas_number_of_points            ? 
_refine.pdbx_pd_proc_ls_prof_R_factor            ? 
_refine.pdbx_pd_proc_ls_prof_wR_factor           ? 
_refine.pdbx_pd_Marquardt_correlation_coeff      ? 
_refine.pdbx_pd_Fsqrd_R_factor                   ? 
_refine.pdbx_pd_ls_matrix_band_width             ? 
_refine.pdbx_overall_phase_error                 27.710 
_refine.pdbx_overall_SU_R_free_Cruickshank_DPI   ? 
_refine.pdbx_overall_SU_R_free_Blow_DPI          ? 
_refine.pdbx_overall_SU_R_Blow_DPI               ? 
_refine.pdbx_TLS_residual_ADP_flag               ? 
_refine.pdbx_diffrn_id                           1 
_refine.overall_SU_B                             ? 
_refine.overall_SU_ML                            0.280 
_refine.overall_SU_R_Cruickshank_DPI             ? 
_refine.overall_SU_R_free                        ? 
_refine.overall_FOM_free_R_set                   ? 
_refine.overall_FOM_work_R_set                   ? 
_refine.pdbx_average_fsc_overall                 ? 
_refine.pdbx_average_fsc_work                    ? 
_refine.pdbx_average_fsc_free                    ? 
# 
_refine_hist.pdbx_refine_id                   'X-RAY DIFFRACTION' 
_refine_hist.cycle_id                         LAST 
_refine_hist.details                          ? 
_refine_hist.d_res_high                       2.31 
_refine_hist.d_res_low                        30.55 
_refine_hist.number_atoms_solvent             98 
_refine_hist.number_atoms_total               1509 
_refine_hist.number_reflns_all                ? 
_refine_hist.number_reflns_obs                ? 
_refine_hist.number_reflns_R_free             ? 
_refine_hist.number_reflns_R_work             ? 
_refine_hist.R_factor_all                     ? 
_refine_hist.R_factor_obs                     ? 
_refine_hist.R_factor_R_free                  ? 
_refine_hist.R_factor_R_work                  ? 
_refine_hist.pdbx_number_residues_total       ? 
_refine_hist.pdbx_B_iso_mean_ligand           ? 
_refine_hist.pdbx_B_iso_mean_solvent          ? 
_refine_hist.pdbx_number_atoms_protein        1388 
_refine_hist.pdbx_number_atoms_nucleic_acid   0 
_refine_hist.pdbx_number_atoms_ligand         23 
_refine_hist.pdbx_number_atoms_lipid          ? 
_refine_hist.pdbx_number_atoms_carb           ? 
_refine_hist.pdbx_pseudo_atom_details         ? 
# 
loop_
_refine_ls_restr.pdbx_refine_id 
_refine_ls_restr.criterion 
_refine_ls_restr.dev_ideal 
_refine_ls_restr.dev_ideal_target 
_refine_ls_restr.number 
_refine_ls_restr.rejects 
_refine_ls_restr.type 
_refine_ls_restr.weight 
_refine_ls_restr.pdbx_restraint_function 
'X-RAY DIFFRACTION' ? 0.016 ? 1456 ? f_bond_d           ? ? 
'X-RAY DIFFRACTION' ? 1.021 ? 1981 ? f_angle_d          ? ? 
'X-RAY DIFFRACTION' ? 3.967 ? 853  ? f_dihedral_angle_d ? ? 
'X-RAY DIFFRACTION' ? 0.054 ? 197  ? f_chiral_restr     ? ? 
'X-RAY DIFFRACTION' ? 0.007 ? 264  ? f_plane_restr      ? ? 
# 
loop_
_refine_ls_shell.pdbx_refine_id 
_refine_ls_shell.d_res_high 
_refine_ls_shell.d_res_low 
_refine_ls_shell.number_reflns_all 
_refine_ls_shell.number_reflns_obs 
_refine_ls_shell.number_reflns_R_free 
_refine_ls_shell.number_reflns_R_work 
_refine_ls_shell.percent_reflns_obs 
_refine_ls_shell.percent_reflns_R_free 
_refine_ls_shell.R_factor_all 
_refine_ls_shell.R_factor_obs 
_refine_ls_shell.R_factor_R_free 
_refine_ls_shell.R_factor_R_free_error 
_refine_ls_shell.R_factor_R_work 
_refine_ls_shell.redundancy_reflns_all 
_refine_ls_shell.redundancy_reflns_obs 
_refine_ls_shell.wR_factor_all 
_refine_ls_shell.wR_factor_obs 
_refine_ls_shell.wR_factor_R_free 
_refine_ls_shell.wR_factor_R_work 
_refine_ls_shell.pdbx_R_complete 
_refine_ls_shell.pdbx_total_number_of_bins_used 
_refine_ls_shell.pdbx_phase_error 
_refine_ls_shell.pdbx_fsc_work 
_refine_ls_shell.pdbx_fsc_free 
'X-RAY DIFFRACTION' 2.31   2.4260 . . 53  478  35.00  . . . 0.3871 . 0.2839 . . . . . . . . . . . 
'X-RAY DIFFRACTION' 2.4260 2.5779 . . 149 1343 100.00 . . . 0.3306 . 0.2779 . . . . . . . . . . . 
'X-RAY DIFFRACTION' 2.5779 2.7769 . . 154 1380 100.00 . . . 0.3410 . 0.2744 . . . . . . . . . . . 
'X-RAY DIFFRACTION' 2.7769 3.0561 . . 152 1373 100.00 . . . 0.3061 . 0.2817 . . . . . . . . . . . 
'X-RAY DIFFRACTION' 3.0561 3.4978 . . 155 1386 100.00 . . . 0.3070 . 0.2257 . . . . . . . . . . . 
'X-RAY DIFFRACTION' 3.4978 4.4047 . . 159 1432 100.00 . . . 0.2370 . 0.1872 . . . . . . . . . . . 
'X-RAY DIFFRACTION' 4.4047 30.55  . . 170 1537 99.00  . . . 0.2223 . 0.1936 . . . . . . . . . . . 
# 
_struct.entry_id                     6VI9 
_struct.title                        
'Observing a ring-cleaving dioxygenase in action through a crystalline lens - an alkylperoxo bound structure' 
_struct.pdbx_model_details           ? 
_struct.pdbx_formula_weight          ? 
_struct.pdbx_formula_weight_method   ? 
_struct.pdbx_model_type_details      ? 
_struct.pdbx_CASP_flag               N 
# 
_struct_keywords.entry_id        6VI9 
_struct_keywords.text            'In crystallo reaction, Extradiol dioxygenase, NAD+ biosynthesis, Intermediate, OXIDOREDUCTASE' 
_struct_keywords.pdbx_keywords   OXIDOREDUCTASE 
# 
loop_
_struct_asym.id 
_struct_asym.pdbx_blank_PDB_chainid_flag 
_struct_asym.pdbx_modified 
_struct_asym.entity_id 
_struct_asym.details 
A N N 1 ? 
B N N 2 ? 
C N N 3 ? 
D N N 4 ? 
E N N 5 ? 
# 
loop_
_struct_conf.conf_type_id 
_struct_conf.id 
_struct_conf.pdbx_PDB_helix_id 
_struct_conf.beg_label_comp_id 
_struct_conf.beg_label_asym_id 
_struct_conf.beg_label_seq_id 
_struct_conf.pdbx_beg_PDB_ins_code 
_struct_conf.end_label_comp_id 
_struct_conf.end_label_asym_id 
_struct_conf.end_label_seq_id 
_struct_conf.pdbx_end_PDB_ins_code 
_struct_conf.beg_auth_comp_id 
_struct_conf.beg_auth_asym_id 
_struct_conf.beg_auth_seq_id 
_struct_conf.end_auth_comp_id 
_struct_conf.end_auth_asym_id 
_struct_conf.end_auth_seq_id 
_struct_conf.pdbx_PDB_helix_class 
_struct_conf.details 
_struct_conf.pdbx_PDB_helix_length 
HELX_P HELX_P1 AA1 ASN A 30  ? HIS A 38  ? ASN A 9   HIS A 17  1 ? 9  
HELX_P HELX_P2 AA2 HIS A 38  ? LYS A 43  ? HIS A 17  LYS A 22  1 ? 6  
HELX_P HELX_P3 AA3 LEU A 167 ? ALA A 176 ? LEU A 146 ALA A 155 1 ? 10 
HELX_P HELX_P4 AA4 SER A 177 ? ARG A 182 ? SER A 156 ARG A 161 1 ? 6  
# 
_struct_conf_type.id          HELX_P 
_struct_conf_type.criteria    ? 
_struct_conf_type.reference   ? 
# 
loop_
_struct_conn.id 
_struct_conn.conn_type_id 
_struct_conn.pdbx_leaving_atom_flag 
_struct_conn.pdbx_PDB_id 
_struct_conn.ptnr1_label_asym_id 
_struct_conn.ptnr1_label_comp_id 
_struct_conn.ptnr1_label_seq_id 
_struct_conn.ptnr1_label_atom_id 
_struct_conn.pdbx_ptnr1_label_alt_id 
_struct_conn.pdbx_ptnr1_PDB_ins_code 
_struct_conn.pdbx_ptnr1_standard_comp_id 
_struct_conn.ptnr1_symmetry 
_struct_conn.ptnr2_label_asym_id 
_struct_conn.ptnr2_label_comp_id 
_struct_conn.ptnr2_label_seq_id 
_struct_conn.ptnr2_label_atom_id 
_struct_conn.pdbx_ptnr2_label_alt_id 
_struct_conn.pdbx_ptnr2_PDB_ins_code 
_struct_conn.ptnr1_auth_asym_id 
_struct_conn.ptnr1_auth_comp_id 
_struct_conn.ptnr1_auth_seq_id 
_struct_conn.ptnr2_auth_asym_id 
_struct_conn.ptnr2_auth_comp_id 
_struct_conn.ptnr2_auth_seq_id 
_struct_conn.ptnr2_symmetry 
_struct_conn.pdbx_ptnr3_label_atom_id 
_struct_conn.pdbx_ptnr3_label_seq_id 
_struct_conn.pdbx_ptnr3_label_comp_id 
_struct_conn.pdbx_ptnr3_label_asym_id 
_struct_conn.pdbx_ptnr3_label_alt_id 
_struct_conn.pdbx_ptnr3_PDB_ins_code 
_struct_conn.details 
_struct_conn.pdbx_dist_value 
_struct_conn.pdbx_value_order 
_struct_conn.pdbx_role 
metalc1 metalc ? ? A HIS 72  ND1 ? ? ? 1_555 C QXM . FE ? ? A HIS 51  A QXM 302 1_555 ? ? ? ? ? ? ? 2.502 ? ? 
metalc2 metalc ? ? A GLU 78  OE1 ? ? ? 1_555 C QXM . FE ? ? A GLU 57  A QXM 302 1_555 ? ? ? ? ? ? ? 2.419 ? ? 
metalc3 metalc ? ? A GLU 78  OE2 ? ? ? 1_555 C QXM . FE ? ? A GLU 57  A QXM 302 1_555 ? ? ? ? ? ? ? 2.611 ? ? 
metalc4 metalc ? ? A HIS 116 NE2 ? ? ? 1_555 C QXM . FE ? ? A HIS 95  A QXM 302 1_555 ? ? ? ? ? ? ? 2.416 ? ? 
metalc5 metalc ? ? A CYS 146 SG  ? ? ? 1_555 B FE2 . FE ? ? A CYS 125 A FE2 301 1_555 ? ? ? ? ? ? ? 2.689 ? ? 
metalc6 metalc ? ? A CYS 149 SG  ? ? ? 1_555 B FE2 . FE ? ? A CYS 128 A FE2 301 1_555 ? ? ? ? ? ? ? 2.160 ? ? 
metalc7 metalc ? ? A CYS 183 SG  ? ? ? 1_555 B FE2 . FE ? ? A CYS 162 A FE2 301 1_555 ? ? ? ? ? ? ? 2.621 ? ? 
# 
_struct_conn_type.id          metalc 
_struct_conn_type.criteria    ? 
_struct_conn_type.reference   ? 
# 
loop_
_struct_mon_prot_cis.pdbx_id 
_struct_mon_prot_cis.label_comp_id 
_struct_mon_prot_cis.label_seq_id 
_struct_mon_prot_cis.label_asym_id 
_struct_mon_prot_cis.label_alt_id 
_struct_mon_prot_cis.pdbx_PDB_ins_code 
_struct_mon_prot_cis.auth_comp_id 
_struct_mon_prot_cis.auth_seq_id 
_struct_mon_prot_cis.auth_asym_id 
_struct_mon_prot_cis.pdbx_label_comp_id_2 
_struct_mon_prot_cis.pdbx_label_seq_id_2 
_struct_mon_prot_cis.pdbx_label_asym_id_2 
_struct_mon_prot_cis.pdbx_PDB_ins_code_2 
_struct_mon_prot_cis.pdbx_auth_comp_id_2 
_struct_mon_prot_cis.pdbx_auth_seq_id_2 
_struct_mon_prot_cis.pdbx_auth_asym_id_2 
_struct_mon_prot_cis.pdbx_PDB_model_num 
_struct_mon_prot_cis.pdbx_omega_angle 
1 PRO 44 A . ? PRO 23 A PRO 45 A ? PRO 24 A 1 7.66  
2 GLY 64 A . ? GLY 43 A PRO 65 A ? PRO 44 A 1 -4.09 
# 
loop_
_struct_sheet.id 
_struct_sheet.type 
_struct_sheet.number_strands 
_struct_sheet.details 
AA1 ? 5 ? 
AA2 ? 3 ? 
AA3 ? 3 ? 
# 
loop_
_struct_sheet_order.sheet_id 
_struct_sheet_order.range_id_1 
_struct_sheet_order.range_id_2 
_struct_sheet_order.offset 
_struct_sheet_order.sense 
AA1 1 2 ? anti-parallel 
AA1 2 3 ? anti-parallel 
AA1 3 4 ? anti-parallel 
AA1 4 5 ? anti-parallel 
AA2 1 2 ? anti-parallel 
AA2 2 3 ? anti-parallel 
AA3 1 2 ? anti-parallel 
AA3 2 3 ? anti-parallel 
# 
loop_
_struct_sheet_range.sheet_id 
_struct_sheet_range.id 
_struct_sheet_range.beg_label_comp_id 
_struct_sheet_range.beg_label_asym_id 
_struct_sheet_range.beg_label_seq_id 
_struct_sheet_range.pdbx_beg_PDB_ins_code 
_struct_sheet_range.end_label_comp_id 
_struct_sheet_range.end_label_asym_id 
_struct_sheet_range.end_label_seq_id 
_struct_sheet_range.pdbx_end_PDB_ins_code 
_struct_sheet_range.beg_auth_comp_id 
_struct_sheet_range.beg_auth_asym_id 
_struct_sheet_range.beg_auth_seq_id 
_struct_sheet_range.end_auth_comp_id 
_struct_sheet_range.end_auth_asym_id 
_struct_sheet_range.end_auth_seq_id 
AA1 1 ASN A 48  ? GLN A 50  ? ASN A 27  GLN A 29  
AA1 2 PHE A 57  ? VAL A 62  ? PHE A 36  VAL A 41  
AA1 3 ALA A 126 ? ARG A 132 ? ALA A 105 ARG A 111 
AA1 4 GLU A 78  ? ARG A 84  ? GLU A 57  ARG A 63  
AA1 5 ILE A 107 ? LEU A 110 ? ILE A 86  LEU A 89  
AA2 1 TYR A 71  ? ASP A 73  ? TYR A 50  ASP A 52  
AA2 2 ASP A 140 ? TYR A 145 ? ASP A 119 TYR A 124 
AA2 3 LEU A 152 ? VAL A 158 ? LEU A 131 VAL A 137 
AA3 1 ARG A 99  ? LEU A 102 ? ARG A 78  LEU A 81  
AA3 2 ALA A 87  ? LEU A 91  ? ALA A 66  LEU A 70  
AA3 3 HIS A 116 ? GLN A 119 ? HIS A 95  GLN A 98  
# 
loop_
_pdbx_struct_sheet_hbond.sheet_id 
_pdbx_struct_sheet_hbond.range_id_1 
_pdbx_struct_sheet_hbond.range_id_2 
_pdbx_struct_sheet_hbond.range_1_label_atom_id 
_pdbx_struct_sheet_hbond.range_1_label_comp_id 
_pdbx_struct_sheet_hbond.range_1_label_asym_id 
_pdbx_struct_sheet_hbond.range_1_label_seq_id 
_pdbx_struct_sheet_hbond.range_1_PDB_ins_code 
_pdbx_struct_sheet_hbond.range_1_auth_atom_id 
_pdbx_struct_sheet_hbond.range_1_auth_comp_id 
_pdbx_struct_sheet_hbond.range_1_auth_asym_id 
_pdbx_struct_sheet_hbond.range_1_auth_seq_id 
_pdbx_struct_sheet_hbond.range_2_label_atom_id 
_pdbx_struct_sheet_hbond.range_2_label_comp_id 
_pdbx_struct_sheet_hbond.range_2_label_asym_id 
_pdbx_struct_sheet_hbond.range_2_label_seq_id 
_pdbx_struct_sheet_hbond.range_2_PDB_ins_code 
_pdbx_struct_sheet_hbond.range_2_auth_atom_id 
_pdbx_struct_sheet_hbond.range_2_auth_comp_id 
_pdbx_struct_sheet_hbond.range_2_auth_asym_id 
_pdbx_struct_sheet_hbond.range_2_auth_seq_id 
AA1 1 2 N ARG A 49  ? N ARG A 28  O VAL A 61  ? O VAL A 40  
AA1 2 3 N ILE A 58  ? N ILE A 37  O GLU A 131 ? O GLU A 110 
AA1 3 4 O LEU A 128 ? O LEU A 107 N TYR A 81  ? N TYR A 60  
AA1 4 5 N GLU A 78  ? N GLU A 57  O LEU A 110 ? O LEU A 89  
AA2 1 2 N TYR A 71  ? N TYR A 50  O GLU A 143 ? O GLU A 122 
AA2 2 3 N ASP A 140 ? N ASP A 119 O VAL A 158 ? O VAL A 137 
AA3 1 2 O LEU A 102 ? O LEU A 81  N ALA A 87  ? N ALA A 66  
AA3 2 3 N TYR A 88  ? N TYR A 67  O GLN A 119 ? O GLN A 98  
# 
loop_
_struct_site.id 
_struct_site.pdbx_evidence_code 
_struct_site.pdbx_auth_asym_id 
_struct_site.pdbx_auth_comp_id 
_struct_site.pdbx_auth_seq_id 
_struct_site.pdbx_auth_ins_code 
_struct_site.pdbx_num_residues 
_struct_site.details 
AC1 Software A FE2 301 ? 4  'binding site for residue FE2 A 301' 
AC2 Software A QXM 302 ? 10 'binding site for residue QXM A 302' 
AC3 Software A TRS 303 ? 7  'binding site for residue TRS A 303' 
# 
loop_
_struct_site_gen.id 
_struct_site_gen.site_id 
_struct_site_gen.pdbx_num_res 
_struct_site_gen.label_comp_id 
_struct_site_gen.label_asym_id 
_struct_site_gen.label_seq_id 
_struct_site_gen.pdbx_auth_ins_code 
_struct_site_gen.auth_comp_id 
_struct_site_gen.auth_asym_id 
_struct_site_gen.auth_seq_id 
_struct_site_gen.label_atom_id 
_struct_site_gen.label_alt_id 
_struct_site_gen.symmetry 
_struct_site_gen.details 
1  AC1 4  CYS A 146 ? CYS A 125 . ? 1_555 ? 
2  AC1 4  CYS A 149 ? CYS A 128 . ? 1_555 ? 
3  AC1 4  CYS A 183 ? CYS A 162 . ? 1_555 ? 
4  AC1 4  CYS A 186 ? CYS A 165 . ? 1_555 ? 
5  AC2 10 VAL A 62  ? VAL A 41  . ? 1_555 ? 
6  AC2 10 ARG A 68  ? ARG A 47  . ? 1_555 ? 
7  AC2 10 HIS A 72  ? HIS A 51  . ? 1_555 ? 
8  AC2 10 GLU A 78  ? GLU A 57  . ? 1_555 ? 
9  AC2 10 PHE A 80  ? PHE A 59  . ? 1_555 ? 
10 AC2 10 HIS A 116 ? HIS A 95  . ? 1_555 ? 
11 AC2 10 PRO A 118 ? PRO A 97  . ? 1_555 ? 
12 AC2 10 ARG A 120 ? ARG A 99  . ? 1_555 ? 
13 AC2 10 GLU A 131 ? GLU A 110 . ? 1_555 ? 
14 AC2 10 HOH E .   ? HOH A 408 . ? 1_555 ? 
15 AC3 7  VAL A 153 ? VAL A 132 . ? 1_555 ? 
16 AC3 7  HIS A 154 ? HIS A 133 . ? 1_555 ? 
17 AC3 7  ASP A 179 ? ASP A 158 . ? 1_555 ? 
18 AC3 7  LYS A 180 ? LYS A 159 . ? 1_555 ? 
19 AC3 7  ARG A 182 ? ARG A 161 . ? 1_555 ? 
20 AC3 7  PRO A 184 ? PRO A 163 . ? 1_555 ? 
21 AC3 7  HOH E .   ? HOH A 430 . ? 1_555 ? 
# 
_atom_sites.entry_id                    6VI9 
_atom_sites.Cartn_transf_matrix[1][1]   ? 
_atom_sites.Cartn_transf_matrix[1][2]   ? 
_atom_sites.Cartn_transf_matrix[1][3]   ? 
_atom_sites.Cartn_transf_matrix[2][1]   ? 
_atom_sites.Cartn_transf_matrix[2][2]   ? 
_atom_sites.Cartn_transf_matrix[2][3]   ? 
_atom_sites.Cartn_transf_matrix[3][1]   ? 
_atom_sites.Cartn_transf_matrix[3][2]   ? 
_atom_sites.Cartn_transf_matrix[3][3]   ? 
_atom_sites.Cartn_transf_vector[1]      ? 
_atom_sites.Cartn_transf_vector[2]      ? 
_atom_sites.Cartn_transf_vector[3]      ? 
_atom_sites.fract_transf_matrix[1][1]   0.01367110 
_atom_sites.fract_transf_matrix[1][2]   0.01080735 
_atom_sites.fract_transf_matrix[1][3]   0.00977399 
_atom_sites.fract_transf_matrix[2][1]   -0.00555651 
_atom_sites.fract_transf_matrix[2][2]   0.01622152 
_atom_sites.fract_transf_matrix[2][3]   0.01025807 
_atom_sites.fract_transf_matrix[3][1]   -0.00059596 
_atom_sites.fract_transf_matrix[3][2]   -0.00243135 
_atom_sites.fract_transf_matrix[3][3]   0.00352199 
_atom_sites.fract_transf_vector[1]      0.391585 
_atom_sites.fract_transf_vector[2]      0.468975 
_atom_sites.fract_transf_vector[3]      0.019039 
_atom_sites.solution_primary            ? 
_atom_sites.solution_secondary          ? 
_atom_sites.solution_hydrogens          ? 
_atom_sites.special_details             ? 
# 
loop_
_atom_type.symbol 
C  
FE 
N  
O  
S  
# 
loop_
_atom_site.group_PDB 
_atom_site.id 
_atom_site.type_symbol 
_atom_site.label_atom_id 
_atom_site.label_alt_id 
_atom_site.label_comp_id 
_atom_site.label_asym_id 
_atom_site.label_entity_id 
_atom_site.label_seq_id 
_atom_site.pdbx_PDB_ins_code 
_atom_site.Cartn_x 
_atom_site.Cartn_y 
_atom_site.Cartn_z 
_atom_site.occupancy 
_atom_site.B_iso_or_equiv 
_atom_site.pdbx_formal_charge 
_atom_site.auth_seq_id 
_atom_site.auth_comp_id 
_atom_site.auth_asym_id 
_atom_site.auth_atom_id 
_atom_site.pdbx_PDB_model_num 
ATOM   1    N  N   . MET A 1 22  ? 7.991   4.202   30.720  1.00 34.33 ?  1   MET A N   1 
ATOM   2    C  CA  . MET A 1 22  ? 7.115   5.298   30.301  1.00 48.07 ?  1   MET A CA  1 
ATOM   3    C  C   . MET A 1 22  ? 6.256   4.947   29.089  1.00 39.94 ?  1   MET A C   1 
ATOM   4    O  O   . MET A 1 22  ? 6.704   4.198   28.210  1.00 34.13 ?  1   MET A O   1 
ATOM   5    C  CB  . MET A 1 22  ? 7.931   6.561   29.978  1.00 48.59 ?  1   MET A CB  1 
ATOM   6    C  CG  . MET A 1 22  ? 8.869   7.006   31.090  1.00 65.49 ?  1   MET A CG  1 
ATOM   7    S  SD  . MET A 1 22  ? 7.986   7.819   32.439  1.00 83.77 ?  1   MET A SD  1 
ATOM   8    C  CE  . MET A 1 22  ? 7.546   9.397   31.715  1.00 74.28 ?  1   MET A CE  1 
ATOM   9    N  N   . LEU A 1 23  ? 5.035   5.508   29.052  1.00 31.90 ?  2   LEU A N   1 
ATOM   10   C  CA  . LEU A 1 23  ? 4.130   5.379   27.902  1.00 30.52 ?  2   LEU A CA  1 
ATOM   11   C  C   . LEU A 1 23  ? 4.619   6.270   26.759  1.00 25.57 ?  2   LEU A C   1 
ATOM   12   O  O   . LEU A 1 23  ? 4.049   7.318   26.460  1.00 24.21 ?  2   LEU A O   1 
ATOM   13   C  CB  . LEU A 1 23  ? 2.693   5.729   28.299  1.00 25.75 ?  2   LEU A CB  1 
ATOM   14   C  CG  . LEU A 1 23  ? 2.121   4.806   29.383  1.00 25.85 ?  2   LEU A CG  1 
ATOM   15   C  CD1 . LEU A 1 23  ? 0.628   4.966   29.535  1.00 26.52 ?  2   LEU A CD1 1 
ATOM   16   C  CD2 . LEU A 1 23  ? 2.465   3.357   29.077  1.00 24.06 ?  2   LEU A CD2 1 
ATOM   17   N  N   . THR A 1 24  ? 5.687   5.816   26.091  1.00 25.17 ?  3   THR A N   1 
ATOM   18   C  CA  . THR A 1 24  ? 6.272   6.552   24.967  1.00 24.28 ?  3   THR A CA  1 
ATOM   19   C  C   . THR A 1 24  ? 5.224   6.994   23.938  1.00 30.09 ?  3   THR A C   1 
ATOM   20   O  O   . THR A 1 24  ? 5.292   8.109   23.406  1.00 26.55 ?  3   THR A O   1 
ATOM   21   C  CB  . THR A 1 24  ? 7.321   5.674   24.284  1.00 24.30 ?  3   THR A CB  1 
ATOM   22   O  OG1 . THR A 1 24  ? 8.127   5.029   25.272  1.00 26.82 ?  3   THR A OG1 1 
ATOM   23   C  CG2 . THR A 1 24  ? 8.191   6.482   23.350  1.00 24.74 ?  3   THR A CG2 1 
ATOM   24   N  N   . TYR A 1 25  ? 4.252   6.127   23.635  1.00 27.64 ?  4   TYR A N   1 
ATOM   25   C  CA  . TYR A 1 25  ? 3.281   6.379   22.577  1.00 24.44 ?  4   TYR A CA  1 
ATOM   26   C  C   . TYR A 1 25  ? 1.976   6.974   23.106  1.00 24.54 ?  4   TYR A C   1 
ATOM   27   O  O   . TYR A 1 25  ? 0.965   6.970   22.396  1.00 24.10 ?  4   TYR A O   1 
ATOM   28   C  CB  . TYR A 1 25  ? 3.008   5.089   21.792  1.00 19.67 ?  4   TYR A CB  1 
ATOM   29   C  CG  . TYR A 1 25  ? 4.250   4.335   21.377  1.00 20.66 ?  4   TYR A CG  1 
ATOM   30   C  CD1 . TYR A 1 25  ? 5.223   4.939   20.591  1.00 21.86 ?  4   TYR A CD1 1 
ATOM   31   C  CD2 . TYR A 1 25  ? 4.458   3.013   21.781  1.00 20.15 ?  4   TYR A CD2 1 
ATOM   32   C  CE1 . TYR A 1 25  ? 6.371   4.257   20.202  1.00 20.73 ?  4   TYR A CE1 1 
ATOM   33   C  CE2 . TYR A 1 25  ? 5.600   2.314   21.400  1.00 14.89 ?  4   TYR A CE2 1 
ATOM   34   C  CZ  . TYR A 1 25  ? 6.550   2.941   20.610  1.00 24.38 ?  4   TYR A CZ  1 
ATOM   35   O  OH  . TYR A 1 25  ? 7.692   2.267   20.220  1.00 22.23 ?  4   TYR A OH  1 
ATOM   36   N  N   . GLY A 1 26  ? 1.974   7.480   24.342  1.00 25.89 ?  5   GLY A N   1 
ATOM   37   C  CA  . GLY A 1 26  ? 0.811   8.150   24.880  1.00 15.62 ?  5   GLY A CA  1 
ATOM   38   C  C   . GLY A 1 26  ? -0.198  7.164   25.428  1.00 22.72 ?  5   GLY A C   1 
ATOM   39   O  O   . GLY A 1 26  ? 0.006   5.952   25.459  1.00 25.97 ?  5   GLY A O   1 
ATOM   40   N  N   . ALA A 1 27  ? -1.301  7.711   25.869  1.00 16.65 ?  6   ALA A N   1 
ATOM   41   C  CA  . ALA A 1 27  ? -2.390  7.043   26.553  1.00 21.33 ?  6   ALA A CA  1 
ATOM   42   C  C   . ALA A 1 27  ? -3.421  6.549   25.546  1.00 23.73 ?  6   ALA A C   1 
ATOM   43   O  O   . ALA A 1 27  ? -3.461  7.023   24.403  1.00 19.07 ?  6   ALA A O   1 
ATOM   44   C  CB  . ALA A 1 27  ? -3.047  8.015   27.543  1.00 18.81 ?  6   ALA A CB  1 
ATOM   45   N  N   . PRO A 1 28  ? -4.277  5.602   25.939  1.00 19.80 ?  7   PRO A N   1 
ATOM   46   C  CA  . PRO A 1 28  ? -5.361  5.183   25.046  1.00 21.60 ?  7   PRO A CA  1 
ATOM   47   C  C   . PRO A 1 28  ? -6.191  6.375   24.600  1.00 24.95 ?  7   PRO A C   1 
ATOM   48   O  O   . PRO A 1 28  ? -6.360  7.354   25.336  1.00 28.85 ?  7   PRO A O   1 
ATOM   49   C  CB  . PRO A 1 28  ? -6.191  4.229   25.912  1.00 19.28 ?  7   PRO A CB  1 
ATOM   50   C  CG  . PRO A 1 28  ? -5.268  3.759   26.949  1.00 21.89 ?  7   PRO A CG  1 
ATOM   51   C  CD  . PRO A 1 28  ? -4.330  4.903   27.224  1.00 17.61 ?  7   PRO A CD  1 
ATOM   52   N  N   . PHE A 1 29  ? -6.731  6.273   23.391  1.00 22.31 ?  8   PHE A N   1 
ATOM   53   C  CA  . PHE A 1 29  ? -7.614  7.302   22.868  1.00 28.81 ?  8   PHE A CA  1 
ATOM   54   C  C   . PHE A 1 29  ? -8.618  6.663   21.916  1.00 29.68 ?  8   PHE A C   1 
ATOM   55   O  O   . PHE A 1 29  ? -8.378  5.595   21.341  1.00 24.31 ?  8   PHE A O   1 
ATOM   56   C  CB  . PHE A 1 29  ? -6.828  8.413   22.160  1.00 23.18 ?  8   PHE A CB  1 
ATOM   57   C  CG  . PHE A 1 29  ? -6.027  7.938   20.977  1.00 28.71 ?  8   PHE A CG  1 
ATOM   58   C  CD1 . PHE A 1 29  ? -6.600  7.865   19.715  1.00 27.48 ?  8   PHE A CD1 1 
ATOM   59   C  CD2 . PHE A 1 29  ? -4.704  7.576   21.115  1.00 22.91 ?  8   PHE A CD2 1 
ATOM   60   C  CE1 . PHE A 1 29  ? -5.880  7.446   18.636  1.00 19.00 ?  8   PHE A CE1 1 
ATOM   61   C  CE2 . PHE A 1 29  ? -3.993  7.160   20.021  1.00 23.53 ?  8   PHE A CE2 1 
ATOM   62   C  CZ  . PHE A 1 29  ? -4.596  7.094   18.783  1.00 19.11 ?  8   PHE A CZ  1 
ATOM   63   N  N   . ASN A 1 30  ? -9.737  7.359   21.734  1.00 27.97 ?  9   ASN A N   1 
ATOM   64   C  CA  . ASN A 1 30  ? -10.844 6.841   20.948  1.00 25.22 ?  9   ASN A CA  1 
ATOM   65   C  C   . ASN A 1 30  ? -10.470 6.809   19.472  1.00 25.37 ?  9   ASN A C   1 
ATOM   66   O  O   . ASN A 1 30  ? -10.128 7.841   18.884  1.00 25.49 ?  9   ASN A O   1 
ATOM   67   C  CB  . ASN A 1 30  ? -12.075 7.705   21.173  1.00 24.20 ?  9   ASN A CB  1 
ATOM   68   C  CG  . ASN A 1 30  ? -13.266 7.199   20.431  1.00 25.12 ?  9   ASN A CG  1 
ATOM   69   O  OD1 . ASN A 1 30  ? -13.479 7.556   19.268  1.00 31.26 ?  9   ASN A OD1 1 
ATOM   70   N  ND2 . ASN A 1 30  ? -14.062 6.355   21.085  1.00 23.65 ?  9   ASN A ND2 1 
ATOM   71   N  N   . PHE A 1 31  ? -10.533 5.618   18.866  1.00 24.89 ?  10  PHE A N   1 
ATOM   72   C  CA  . PHE A 1 31  ? -10.121 5.504   17.467  1.00 24.40 ?  10  PHE A CA  1 
ATOM   73   C  C   . PHE A 1 31  ? -11.145 6.110   16.506  1.00 21.99 ?  10  PHE A C   1 
ATOM   74   O  O   . PHE A 1 31  ? -10.746 6.892   15.625  1.00 20.28 ?  10  PHE A O   1 
ATOM   75   C  CB  . PHE A 1 31  ? -9.816  4.040   17.152  1.00 22.42 ?  10  PHE A CB  1 
ATOM   76   C  CG  . PHE A 1 31  ? -8.923  3.846   15.976  1.00 18.75 ?  10  PHE A CG  1 
ATOM   77   C  CD1 . PHE A 1 31  ? -8.018  4.814   15.613  1.00 19.54 ?  10  PHE A CD1 1 
ATOM   78   C  CD2 . PHE A 1 31  ? -9.003  2.685   15.221  1.00 20.90 ?  10  PHE A CD2 1 
ATOM   79   C  CE1 . PHE A 1 31  ? -7.192  4.624   14.520  1.00 17.85 ?  10  PHE A CE1 1 
ATOM   80   C  CE2 . PHE A 1 31  ? -8.197  2.495   14.130  1.00 14.90 ?  10  PHE A CE2 1 
ATOM   81   C  CZ  . PHE A 1 31  ? -7.280  3.464   13.784  1.00 14.55 ?  10  PHE A CZ  1 
ATOM   82   N  N   . PRO A 1 32  ? -12.443 5.806   16.600  1.00 20.23 ?  11  PRO A N   1 
ATOM   83   C  CA  . PRO A 1 32  ? -13.401 6.444   15.685  1.00 24.34 ?  11  PRO A CA  1 
ATOM   84   C  C   . PRO A 1 32  ? -13.258 7.943   15.609  1.00 24.35 ?  11  PRO A C   1 
ATOM   85   O  O   . PRO A 1 32  ? -13.273 8.512   14.506  1.00 24.15 ?  11  PRO A O   1 
ATOM   86   C  CB  . PRO A 1 32  ? -14.761 6.043   16.280  1.00 20.11 ?  11  PRO A CB  1 
ATOM   87   C  CG  . PRO A 1 32  ? -14.514 4.774   16.919  1.00 20.58 ?  11  PRO A CG  1 
ATOM   88   C  CD  . PRO A 1 32  ? -13.117 4.836   17.474  1.00 21.96 ?  11  PRO A CD  1 
ATOM   89   N  N   . ARG A 1 33  ? -13.104 8.597   16.759  1.00 25.76 ?  12  ARG A N   1 
ATOM   90   C  CA  . ARG A 1 33  ? -13.067 10.043  16.734  1.00 28.83 ?  12  ARG A CA  1 
ATOM   91   C  C   . ARG A 1 33  ? -11.741 10.522  16.160  1.00 28.84 ?  12  ARG A C   1 
ATOM   92   O  O   . ARG A 1 33  ? -11.732 11.456  15.357  1.00 30.49 ?  12  ARG A O   1 
ATOM   93   C  CB  . ARG A 1 33  ? -13.347 10.589  18.137  1.00 32.36 ?  12  ARG A CB  1 
ATOM   94   C  CG  . ARG A 1 33  ? -13.137 12.085  18.296  1.00 45.05 ?  12  ARG A CG  1 
ATOM   95   C  CD  . ARG A 1 33  ? -12.289 12.415  19.510  1.00 51.92 ?  12  ARG A CD  1 
ATOM   96   N  NE  . ARG A 1 33  ? -11.291 11.364  19.732  1.00 55.21 ?  12  ARG A NE  1 
ATOM   97   C  CZ  . ARG A 1 33  ? -10.042 11.373  19.249  1.00 55.29 ?  12  ARG A CZ  1 
ATOM   98   N  NH1 . ARG A 1 33  ? -9.554  12.404  18.544  1.00 50.51 ?  12  ARG A NH1 1 
ATOM   99   N  NH2 . ARG A 1 33  ? -9.249  10.335  19.536  1.00 50.17 ?  12  ARG A NH2 1 
ATOM   100  N  N   . TRP A 1 34  ? -10.627 9.844   16.482  1.00 29.04 ?  13  TRP A N   1 
ATOM   101  C  CA  . TRP A 1 34  ? -9.351  10.157  15.842  1.00 24.54 ?  13  TRP A CA  1 
ATOM   102  C  C   . TRP A 1 34  ? -9.455  10.057  14.331  1.00 25.63 ?  13  TRP A C   1 
ATOM   103  O  O   . TRP A 1 34  ? -8.793  10.811  13.611  1.00 25.44 ?  13  TRP A O   1 
ATOM   104  C  CB  . TRP A 1 34  ? -8.265  9.212   16.335  1.00 22.85 ?  13  TRP A CB  1 
ATOM   105  C  CG  . TRP A 1 34  ? -6.893  9.497   15.786  1.00 20.54 ?  13  TRP A CG  1 
ATOM   106  C  CD1 . TRP A 1 34  ? -5.917  10.208  16.401  1.00 22.94 ?  13  TRP A CD1 1 
ATOM   107  C  CD2 . TRP A 1 34  ? -6.331  9.063   14.525  1.00 20.88 ?  13  TRP A CD2 1 
ATOM   108  N  NE1 . TRP A 1 34  ? -4.786  10.250  15.619  1.00 21.84 ?  13  TRP A NE1 1 
ATOM   109  C  CE2 . TRP A 1 34  ? -5.013  9.555   14.464  1.00 18.87 ?  13  TRP A CE2 1 
ATOM   110  C  CE3 . TRP A 1 34  ? -6.813  8.309   13.456  1.00 18.45 ?  13  TRP A CE3 1 
ATOM   111  C  CZ2 . TRP A 1 34  ? -4.171  9.321   13.379  1.00 23.04 ?  13  TRP A CZ2 1 
ATOM   112  C  CZ3 . TRP A 1 34  ? -5.982  8.083   12.375  1.00 20.05 ?  13  TRP A CZ3 1 
ATOM   113  C  CH2 . TRP A 1 34  ? -4.673  8.586   12.343  1.00 22.76 ?  13  TRP A CH2 1 
ATOM   114  N  N   . ILE A 1 35  ? -10.241 9.094   13.824  1.00 22.97 ?  14  ILE A N   1 
ATOM   115  C  CA  . ILE A 1 35  ? -10.368 8.953   12.376  1.00 23.47 ?  14  ILE A CA  1 
ATOM   116  C  C   . ILE A 1 35  ? -11.193 10.108  11.820  1.00 26.83 ?  14  ILE A C   1 
ATOM   117  O  O   . ILE A 1 35  ? -10.863 10.690  10.776  1.00 26.88 ?  14  ILE A O   1 
ATOM   118  C  CB  . ILE A 1 35  ? -10.969 7.579   12.013  1.00 24.03 ?  14  ILE A CB  1 
ATOM   119  C  CG1 . ILE A 1 35  ? -10.041 6.458   12.498  1.00 22.02 ?  14  ILE A CG1 1 
ATOM   120  C  CG2 . ILE A 1 35  ? -11.190 7.456   10.492  1.00 20.31 ?  14  ILE A CG2 1 
ATOM   121  C  CD1 . ILE A 1 35  ? -10.531 5.039   12.195  1.00 16.52 ?  14  ILE A CD1 1 
ATOM   122  N  N   . ASP A 1 36  ? -12.250 10.485  12.540  1.00 26.59 ?  15  ASP A N   1 
ATOM   123  C  CA  . ASP A 1 36  ? -13.024 11.667  12.187  1.00 26.42 ?  15  ASP A CA  1 
ATOM   124  C  C   . ASP A 1 36  ? -12.136 12.904  12.096  1.00 30.75 ?  15  ASP A C   1 
ATOM   125  O  O   . ASP A 1 36  ? -12.130 13.598  11.076  1.00 29.84 ?  15  ASP A O   1 
ATOM   126  C  CB  . ASP A 1 36  ? -14.149 11.851  13.202  1.00 24.63 ?  15  ASP A CB  1 
ATOM   127  C  CG  . ASP A 1 36  ? -15.258 10.811  13.029  1.00 25.51 ?  15  ASP A CG  1 
ATOM   128  O  OD1 . ASP A 1 36  ? -15.262 10.079  12.011  1.00 25.39 ?  15  ASP A OD1 1 
ATOM   129  O  OD2 . ASP A 1 36  ? -16.122 10.712  13.918  1.00 28.91 ?  15  ASP A OD2 1 
ATOM   130  N  N   . GLU A 1 37  ? -11.344 13.178  13.133  1.00 30.37 ?  16  GLU A N   1 
ATOM   131  C  CA  . GLU A 1 37  ? -10.548 14.404  13.125  1.00 29.89 ?  16  GLU A CA  1 
ATOM   132  C  C   . GLU A 1 37  ? -9.481  14.409  12.042  1.00 26.95 ?  16  GLU A C   1 
ATOM   133  O  O   . GLU A 1 37  ? -8.971  15.475  11.690  1.00 30.18 ?  16  GLU A O   1 
ATOM   134  C  CB  . GLU A 1 37  ? -9.879  14.618  14.485  1.00 32.76 ?  16  GLU A CB  1 
ATOM   135  C  CG  . GLU A 1 37  ? -10.769 14.208  15.643  1.00 43.03 ?  16  GLU A CG  1 
ATOM   136  C  CD  . GLU A 1 37  ? -10.698 15.082  16.903  1.00 56.16 ?  16  GLU A CD  1 
ATOM   137  O  OE1 . GLU A 1 37  ? -9.603  15.552  17.281  1.00 65.43 ?  16  GLU A OE1 1 
ATOM   138  O  OE2 . GLU A 1 37  ? -11.764 15.253  17.537  1.00 51.18 ?  16  GLU A OE2 1 
ATOM   139  N  N   . HIS A 1 38  ? -9.108  13.256  11.510  1.00 27.86 ?  17  HIS A N   1 
ATOM   140  C  CA  . HIS A 1 38  ? -8.090  13.226  10.477  1.00 24.52 ?  17  HIS A CA  1 
ATOM   141  C  C   . HIS A 1 38  ? -8.668  12.866  9.116   1.00 32.44 ?  17  HIS A C   1 
ATOM   142  O  O   . HIS A 1 38  ? -7.902  12.564  8.193   1.00 33.65 ?  17  HIS A O   1 
ATOM   143  C  CB  . HIS A 1 38  ? -6.977  12.261  10.876  1.00 27.30 ?  17  HIS A CB  1 
ATOM   144  C  CG  . HIS A 1 38  ? -6.260  12.652  12.131  1.00 28.57 ?  17  HIS A CG  1 
ATOM   145  N  ND1 . HIS A 1 38  ? -6.769  12.398  13.386  1.00 26.07 ?  17  HIS A ND1 1 
ATOM   146  C  CD2 . HIS A 1 38  ? -5.069  13.270  12.326  1.00 30.15 ?  17  HIS A CD2 1 
ATOM   147  C  CE1 . HIS A 1 38  ? -5.935  12.859  14.301  1.00 28.40 ?  17  HIS A CE1 1 
ATOM   148  N  NE2 . HIS A 1 38  ? -4.891  13.388  13.684  1.00 32.52 ?  17  HIS A NE2 1 
ATOM   149  N  N   . ALA A 1 39  ? -10.001 12.894  8.981   1.00 32.20 ?  18  ALA A N   1 
ATOM   150  C  CA  . ALA A 1 39  ? -10.700 12.695  7.712   1.00 36.56 ?  18  ALA A CA  1 
ATOM   151  C  C   . ALA A 1 39  ? -10.017 13.416  6.559   1.00 38.61 ?  18  ALA A C   1 
ATOM   152  O  O   . ALA A 1 39  ? -9.611  12.798  5.568   1.00 41.67 ?  18  ALA A O   1 
ATOM   153  C  CB  . ALA A 1 39  ? -12.153 13.180  7.836   1.00 31.61 ?  18  ALA A CB  1 
ATOM   154  N  N   . HIS A 1 40  ? -9.863  14.735  6.701   1.00 37.13 ?  19  HIS A N   1 
ATOM   155  C  CA  . HIS A 1 40  ? -9.373  15.567  5.614   1.00 44.73 ?  19  HIS A CA  1 
ATOM   156  C  C   . HIS A 1 40  ? -7.950  15.221  5.192   1.00 43.20 ?  19  HIS A C   1 
ATOM   157  O  O   . HIS A 1 40  ? -7.568  15.532  4.058   1.00 45.37 ?  19  HIS A O   1 
ATOM   158  C  CB  . HIS A 1 40  ? -9.464  17.038  6.009   1.00 46.74 ?  19  HIS A CB  1 
ATOM   159  C  CG  . HIS A 1 40  ? -8.687  17.380  7.235   1.00 45.99 ?  19  HIS A CG  1 
ATOM   160  N  ND1 . HIS A 1 40  ? -8.976  16.845  8.473   1.00 46.31 ?  19  HIS A ND1 1 
ATOM   161  C  CD2 . HIS A 1 40  ? -7.630  18.205  7.417   1.00 48.61 ?  19  HIS A CD2 1 
ATOM   162  C  CE1 . HIS A 1 40  ? -8.126  17.327  9.364   1.00 48.73 ?  19  HIS A CE1 1 
ATOM   163  N  NE2 . HIS A 1 40  ? -7.298  18.154  8.749   1.00 49.93 ?  19  HIS A NE2 1 
ATOM   164  N  N   . LEU A 1 41  ? -7.163  14.587  6.062   1.00 41.07 ?  20  LEU A N   1 
ATOM   165  C  CA  . LEU A 1 41  ? -5.864  14.060  5.659   1.00 43.18 ?  20  LEU A CA  1 
ATOM   166  C  C   . LEU A 1 41  ? -5.940  12.631  5.154   1.00 47.23 ?  20  LEU A C   1 
ATOM   167  O  O   . LEU A 1 41  ? -4.941  12.111  4.650   1.00 50.16 ?  20  LEU A O   1 
ATOM   168  C  CB  . LEU A 1 41  ? -4.857  14.115  6.811   1.00 46.87 ?  20  LEU A CB  1 
ATOM   169  C  CG  . LEU A 1 41  ? -4.150  15.450  7.010   1.00 50.44 ?  20  LEU A CG  1 
ATOM   170  C  CD1 . LEU A 1 41  ? -5.029  16.359  7.803   1.00 47.31 ?  20  LEU A CD1 1 
ATOM   171  C  CD2 . LEU A 1 41  ? -2.838  15.239  7.720   1.00 51.77 ?  20  LEU A CD2 1 
ATOM   172  N  N   . LEU A 1 42  ? -7.083  11.972  5.292   1.00 48.32 ?  21  LEU A N   1 
ATOM   173  C  CA  . LEU A 1 42  ? -7.248  10.691  4.619   1.00 47.34 ?  21  LEU A CA  1 
ATOM   174  C  C   . LEU A 1 42  ? -7.696  10.887  3.176   1.00 51.18 ?  21  LEU A C   1 
ATOM   175  O  O   . LEU A 1 42  ? -7.305  10.110  2.298   1.00 57.26 ?  21  LEU A O   1 
ATOM   176  C  CB  . LEU A 1 42  ? -8.241  9.825   5.398   1.00 39.04 ?  21  LEU A CB  1 
ATOM   177  C  CG  . LEU A 1 42  ? -7.687  9.568   6.796   1.00 35.45 ?  21  LEU A CG  1 
ATOM   178  C  CD1 . LEU A 1 42  ? -8.739  8.997   7.755   1.00 32.02 ?  21  LEU A CD1 1 
ATOM   179  C  CD2 . LEU A 1 42  ? -6.483  8.670   6.674   1.00 30.51 ?  21  LEU A CD2 1 
ATOM   180  N  N   . LYS A 1 43  ? -8.486  11.932  2.911   1.00 52.15 ?  22  LYS A N   1 
ATOM   181  C  CA  . LYS A 1 43  ? -8.782  12.336  1.543   1.00 51.46 ?  22  LYS A CA  1 
ATOM   182  C  C   . LYS A 1 43  ? -7.490  12.698  0.806   1.00 56.15 ?  22  LYS A C   1 
ATOM   183  O  O   . LYS A 1 43  ? -6.500  13.118  1.428   1.00 53.60 ?  22  LYS A O   1 
ATOM   184  C  CB  . LYS A 1 43  ? -9.741  13.535  1.525   1.00 51.56 ?  22  LYS A CB  1 
ATOM   185  C  CG  . LYS A 1 43  ? -11.012 13.341  2.358   1.00 53.40 ?  22  LYS A CG  1 
ATOM   186  C  CD  . LYS A 1 43  ? -11.897 14.586  2.388   1.00 50.36 ?  22  LYS A CD  1 
ATOM   187  C  CE  . LYS A 1 43  ? -13.336 14.238  1.995   1.00 50.16 ?  22  LYS A CE  1 
ATOM   188  N  NZ  . LYS A 1 43  ? -14.112 15.407  1.489   1.00 48.39 ?  22  LYS A NZ  1 
ATOM   189  N  N   . PRO A 1 44  ? -7.464  12.536  -0.518  1.00 55.34 ?  23  PRO A N   1 
ATOM   190  C  CA  . PRO A 1 44  ? -6.308  13.001  -1.300  1.00 59.38 ?  23  PRO A CA  1 
ATOM   191  C  C   . PRO A 1 44  ? -6.055  14.485  -1.078  1.00 56.22 ?  23  PRO A C   1 
ATOM   192  O  O   . PRO A 1 44  ? -6.972  15.239  -0.707  1.00 52.30 ?  23  PRO A O   1 
ATOM   193  C  CB  . PRO A 1 44  ? -6.721  12.697  -2.751  1.00 54.94 ?  23  PRO A CB  1 
ATOM   194  C  CG  . PRO A 1 44  ? -7.603  11.497  -2.618  1.00 46.50 ?  23  PRO A CG  1 
ATOM   195  C  CD  . PRO A 1 44  ? -8.383  11.718  -1.336  1.00 44.51 ?  23  PRO A CD  1 
ATOM   196  N  N   . PRO A 1 45  ? -4.809  14.952  -1.294  1.00 53.86 ?  24  PRO A N   1 
ATOM   197  C  CA  . PRO A 1 45  ? -3.696  14.183  -1.882  1.00 58.02 ?  24  PRO A CA  1 
ATOM   198  C  C   . PRO A 1 45  ? -2.884  13.264  -0.937  1.00 59.07 ?  24  PRO A C   1 
ATOM   199  O  O   . PRO A 1 45  ? -1.806  12.822  -1.348  1.00 56.87 ?  24  PRO A O   1 
ATOM   200  C  CB  . PRO A 1 45  ? -2.787  15.286  -2.441  1.00 54.89 ?  24  PRO A CB  1 
ATOM   201  C  CG  . PRO A 1 45  ? -2.997  16.434  -1.504  1.00 55.45 ?  24  PRO A CG  1 
ATOM   202  C  CD  . PRO A 1 45  ? -4.434  16.354  -1.029  1.00 55.99 ?  24  PRO A CD  1 
ATOM   203  N  N   . VAL A 1 46  ? -3.384  12.958  0.267   1.00 59.19 ?  25  VAL A N   1 
ATOM   204  C  CA  . VAL A 1 46  ? -2.629  12.164  1.239   1.00 60.36 ?  25  VAL A CA  1 
ATOM   205  C  C   . VAL A 1 46  ? -3.024  10.693  1.151   1.00 59.82 ?  25  VAL A C   1 
ATOM   206  O  O   . VAL A 1 46  ? -2.363  9.899   0.468   1.00 59.02 ?  25  VAL A O   1 
ATOM   207  C  CB  . VAL A 1 46  ? -2.831  12.694  2.672   1.00 63.47 ?  25  VAL A CB  1 
ATOM   208  C  CG1 . VAL A 1 46  ? -1.681  12.256  3.590   1.00 51.91 ?  25  VAL A CG1 1 
ATOM   209  C  CG2 . VAL A 1 46  ? -3.027  14.218  2.678   1.00 58.23 ?  25  VAL A CG2 1 
ATOM   210  N  N   . GLY A 1 47  ? -4.101  10.312  1.845   1.00 56.95 ?  26  GLY A N   1 
ATOM   211  C  CA  . GLY A 1 47  ? -4.539  8.924   1.830   1.00 53.42 ?  26  GLY A CA  1 
ATOM   212  C  C   . GLY A 1 47  ? -4.099  8.121   3.041   1.00 46.82 ?  26  GLY A C   1 
ATOM   213  O  O   . GLY A 1 47  ? -4.908  7.430   3.674   1.00 37.08 ?  26  GLY A O   1 
ATOM   214  N  N   . ASN A 1 48  ? -2.808  8.210   3.356   1.00 52.85 ?  27  ASN A N   1 
ATOM   215  C  CA  . ASN A 1 48  ? -2.166  7.605   4.512   1.00 37.87 ?  27  ASN A CA  1 
ATOM   216  C  C   . ASN A 1 48  ? -2.238  8.525   5.727   1.00 38.33 ?  27  ASN A C   1 
ATOM   217  O  O   . ASN A 1 48  ? -2.365  9.749   5.617   1.00 37.99 ?  27  ASN A O   1 
ATOM   218  C  CB  . ASN A 1 48  ? -0.697  7.312   4.201   1.00 38.47 ?  27  ASN A CB  1 
ATOM   219  C  CG  . ASN A 1 48  ? -0.428  5.844   4.047   1.00 49.57 ?  27  ASN A CG  1 
ATOM   220  O  OD1 . ASN A 1 48  ? -1.364  5.046   4.029   1.00 50.58 ?  27  ASN A OD1 1 
ATOM   221  N  ND2 . ASN A 1 48  ? 0.850   5.465   3.946   1.00 50.78 ?  27  ASN A ND2 1 
ATOM   222  N  N   . ARG A 1 49  ? -2.129  7.912   6.903   1.00 36.82 ?  28  ARG A N   1 
ATOM   223  C  CA  . ARG A 1 49  ? -1.860  8.657   8.130   1.00 27.19 ?  28  ARG A CA  1 
ATOM   224  C  C   . ARG A 1 49  ? -1.387  7.668   9.187   1.00 23.58 ?  28  ARG A C   1 
ATOM   225  O  O   . ARG A 1 49  ? -2.173  6.833   9.645   1.00 20.57 ?  28  ARG A O   1 
ATOM   226  C  CB  . ARG A 1 49  ? -3.097  9.399   8.584   1.00 27.49 ?  28  ARG A CB  1 
ATOM   227  C  CG  . ARG A 1 49  ? -2.881  10.250  9.818   1.00 31.23 ?  28  ARG A CG  1 
ATOM   228  C  CD  . ARG A 1 49  ? -1.550  10.995  9.787   1.00 34.70 ?  28  ARG A CD  1 
ATOM   229  N  NE  . ARG A 1 49  ? -1.492  11.972  10.871  1.00 43.47 ?  28  ARG A NE  1 
ATOM   230  C  CZ  . ARG A 1 49  ? -1.138  13.246  10.717  1.00 50.90 ?  28  ARG A CZ  1 
ATOM   231  N  NH1 . ARG A 1 49  ? -0.795  13.695  9.511   1.00 46.05 ?  28  ARG A NH1 1 
ATOM   232  N  NH2 . ARG A 1 49  ? -1.120  14.066  11.769  1.00 45.11 ?  28  ARG A NH2 1 
ATOM   233  N  N   . GLN A 1 50  ? -0.114  7.759   9.561   1.00 25.61 ?  29  GLN A N   1 
ATOM   234  C  CA  . GLN A 1 50  ? 0.461   6.894   10.586  1.00 25.03 ?  29  GLN A CA  1 
ATOM   235  C  C   . GLN A 1 50  ? -0.002  7.341   11.969  1.00 23.37 ?  29  GLN A C   1 
ATOM   236  O  O   . GLN A 1 50  ? -0.092  8.538   12.248  1.00 22.47 ?  29  GLN A O   1 
ATOM   237  C  CB  . GLN A 1 50  ? 1.985   6.931   10.505  1.00 20.52 ?  29  GLN A CB  1 
ATOM   238  C  CG  . GLN A 1 50  ? 2.668   5.728   11.073  1.00 23.93 ?  29  GLN A CG  1 
ATOM   239  C  CD  . GLN A 1 50  ? 4.137   5.644   10.668  1.00 30.40 ?  29  GLN A CD  1 
ATOM   240  O  OE1 . GLN A 1 50  ? 4.487   5.838   9.506   1.00 31.81 ?  29  GLN A OE1 1 
ATOM   241  N  NE2 . GLN A 1 50  ? 5.004   5.364   11.638  1.00 28.39 ?  29  GLN A NE2 1 
ATOM   242  N  N   . VAL A 1 51  ? -0.303  6.378   12.842  1.00 18.58 ?  30  VAL A N   1 
ATOM   243  C  CA  . VAL A 1 51  ? -0.866  6.730   14.144  1.00 20.75 ?  30  VAL A CA  1 
ATOM   244  C  C   . VAL A 1 51  ? 0.230   7.125   15.134  1.00 23.49 ?  30  VAL A C   1 
ATOM   245  O  O   . VAL A 1 51  ? 0.170   8.189   15.756  1.00 22.47 ?  30  VAL A O   1 
ATOM   246  C  CB  . VAL A 1 51  ? -1.726  5.574   14.680  1.00 19.27 ?  30  VAL A CB  1 
ATOM   247  C  CG1 . VAL A 1 51  ? -2.283  5.919   16.048  1.00 16.91 ?  30  VAL A CG1 1 
ATOM   248  C  CG2 . VAL A 1 51  ? -2.850  5.272   13.687  1.00 19.14 ?  30  VAL A CG2 1 
ATOM   249  N  N   . TRP A 1 52  ? 1.242   6.283   15.313  1.00 20.49 ?  31  TRP A N   1 
ATOM   250  C  CA  . TRP A 1 52  ? 2.323   6.594   16.230  1.00 18.99 ?  31  TRP A CA  1 
ATOM   251  C  C   . TRP A 1 52  ? 3.640   6.647   15.467  1.00 21.55 ?  31  TRP A C   1 
ATOM   252  O  O   . TRP A 1 52  ? 3.839   5.934   14.484  1.00 27.52 ?  31  TRP A O   1 
ATOM   253  C  CB  . TRP A 1 52  ? 2.417   5.558   17.356  1.00 13.85 ?  31  TRP A CB  1 
ATOM   254  C  CG  . TRP A 1 52  ? 1.213   5.437   18.214  1.00 17.90 ?  31  TRP A CG  1 
ATOM   255  C  CD1 . TRP A 1 52  ? 0.880   6.230   19.266  1.00 16.30 ?  31  TRP A CD1 1 
ATOM   256  C  CD2 . TRP A 1 52  ? 0.184   4.437   18.129  1.00 18.69 ?  31  TRP A CD2 1 
ATOM   257  N  NE1 . TRP A 1 52  ? -0.283  5.791   19.842  1.00 17.76 ?  31  TRP A NE1 1 
ATOM   258  C  CE2 . TRP A 1 52  ? -0.735  4.695   19.160  1.00 16.43 ?  31  TRP A CE2 1 
ATOM   259  C  CE3 . TRP A 1 52  ? -0.055  3.361   17.275  1.00 14.72 ?  31  TRP A CE3 1 
ATOM   260  C  CZ2 . TRP A 1 52  ? -1.872  3.916   19.364  1.00 15.81 ?  31  TRP A CZ2 1 
ATOM   261  C  CZ3 . TRP A 1 52  ? -1.173  2.589   17.487  1.00 12.18 ?  31  TRP A CZ3 1 
ATOM   262  C  CH2 . TRP A 1 52  ? -2.070  2.872   18.518  1.00 13.56 ?  31  TRP A CH2 1 
ATOM   263  N  N   . GLN A 1 53  ? 4.551   7.483   15.929  1.00 26.55 ?  32  GLN A N   1 
ATOM   264  C  CA  . GLN A 1 53  ? 5.833   7.622   15.259  1.00 31.08 ?  32  GLN A CA  1 
ATOM   265  C  C   . GLN A 1 53  ? 6.907   6.836   15.998  1.00 28.68 ?  32  GLN A C   1 
ATOM   266  O  O   . GLN A 1 53  ? 6.794   6.559   17.193  1.00 26.79 ?  32  GLN A O   1 
ATOM   267  C  CB  . GLN A 1 53  ? 6.222   9.097   15.159  1.00 29.96 ?  32  GLN A CB  1 
ATOM   268  C  CG  . GLN A 1 53  ? 5.265   9.921   14.301  1.00 31.49 ?  32  GLN A CG  1 
ATOM   269  C  CD  . GLN A 1 53  ? 5.383   9.587   12.823  1.00 32.62 ?  32  GLN A CD  1 
ATOM   270  O  OE1 . GLN A 1 53  ? 6.458   9.221   12.346  1.00 38.02 ?  32  GLN A OE1 1 
ATOM   271  N  NE2 . GLN A 1 53  ? 4.284   9.720   12.093  1.00 31.24 ?  32  GLN A NE2 1 
ATOM   272  N  N   . ASP A 1 54  ? 7.958   6.468   15.265  1.00 29.29 ?  33  ASP A N   1 
ATOM   273  C  CA  . ASP A 1 54  ? 9.129   5.822   15.861  1.00 33.00 ?  33  ASP A CA  1 
ATOM   274  C  C   . ASP A 1 54  ? 8.756   4.556   16.641  1.00 34.26 ?  33  ASP A C   1 
ATOM   275  O  O   . ASP A 1 54  ? 9.354   4.260   17.683  1.00 34.29 ?  33  ASP A O   1 
ATOM   276  C  CB  . ASP A 1 54  ? 9.890   6.783   16.788  1.00 37.20 ?  33  ASP A CB  1 
ATOM   277  C  CG  . ASP A 1 54  ? 10.215  8.129   16.138  1.00 42.44 ?  33  ASP A CG  1 
ATOM   278  O  OD1 . ASP A 1 54  ? 10.710  8.159   14.979  1.00 42.40 ?  33  ASP A OD1 1 
ATOM   279  O  OD2 . ASP A 1 54  ? 9.991   9.162   16.817  1.00 43.30 ?  33  ASP A OD2 1 
ATOM   280  N  N   . SER A 1 55  ? 7.751   3.810   16.182  1.00 29.06 ?  34  SER A N   1 
ATOM   281  C  CA  . SER A 1 55  ? 7.367   2.564   16.827  1.00 25.52 ?  34  SER A CA  1 
ATOM   282  C  C   . SER A 1 55  ? 7.768   1.378   15.961  1.00 25.03 ?  34  SER A C   1 
ATOM   283  O  O   . SER A 1 55  ? 8.030   1.506   14.759  1.00 29.39 ?  34  SER A O   1 
ATOM   284  C  CB  . SER A 1 55  ? 5.864   2.524   17.122  1.00 20.89 ?  34  SER A CB  1 
ATOM   285  O  OG  . SER A 1 55  ? 5.104   2.712   15.944  1.00 22.45 ?  34  SER A OG  1 
ATOM   286  N  N   . ASP A 1 56  ? 7.844   0.210   16.592  1.00 20.44 ?  35  ASP A N   1 
ATOM   287  C  CA  . ASP A 1 56  ? 8.130   -0.992  15.818  1.00 21.12 ?  35  ASP A CA  1 
ATOM   288  C  C   . ASP A 1 56  ? 6.925   -1.390  14.966  1.00 19.48 ?  35  ASP A C   1 
ATOM   289  O  O   . ASP A 1 56  ? 7.066   -1.644  13.763  1.00 17.38 ?  35  ASP A O   1 
ATOM   290  C  CB  . ASP A 1 56  ? 8.558   -2.122  16.752  1.00 21.16 ?  35  ASP A CB  1 
ATOM   291  C  CG  . ASP A 1 56  ? 8.873   -3.400  16.010  1.00 20.70 ?  35  ASP A CG  1 
ATOM   292  O  OD1 . ASP A 1 56  ? 9.774   -3.388  15.138  1.00 17.72 ?  35  ASP A OD1 1 
ATOM   293  O  OD2 . ASP A 1 56  ? 8.213   -4.419  16.312  1.00 22.29 ?  35  ASP A OD2 1 
ATOM   294  N  N   . PHE A 1 57  ? 5.723   -1.421  15.563  1.00 17.71 ?  36  PHE A N   1 
ATOM   295  C  CA  . PHE A 1 57  ? 4.508   -1.653  14.785  1.00 17.33 ?  36  PHE A CA  1 
ATOM   296  C  C   . PHE A 1 57  ? 4.154   -0.367  14.055  1.00 20.31 ?  36  PHE A C   1 
ATOM   297  O  O   . PHE A 1 57  ? 3.960   0.684   14.689  1.00 15.32 ?  36  PHE A O   1 
ATOM   298  C  CB  . PHE A 1 57  ? 3.308   -2.076  15.632  1.00 12.72 ?  36  PHE A CB  1 
ATOM   299  C  CG  . PHE A 1 57  ? 3.466   -3.375  16.364  1.00 18.37 ?  36  PHE A CG  1 
ATOM   300  C  CD1 . PHE A 1 57  ? 4.646   -4.080  16.364  1.00 24.46 ?  36  PHE A CD1 1 
ATOM   301  C  CD2 . PHE A 1 57  ? 2.410   -3.883  17.093  1.00 22.58 ?  36  PHE A CD2 1 
ATOM   302  C  CE1 . PHE A 1 57  ? 4.749   -5.261  17.082  1.00 28.09 ?  36  PHE A CE1 1 
ATOM   303  C  CE2 . PHE A 1 57  ? 2.517   -5.071  17.807  1.00 15.61 ?  36  PHE A CE2 1 
ATOM   304  C  CZ  . PHE A 1 57  ? 3.662   -5.758  17.791  1.00 19.58 ?  36  PHE A CZ  1 
ATOM   305  N  N   . ILE A 1 58  ? 4.051   -0.452  12.734  1.00 15.65 ?  37  ILE A N   1 
ATOM   306  C  CA  . ILE A 1 58  ? 3.644   0.684   11.916  1.00 15.33 ?  37  ILE A CA  1 
ATOM   307  C  C   . ILE A 1 58  ? 2.129   0.599   11.744  1.00 15.35 ?  37  ILE A C   1 
ATOM   308  O  O   . ILE A 1 58  ? 1.615   -0.298  11.064  1.00 15.14 ?  37  ILE A O   1 
ATOM   309  C  CB  . ILE A 1 58  ? 4.392   0.677   10.582  1.00 18.80 ?  37  ILE A CB  1 
ATOM   310  C  CG1 . ILE A 1 58  ? 5.878   0.830   10.874  1.00 18.24 ?  37  ILE A CG1 1 
ATOM   311  C  CG2 . ILE A 1 58  ? 3.949   1.798   9.676   1.00 22.55 ?  37  ILE A CG2 1 
ATOM   312  C  CD1 . ILE A 1 58  ? 6.698   0.687   9.659   1.00 20.95 ?  37  ILE A CD1 1 
ATOM   313  N  N   . VAL A 1 59  ? 1.409   1.490   12.425  1.00 13.43 ?  38  VAL A N   1 
ATOM   314  C  CA  . VAL A 1 59  ? -0.048  1.474   12.470  1.00 15.95 ?  38  VAL A CA  1 
ATOM   315  C  C   . VAL A 1 59  ? -0.555  2.669   11.673  1.00 19.65 ?  38  VAL A C   1 
ATOM   316  O  O   . VAL A 1 59  ? -0.332  3.826   12.064  1.00 19.75 ?  38  VAL A O   1 
ATOM   317  C  CB  . VAL A 1 59  ? -0.593  1.527   13.907  1.00 13.50 ?  38  VAL A CB  1 
ATOM   318  C  CG1 . VAL A 1 59  ? -2.094  1.390   13.876  1.00 11.29 ?  38  VAL A CG1 1 
ATOM   319  C  CG2 . VAL A 1 59  ? 0.033   0.457   14.792  1.00 14.78 ?  38  VAL A CG2 1 
ATOM   320  N  N   . THR A 1 60  ? -1.264  2.392   10.572  1.00 16.27 ?  39  THR A N   1 
ATOM   321  C  CA  . THR A 1 60  ? -1.738  3.440   9.688   1.00 20.08 ?  39  THR A CA  1 
ATOM   322  C  C   . THR A 1 60  ? -3.229  3.285   9.441   1.00 19.75 ?  39  THR A C   1 
ATOM   323  O  O   . THR A 1 60  ? -3.783  2.183   9.516   1.00 17.91 ?  39  THR A O   1 
ATOM   324  C  CB  . THR A 1 60  ? -0.992  3.418   8.360   1.00 19.63 ?  39  THR A CB  1 
ATOM   325  O  OG1 . THR A 1 60  ? -1.216  2.155   7.735   1.00 29.05 ?  39  THR A OG1 1 
ATOM   326  C  CG2 . THR A 1 60  ? 0.490   3.571   8.592   1.00 13.18 ?  39  THR A CG2 1 
ATOM   327  N  N   . VAL A 1 61  ? -3.881  4.417   9.183   1.00 20.25 ?  40  VAL A N   1 
ATOM   328  C  CA  . VAL A 1 61  ? -5.224  4.451   8.619   1.00 17.87 ?  40  VAL A CA  1 
ATOM   329  C  C   . VAL A 1 61  ? -5.113  4.922   7.174   1.00 22.57 ?  40  VAL A C   1 
ATOM   330  O  O   . VAL A 1 61  ? -4.459  5.935   6.895   1.00 20.71 ?  40  VAL A O   1 
ATOM   331  C  CB  . VAL A 1 61  ? -6.158  5.361   9.421   1.00 20.31 ?  40  VAL A CB  1 
ATOM   332  C  CG1 . VAL A 1 61  ? -7.527  5.381   8.769   1.00 18.56 ?  40  VAL A CG1 1 
ATOM   333  C  CG2 . VAL A 1 61  ? -6.253  4.879   10.870  1.00 17.48 ?  40  VAL A CG2 1 
ATOM   334  N  N   . VAL A 1 62  ? -5.733  4.172   6.257   1.00 22.41 ?  41  VAL A N   1 
ATOM   335  C  CA  . VAL A 1 62  ? -5.694  4.454   4.826   1.00 20.38 ?  41  VAL A CA  1 
ATOM   336  C  C   . VAL A 1 62  ? -7.114  4.745   4.365   1.00 24.91 ?  41  VAL A C   1 
ATOM   337  O  O   . VAL A 1 62  ? -8.017  3.904   4.504   1.00 19.33 ?  41  VAL A O   1 
ATOM   338  C  CB  . VAL A 1 62  ? -5.090  3.297   4.022   1.00 20.26 ?  41  VAL A CB  1 
ATOM   339  C  CG1 . VAL A 1 62  ? -4.677  3.780   2.639   1.00 23.46 ?  41  VAL A CG1 1 
ATOM   340  C  CG2 . VAL A 1 62  ? -3.898  2.706   4.744   1.00 25.01 ?  41  VAL A CG2 1 
ATOM   341  N  N   . GLY A 1 63  ? -7.310  5.934   3.814   1.00 28.21 ?  42  GLY A N   1 
ATOM   342  C  CA  . GLY A 1 63  ? -8.585  6.349   3.300   1.00 22.83 ?  42  GLY A CA  1 
ATOM   343  C  C   . GLY A 1 63  ? -8.643  6.219   1.798   1.00 22.46 ?  42  GLY A C   1 
ATOM   344  O  O   . GLY A 1 63  ? -7.898  5.454   1.181   1.00 21.43 ?  42  GLY A O   1 
ATOM   345  N  N   . GLY A 1 64  ? -9.541  6.990   1.202   1.00 28.14 ?  43  GLY A N   1 
ATOM   346  C  CA  . GLY A 1 64  ? -9.770  6.949   -0.215  1.00 22.41 ?  43  GLY A CA  1 
ATOM   347  C  C   . GLY A 1 64  ? -10.308 8.277   -0.689  1.00 26.30 ?  43  GLY A C   1 
ATOM   348  O  O   . GLY A 1 64  ? -10.550 9.196   0.101   1.00 28.75 ?  43  GLY A O   1 
ATOM   349  N  N   . PRO A 1 65  ? -10.480 8.416   -2.006  1.00 25.52 ?  44  PRO A N   1 
ATOM   350  C  CA  . PRO A 1 65  ? -10.086 7.375   -2.958  1.00 26.52 ?  44  PRO A CA  1 
ATOM   351  C  C   . PRO A 1 65  ? -8.596  7.451   -3.298  1.00 25.88 ?  44  PRO A C   1 
ATOM   352  O  O   . PRO A 1 65  ? -8.049  8.539   -3.184  1.00 28.84 ?  44  PRO A O   1 
ATOM   353  C  CB  . PRO A 1 65  ? -10.967 7.668   -4.175  1.00 24.67 ?  44  PRO A CB  1 
ATOM   354  C  CG  . PRO A 1 65  ? -11.296 9.111   -4.079  1.00 29.88 ?  44  PRO A CG  1 
ATOM   355  C  CD  . PRO A 1 65  ? -11.243 9.509   -2.636  1.00 27.92 ?  44  PRO A CD  1 
ATOM   356  N  N   . ASN A 1 66  ? -7.957  6.351   -3.698  1.00 22.96 ?  45  ASN A N   1 
ATOM   357  C  CA  . ASN A 1 66  ? -6.513  6.336   -3.914  1.00 33.59 ?  45  ASN A CA  1 
ATOM   358  C  C   . ASN A 1 66  ? -6.171  5.946   -5.348  1.00 42.07 ?  45  ASN A C   1 
ATOM   359  O  O   . ASN A 1 66  ? -6.992  5.374   -6.074  1.00 41.63 ?  45  ASN A O   1 
ATOM   360  C  CB  . ASN A 1 66  ? -5.817  5.353   -2.963  1.00 34.16 ?  45  ASN A CB  1 
ATOM   361  C  CG  . ASN A 1 66  ? -6.016  3.899   -3.403  1.00 37.77 ?  45  ASN A CG  1 
ATOM   362  O  OD1 . ASN A 1 66  ? -6.974  3.597   -4.142  1.00 28.19 ?  45  ASN A OD1 1 
ATOM   363  N  ND2 . ASN A 1 66  ? -5.124  2.991   -2.952  1.00 29.46 ?  45  ASN A ND2 1 
ATOM   364  N  N   . HIS A 1 67  ? -4.913  6.198   -5.730  1.00 49.73 ?  46  HIS A N   1 
ATOM   365  C  CA  . HIS A 1 67  ? -4.399  5.852   -7.057  1.00 47.62 ?  46  HIS A CA  1 
ATOM   366  C  C   . HIS A 1 67  ? -3.178  4.940   -6.907  1.00 45.79 ?  46  HIS A C   1 
ATOM   367  O  O   . HIS A 1 67  ? -2.102  5.406   -6.506  1.00 51.02 ?  46  HIS A O   1 
ATOM   368  C  CB  . HIS A 1 67  ? -4.060  7.121   -7.847  1.00 51.06 ?  46  HIS A CB  1 
ATOM   369  C  CG  . HIS A 1 67  ? -3.848  6.891   -9.314  1.00 59.83 ?  46  HIS A CG  1 
ATOM   370  N  ND1 . HIS A 1 67  ? -2.868  6.052   -9.804  1.00 65.01 ?  46  HIS A ND1 1 
ATOM   371  C  CD2 . HIS A 1 67  ? -4.479  7.402   -10.397 1.00 68.93 ?  46  HIS A CD2 1 
ATOM   372  C  CE1 . HIS A 1 67  ? -2.911  6.049   -11.125 1.00 71.43 ?  46  HIS A CE1 1 
ATOM   373  N  NE2 . HIS A 1 67  ? -3.879  6.862   -11.511 1.00 78.43 ?  46  HIS A NE2 1 
ATOM   374  N  N   . ARG A 1 68  ? -3.337  3.647   -7.238  1.00 38.40 ?  47  ARG A N   1 
ATOM   375  C  CA  . ARG A 1 68  ? -2.228  2.682   -7.206  1.00 34.54 ?  47  ARG A CA  1 
ATOM   376  C  C   . ARG A 1 68  ? -2.295  1.763   -8.420  1.00 34.22 ?  47  ARG A C   1 
ATOM   377  O  O   . ARG A 1 68  ? -3.309  1.090   -8.635  1.00 30.38 ?  47  ARG A O   1 
ATOM   378  C  CB  . ARG A 1 68  ? -2.237  1.824   -5.931  1.00 29.70 ?  47  ARG A CB  1 
ATOM   379  C  CG  . ARG A 1 68  ? -2.281  2.595   -4.615  1.00 35.79 ?  47  ARG A CG  1 
ATOM   380  C  CD  . ARG A 1 68  ? -0.906  3.082   -4.173  1.00 33.08 ?  47  ARG A CD  1 
ATOM   381  N  NE  . ARG A 1 68  ? 0.037   1.988   -3.968  1.00 26.11 ?  47  ARG A NE  1 
ATOM   382  C  CZ  . ARG A 1 68  ? 0.211   1.358   -2.807  1.00 37.37 ?  47  ARG A CZ  1 
ATOM   383  N  NH1 . ARG A 1 68  ? -0.506  1.709   -1.735  1.00 34.70 ?  47  ARG A NH1 1 
ATOM   384  N  NH2 . ARG A 1 68  ? 1.100   0.369   -2.715  1.00 36.23 ?  47  ARG A NH2 1 
ATOM   385  N  N   . THR A 1 69  ? -1.214  1.738   -9.206  1.00 28.25 ?  48  THR A N   1 
ATOM   386  C  CA  . THR A 1 69  ? -0.980  0.721   -10.219 1.00 26.09 ?  48  THR A CA  1 
ATOM   387  C  C   . THR A 1 69  ? 0.180   -0.188  -9.864  1.00 25.75 ?  48  THR A C   1 
ATOM   388  O  O   . THR A 1 69  ? 0.431   -1.147  -10.593 1.00 28.09 ?  48  THR A O   1 
ATOM   389  C  CB  . THR A 1 69  ? -0.676  1.352   -11.587 1.00 29.19 ?  48  THR A CB  1 
ATOM   390  O  OG1 . THR A 1 69  ? 0.380   2.312   -11.444 1.00 34.09 ?  48  THR A OG1 1 
ATOM   391  C  CG2 . THR A 1 69  ? -1.890  2.044   -12.139 1.00 30.57 ?  48  THR A CG2 1 
ATOM   392  N  N   . ASP A 1 70  ? 0.902   0.109   -8.791  1.00 24.05 ?  49  ASP A N   1 
ATOM   393  C  CA  . ASP A 1 70  ? 2.037   -0.679  -8.337  1.00 24.45 ?  49  ASP A CA  1 
ATOM   394  C  C   . ASP A 1 70  ? 1.583   -1.861  -7.496  1.00 25.37 ?  49  ASP A C   1 
ATOM   395  O  O   . ASP A 1 70  ? 0.554   -1.800  -6.813  1.00 23.75 ?  49  ASP A O   1 
ATOM   396  C  CB  . ASP A 1 70  ? 2.971   0.190   -7.497  1.00 27.06 ?  49  ASP A CB  1 
ATOM   397  C  CG  . ASP A 1 70  ? 2.312   0.683   -6.198  1.00 29.09 ?  49  ASP A CG  1 
ATOM   398  O  OD1 . ASP A 1 70  ? 1.570   1.698   -6.245  1.00 25.22 ?  49  ASP A OD1 1 
ATOM   399  O  OD2 . ASP A 1 70  ? 2.535   0.046   -5.134  1.00 29.25 ?  49  ASP A OD2 1 
ATOM   400  N  N   . TYR A 1 71  ? 2.364   -2.943  -7.545  1.00 23.22 ?  50  TYR A N   1 
ATOM   401  C  CA  . TYR A 1 71  ? 2.223   -4.053  -6.606  1.00 24.30 ?  50  TYR A CA  1 
ATOM   402  C  C   . TYR A 1 71  ? 3.337   -3.964  -5.568  1.00 25.97 ?  50  TYR A C   1 
ATOM   403  O  O   . TYR A 1 71  ? 4.505   -3.781  -5.928  1.00 25.21 ?  50  TYR A O   1 
ATOM   404  C  CB  . TYR A 1 71  ? 2.268   -5.411  -7.315  1.00 24.16 ?  50  TYR A CB  1 
ATOM   405  C  CG  . TYR A 1 71  ? 1.034   -5.680  -8.153  1.00 29.07 ?  50  TYR A CG  1 
ATOM   406  C  CD1 . TYR A 1 71  ? 0.847   -5.033  -9.386  1.00 30.56 ?  50  TYR A CD1 1 
ATOM   407  C  CD2 . TYR A 1 71  ? 0.042   -6.550  -7.712  1.00 24.38 ?  50  TYR A CD2 1 
ATOM   408  C  CE1 . TYR A 1 71  ? -0.294  -5.253  -10.159 1.00 25.77 ?  50  TYR A CE1 1 
ATOM   409  C  CE2 . TYR A 1 71  ? -1.097  -6.785  -8.475  1.00 27.39 ?  50  TYR A CE2 1 
ATOM   410  C  CZ  . TYR A 1 71  ? -1.263  -6.130  -9.703  1.00 30.66 ?  50  TYR A CZ  1 
ATOM   411  O  OH  . TYR A 1 71  ? -2.399  -6.342  -10.458 1.00 26.46 ?  50  TYR A OH  1 
ATOM   412  N  N   . HIS A 1 72  ? 2.967   -4.045  -4.284  1.00 22.97 ?  51  HIS A N   1 
ATOM   413  C  CA  . HIS A 1 72  ? 3.923   -4.010  -3.186  1.00 19.65 ?  51  HIS A CA  1 
ATOM   414  C  C   . HIS A 1 72  ? 4.364   -5.430  -2.894  1.00 20.19 ?  51  HIS A C   1 
ATOM   415  O  O   . HIS A 1 72  ? 3.541   -6.351  -2.876  1.00 23.58 ?  51  HIS A O   1 
ATOM   416  C  CB  . HIS A 1 72  ? 3.303   -3.376  -1.934  1.00 19.21 ?  51  HIS A CB  1 
ATOM   417  C  CG  . HIS A 1 72  ? 4.267   -3.174  -0.794  1.00 26.52 ?  51  HIS A CG  1 
ATOM   418  N  ND1 . HIS A 1 72  ? 3.876   -2.674  0.430   1.00 27.99 ?  51  HIS A ND1 1 
ATOM   419  C  CD2 . HIS A 1 72  ? 5.602   -3.392  -0.692  1.00 27.12 ?  51  HIS A CD2 1 
ATOM   420  C  CE1 . HIS A 1 72  ? 4.917   -2.597  1.239   1.00 25.01 ?  51  HIS A CE1 1 
ATOM   421  N  NE2 . HIS A 1 72  ? 5.980   -3.027  0.581   1.00 29.36 ?  51  HIS A NE2 1 
ATOM   422  N  N   . ASP A 1 73  ? 5.667   -5.612  -2.709  1.00 17.88 ?  52  ASP A N   1 
ATOM   423  C  CA  . ASP A 1 73  ? 6.261   -6.873  -2.269  1.00 19.30 ?  52  ASP A CA  1 
ATOM   424  C  C   . ASP A 1 73  ? 6.834   -6.613  -0.874  1.00 20.80 ?  52  ASP A C   1 
ATOM   425  O  O   . ASP A 1 73  ? 7.971   -6.168  -0.725  1.00 21.06 ?  52  ASP A O   1 
ATOM   426  C  CB  . ASP A 1 73  ? 7.324   -7.346  -3.262  1.00 22.41 ?  52  ASP A CB  1 
ATOM   427  C  CG  . ASP A 1 73  ? 8.135   -8.510  -2.758  1.00 24.23 ?  52  ASP A CG  1 
ATOM   428  O  OD1 . ASP A 1 73  ? 7.713   -9.194  -1.790  1.00 23.24 ?  52  ASP A OD1 1 
ATOM   429  O  OD2 . ASP A 1 73  ? 9.216   -8.746  -3.344  1.00 25.51 ?  52  ASP A OD2 1 
ATOM   430  N  N   . ASP A 1 74  ? 6.025   -6.872  0.150   1.00 20.38 ?  53  ASP A N   1 
ATOM   431  C  CA  . ASP A 1 74  ? 6.406   -6.571  1.525   1.00 19.14 ?  53  ASP A CA  1 
ATOM   432  C  C   . ASP A 1 74  ? 7.114   -7.775  2.135   1.00 21.33 ?  53  ASP A C   1 
ATOM   433  O  O   . ASP A 1 74  ? 6.532   -8.872  2.157   1.00 23.74 ?  53  ASP A O   1 
ATOM   434  C  CB  . ASP A 1 74  ? 5.178   -6.225  2.335   1.00 19.52 ?  53  ASP A CB  1 
ATOM   435  C  CG  . ASP A 1 74  ? 5.510   -5.688  3.718   1.00 23.31 ?  53  ASP A CG  1 
ATOM   436  O  OD1 . ASP A 1 74  ? 6.604   -5.968  4.262   1.00 18.37 ?  53  ASP A OD1 1 
ATOM   437  O  OD2 . ASP A 1 74  ? 4.653   -4.972  4.277   1.00 26.31 ?  53  ASP A OD2 1 
ATOM   438  N  N   . PRO A 1 75  ? 8.343   -7.629  2.649   1.00 19.20 ?  54  PRO A N   1 
ATOM   439  C  CA  . PRO A 1 75  ? 9.059   -8.799  3.193   1.00 21.23 ?  54  PRO A CA  1 
ATOM   440  C  C   . PRO A 1 75  ? 8.484   -9.325  4.508   1.00 21.07 ?  54  PRO A C   1 
ATOM   441  O  O   . PRO A 1 75  ? 8.930   -10.387 4.980   1.00 18.56 ?  54  PRO A O   1 
ATOM   442  C  CB  . PRO A 1 75  ? 10.488  -8.273  3.389   1.00 19.84 ?  54  PRO A CB  1 
ATOM   443  C  CG  . PRO A 1 75  ? 10.301  -6.833  3.638   1.00 19.34 ?  54  PRO A CG  1 
ATOM   444  C  CD  . PRO A 1 75  ? 9.162   -6.407  2.727   1.00 17.17 ?  54  PRO A CD  1 
ATOM   445  N  N   . LEU A 1 76  ? 7.525   -8.618  5.108   1.00 20.39 ?  55  LEU A N   1 
ATOM   446  C  CA  . LEU A 1 76  ? 6.868   -9.015  6.351   1.00 20.38 ?  55  LEU A CA  1 
ATOM   447  C  C   . LEU A 1 76  ? 5.352   -9.054  6.133   1.00 19.97 ?  55  LEU A C   1 
ATOM   448  O  O   . LEU A 1 76  ? 4.844   -8.676  5.071   1.00 20.51 ?  55  LEU A O   1 
ATOM   449  C  CB  . LEU A 1 76  ? 7.269   -8.062  7.483   1.00 18.22 ?  55  LEU A CB  1 
ATOM   450  C  CG  . LEU A 1 76  ? 8.800   -7.969  7.666   1.00 21.22 ?  55  LEU A CG  1 
ATOM   451  C  CD1 . LEU A 1 76  ? 9.191   -6.760  8.495   1.00 19.80 ?  55  LEU A CD1 1 
ATOM   452  C  CD2 . LEU A 1 76  ? 9.378   -9.256  8.277   1.00 18.32 ?  55  LEU A CD2 1 
ATOM   453  N  N   . GLU A 1 77  ? 4.624   -9.498  7.154   1.00 20.24 ?  56  GLU A N   1 
ATOM   454  C  CA  . GLU A 1 77  ? 3.178   -9.624  7.059   1.00 19.11 ?  56  GLU A CA  1 
ATOM   455  C  C   . GLU A 1 77  ? 2.505   -8.265  7.128   1.00 17.09 ?  56  GLU A C   1 
ATOM   456  O  O   . GLU A 1 77  ? 3.073   -7.279  7.599   1.00 17.66 ?  56  GLU A O   1 
ATOM   457  C  CB  . GLU A 1 77  ? 2.638   -10.511 8.177   1.00 16.84 ?  56  GLU A CB  1 
ATOM   458  C  CG  . GLU A 1 77  ? 3.161   -11.916 8.075   1.00 19.03 ?  56  GLU A CG  1 
ATOM   459  C  CD  . GLU A 1 77  ? 2.820   -12.735 9.279   1.00 20.37 ?  56  GLU A CD  1 
ATOM   460  O  OE1 . GLU A 1 77  ? 2.072   -12.219 10.146  1.00 19.16 ?  56  GLU A OE1 1 
ATOM   461  O  OE2 . GLU A 1 77  ? 3.308   -13.889 9.356   1.00 19.22 ?  56  GLU A OE2 1 
ATOM   462  N  N   . GLU A 1 78  ? 1.262   -8.230  6.668   1.00 13.14 ?  57  GLU A N   1 
ATOM   463  C  CA  . GLU A 1 78  ? 0.478   -7.009  6.662   1.00 14.52 ?  57  GLU A CA  1 
ATOM   464  C  C   . GLU A 1 78  ? -0.928  -7.335  7.113   1.00 15.57 ?  57  GLU A C   1 
ATOM   465  O  O   . GLU A 1 78  ? -1.611  -8.134  6.468   1.00 13.25 ?  57  GLU A O   1 
ATOM   466  C  CB  . GLU A 1 78  ? 0.446   -6.395  5.278   1.00 19.84 ?  57  GLU A CB  1 
ATOM   467  C  CG  . GLU A 1 78  ? 1.688   -5.696  4.917   1.00 22.46 ?  57  GLU A CG  1 
ATOM   468  C  CD  . GLU A 1 78  ? 1.517   -4.888  3.663   1.00 23.91 ?  57  GLU A CD  1 
ATOM   469  O  OE1 . GLU A 1 78  ? 2.424   -4.953  2.820   1.00 25.88 ?  57  GLU A OE1 1 
ATOM   470  O  OE2 . GLU A 1 78  ? 0.480   -4.206  3.516   1.00 22.38 ?  57  GLU A OE2 1 
ATOM   471  N  N   . PHE A 1 79  ? -1.351  -6.710  8.206   1.00 15.69 ?  58  PHE A N   1 
ATOM   472  C  CA  . PHE A 1 79  ? -2.672  -6.897  8.790   1.00 13.17 ?  58  PHE A CA  1 
ATOM   473  C  C   . PHE A 1 79  ? -3.603  -5.797  8.301   1.00 12.61 ?  58  PHE A C   1 
ATOM   474  O  O   . PHE A 1 79  ? -3.223  -4.620  8.253   1.00 12.26 ?  58  PHE A O   1 
ATOM   475  C  CB  . PHE A 1 79  ? -2.575  -6.877  10.315  1.00 10.01 ?  58  PHE A CB  1 
ATOM   476  C  CG  . PHE A 1 79  ? -3.887  -6.835  11.006  1.00 8.64  ?  58  PHE A CG  1 
ATOM   477  C  CD1 . PHE A 1 79  ? -4.535  -8.005  11.348  1.00 9.83  ?  58  PHE A CD1 1 
ATOM   478  C  CD2 . PHE A 1 79  ? -4.485  -5.627  11.318  1.00 11.01 ?  58  PHE A CD2 1 
ATOM   479  C  CE1 . PHE A 1 79  ? -5.769  -7.980  11.994  1.00 12.70 ?  58  PHE A CE1 1 
ATOM   480  C  CE2 . PHE A 1 79  ? -5.739  -5.582  11.958  1.00 12.35 ?  58  PHE A CE2 1 
ATOM   481  C  CZ  . PHE A 1 79  ? -6.376  -6.766  12.308  1.00 11.35 ?  58  PHE A CZ  1 
ATOM   482  N  N   . PHE A 1 80  ? -4.825  -6.179  7.951   1.00 11.41 ?  59  PHE A N   1 
ATOM   483  C  CA  . PHE A 1 80  ? -5.811  -5.245  7.429   1.00 11.93 ?  59  PHE A CA  1 
ATOM   484  C  C   . PHE A 1 80  ? -7.085  -5.364  8.238   1.00 13.87 ?  59  PHE A C   1 
ATOM   485  O  O   . PHE A 1 80  ? -7.488  -6.467  8.607   1.00 12.00 ?  59  PHE A O   1 
ATOM   486  C  CB  . PHE A 1 80  ? -6.156  -5.508  5.965   1.00 11.86 ?  59  PHE A CB  1 
ATOM   487  C  CG  . PHE A 1 80  ? -5.005  -5.304  5.007   1.00 12.02 ?  59  PHE A CG  1 
ATOM   488  C  CD1 . PHE A 1 80  ? -4.046  -6.284  4.837   1.00 12.28 ?  59  PHE A CD1 1 
ATOM   489  C  CD2 . PHE A 1 80  ? -4.921  -4.151  4.244   1.00 16.22 ?  59  PHE A CD2 1 
ATOM   490  C  CE1 . PHE A 1 80  ? -3.003  -6.106  3.956   1.00 15.04 ?  59  PHE A CE1 1 
ATOM   491  C  CE2 . PHE A 1 80  ? -3.880  -3.969  3.357   1.00 17.23 ?  59  PHE A CE2 1 
ATOM   492  C  CZ  . PHE A 1 80  ? -2.927  -4.954  3.214   1.00 17.77 ?  59  PHE A CZ  1 
ATOM   493  N  N   . TYR A 1 81  ? -7.720  -4.226  8.508   1.00 12.97 ?  60  TYR A N   1 
ATOM   494  C  CA  . TYR A 1 81  ? -9.029  -4.217  9.140   1.00 11.77 ?  60  TYR A CA  1 
ATOM   495  C  C   . TYR A 1 81  ? -9.767  -3.049  8.504   1.00 14.03 ?  60  TYR A C   1 
ATOM   496  O  O   . TYR A 1 81  ? -9.499  -1.887  8.820   1.00 14.99 ?  60  TYR A O   1 
ATOM   497  C  CB  . TYR A 1 81  ? -8.932  -4.089  10.652  1.00 15.87 ?  60  TYR A CB  1 
ATOM   498  C  CG  . TYR A 1 81  ? -10.258 -4.200  11.369  1.00 20.79 ?  60  TYR A CG  1 
ATOM   499  C  CD1 . TYR A 1 81  ? -11.413 -4.561  10.680  1.00 21.70 ?  60  TYR A CD1 1 
ATOM   500  C  CD2 . TYR A 1 81  ? -10.359 -3.955  12.742  1.00 18.94 ?  60  TYR A CD2 1 
ATOM   501  C  CE1 . TYR A 1 81  ? -12.639 -4.652  11.328  1.00 25.88 ?  60  TYR A CE1 1 
ATOM   502  C  CE2 . TYR A 1 81  ? -11.586 -4.061  13.401  1.00 22.13 ?  60  TYR A CE2 1 
ATOM   503  C  CZ  . TYR A 1 81  ? -12.720 -4.406  12.685  1.00 22.38 ?  60  TYR A CZ  1 
ATOM   504  O  OH  . TYR A 1 81  ? -13.945 -4.510  13.301  1.00 25.02 ?  60  TYR A OH  1 
ATOM   505  N  N   . GLN A 1 82  ? -10.696 -3.367  7.610   1.00 14.32 ?  61  GLN A N   1 
ATOM   506  C  CA  . GLN A 1 82  ? -11.415 -2.354  6.845   1.00 16.70 ?  61  GLN A CA  1 
ATOM   507  C  C   . GLN A 1 82  ? -12.491 -1.783  7.758   1.00 18.01 ?  61  GLN A C   1 
ATOM   508  O  O   . GLN A 1 82  ? -13.595 -2.310  7.862   1.00 21.42 ?  61  GLN A O   1 
ATOM   509  C  CB  . GLN A 1 82  ? -11.987 -2.947  5.555   1.00 13.26 ?  61  GLN A CB  1 
ATOM   510  C  CG  . GLN A 1 82  ? -12.594 -1.892  4.614   1.00 16.42 ?  61  GLN A CG  1 
ATOM   511  C  CD  . GLN A 1 82  ? -11.550 -0.935  4.003   1.00 15.24 ?  61  GLN A CD  1 
ATOM   512  O  OE1 . GLN A 1 82  ? -10.436 -1.345  3.650   1.00 11.90 ?  61  GLN A OE1 1 
ATOM   513  N  NE2 . GLN A 1 82  ? -11.921 0.341   3.865   1.00 13.44 ?  61  GLN A NE2 1 
ATOM   514  N  N   . LEU A 1 83  ? -12.158 -0.685  8.438   1.00 19.42 ?  62  LEU A N   1 
ATOM   515  C  CA  . LEU A 1 83  ? -13.062 -0.139  9.448   1.00 19.82 ?  62  LEU A CA  1 
ATOM   516  C  C   . LEU A 1 83  ? -14.283 0.510   8.819   1.00 18.67 ?  62  LEU A C   1 
ATOM   517  O  O   . LEU A 1 83  ? -15.389 0.370   9.335   1.00 21.77 ?  62  LEU A O   1 
ATOM   518  C  CB  . LEU A 1 83  ? -12.327 0.873   10.329  1.00 16.58 ?  62  LEU A CB  1 
ATOM   519  C  CG  . LEU A 1 83  ? -11.810 0.307   11.651  1.00 24.04 ?  62  LEU A CG  1 
ATOM   520  C  CD1 . LEU A 1 83  ? -10.789 -0.775  11.413  1.00 21.91 ?  62  LEU A CD1 1 
ATOM   521  C  CD2 . LEU A 1 83  ? -11.196 1.394   12.525  1.00 31.88 ?  62  LEU A CD2 1 
ATOM   522  N  N   . ARG A 1 84  ? -14.101 1.259   7.736   1.00 16.68 ?  63  ARG A N   1 
ATOM   523  C  CA  . ARG A 1 84  ? -15.207 1.945   7.086   1.00 18.89 ?  63  ARG A CA  1 
ATOM   524  C  C   . ARG A 1 84  ? -15.073 1.779   5.582   1.00 22.75 ?  63  ARG A C   1 
ATOM   525  O  O   . ARG A 1 84  ? -13.951 1.776   5.044   1.00 17.62 ?  63  ARG A O   1 
ATOM   526  C  CB  . ARG A 1 84  ? -15.233 3.438   7.412   1.00 17.16 ?  63  ARG A CB  1 
ATOM   527  C  CG  . ARG A 1 84  ? -15.181 3.746   8.888   1.00 18.61 ?  63  ARG A CG  1 
ATOM   528  C  CD  . ARG A 1 84  ? -15.065 5.237   9.133   1.00 15.78 ?  63  ARG A CD  1 
ATOM   529  N  NE  . ARG A 1 84  ? -15.036 5.525   10.560  1.00 22.96 ?  63  ARG A NE  1 
ATOM   530  C  CZ  . ARG A 1 84  ? -14.831 6.734   11.078  1.00 24.20 ?  63  ARG A CZ  1 
ATOM   531  N  NH1 . ARG A 1 84  ? -14.647 7.769   10.270  1.00 22.69 ?  63  ARG A NH1 1 
ATOM   532  N  NH2 . ARG A 1 84  ? -14.815 6.911   12.404  1.00 20.22 ?  63  ARG A NH2 1 
ATOM   533  N  N   . GLY A 1 85  ? -16.233 1.649   4.914   1.00 19.89 ?  64  GLY A N   1 
ATOM   534  C  CA  . GLY A 1 85  ? -16.288 1.570   3.471   1.00 17.81 ?  64  GLY A CA  1 
ATOM   535  C  C   . GLY A 1 85  ? -15.667 0.281   2.978   1.00 18.11 ?  64  GLY A C   1 
ATOM   536  O  O   . GLY A 1 85  ? -15.308 -0.606  3.744   1.00 16.56 ?  64  GLY A O   1 
ATOM   537  N  N   . ASN A 1 86  ? -15.538 0.193   1.661   1.00 20.50 ?  65  ASN A N   1 
ATOM   538  C  CA  . ASN A 1 86  ? -15.011 -1.016  1.049   1.00 23.13 ?  65  ASN A CA  1 
ATOM   539  C  C   . ASN A 1 86  ? -13.790 -0.688  0.215   1.00 18.37 ?  65  ASN A C   1 
ATOM   540  O  O   . ASN A 1 86  ? -13.606 0.445   -0.238  1.00 18.37 ?  65  ASN A O   1 
ATOM   541  C  CB  . ASN A 1 86  ? -16.061 -1.715  0.167   1.00 23.95 ?  65  ASN A CB  1 
ATOM   542  C  CG  . ASN A 1 86  ? -17.372 -1.932  0.893   1.00 25.77 ?  65  ASN A CG  1 
ATOM   543  O  OD1 . ASN A 1 86  ? -17.556 -2.936  1.596   1.00 26.32 ?  65  ASN A OD1 1 
ATOM   544  N  ND2 . ASN A 1 86  ? -18.286 -0.980  0.745   1.00 24.22 ?  65  ASN A ND2 1 
ATOM   545  N  N   . ALA A 1 87  ? -12.977 -1.715  -0.003  1.00 16.47 ?  66  ALA A N   1 
ATOM   546  C  CA  . ALA A 1 87  ? -11.771 -1.603  -0.805  1.00 15.57 ?  66  ALA A CA  1 
ATOM   547  C  C   . ALA A 1 87  ? -11.423 -2.999  -1.296  1.00 16.28 ?  66  ALA A C   1 
ATOM   548  O  O   . ALA A 1 87  ? -12.057 -3.984  -0.913  1.00 18.71 ?  66  ALA A O   1 
ATOM   549  C  CB  . ALA A 1 87  ? -10.632 -0.988  0.014   1.00 16.31 ?  66  ALA A CB  1 
ATOM   550  N  N   . TYR A 1 88  ? -10.409 -3.091  -2.145  1.00 18.36 ?  67  TYR A N   1 
ATOM   551  C  CA  . TYR A 1 88  ? -9.992  -4.425  -2.549  1.00 19.82 ?  67  TYR A CA  1 
ATOM   552  C  C   . TYR A 1 88  ? -8.497  -4.411  -2.828  1.00 18.31 ?  67  TYR A C   1 
ATOM   553  O  O   . TYR A 1 88  ? -7.883  -3.354  -2.982  1.00 18.69 ?  67  TYR A O   1 
ATOM   554  C  CB  . TYR A 1 88  ? -10.803 -4.950  -3.760  1.00 23.93 ?  67  TYR A CB  1 
ATOM   555  C  CG  . TYR A 1 88  ? -10.815 -4.080  -5.017  1.00 20.63 ?  67  TYR A CG  1 
ATOM   556  C  CD1 . TYR A 1 88  ? -11.602 -2.930  -5.095  1.00 20.72 ?  67  TYR A CD1 1 
ATOM   557  C  CD2 . TYR A 1 88  ? -10.069 -4.442  -6.142  1.00 23.23 ?  67  TYR A CD2 1 
ATOM   558  C  CE1 . TYR A 1 88  ? -11.623 -2.144  -6.253  1.00 23.88 ?  67  TYR A CE1 1 
ATOM   559  C  CE2 . TYR A 1 88  ? -10.082 -3.663  -7.310  1.00 23.76 ?  67  TYR A CE2 1 
ATOM   560  C  CZ  . TYR A 1 88  ? -10.850 -2.512  -7.351  1.00 25.78 ?  67  TYR A CZ  1 
ATOM   561  O  OH  . TYR A 1 88  ? -10.846 -1.739  -8.488  1.00 26.69 ?  67  TYR A OH  1 
ATOM   562  N  N   . LEU A 1 89  ? -7.918  -5.609  -2.856  1.00 18.36 ?  68  LEU A N   1 
ATOM   563  C  CA  . LEU A 1 89  ? -6.502  -5.820  -3.119  1.00 20.50 ?  68  LEU A CA  1 
ATOM   564  C  C   . LEU A 1 89  ? -6.369  -6.613  -4.407  1.00 24.74 ?  68  LEU A C   1 
ATOM   565  O  O   . LEU A 1 89  ? -6.740  -7.793  -4.454  1.00 21.41 ?  68  LEU A O   1 
ATOM   566  C  CB  . LEU A 1 89  ? -5.836  -6.568  -1.970  1.00 21.04 ?  68  LEU A CB  1 
ATOM   567  C  CG  . LEU A 1 89  ? -5.961  -5.925  -0.590  1.00 17.96 ?  68  LEU A CG  1 
ATOM   568  C  CD1 . LEU A 1 89  ? -5.151  -6.684  0.402   1.00 16.48 ?  68  LEU A CD1 1 
ATOM   569  C  CD2 . LEU A 1 89  ? -5.474  -4.513  -0.680  1.00 23.55 ?  68  LEU A CD2 1 
ATOM   570  N  N   . ASN A 1 90  ? -5.830  -5.979  -5.445  1.00 19.27 ?  69  ASN A N   1 
ATOM   571  C  CA  . ASN A 1 90  ? -5.410  -6.742  -6.611  1.00 24.09 ?  69  ASN A CA  1 
ATOM   572  C  C   . ASN A 1 90  ? -4.186  -7.571  -6.228  1.00 23.05 ?  69  ASN A C   1 
ATOM   573  O  O   . ASN A 1 90  ? -3.246  -7.059  -5.619  1.00 27.58 ?  69  ASN A O   1 
ATOM   574  C  CB  . ASN A 1 90  ? -5.114  -5.807  -7.788  1.00 21.09 ?  69  ASN A CB  1 
ATOM   575  C  CG  . ASN A 1 90  ? -6.381  -5.301  -8.459  1.00 20.50 ?  69  ASN A CG  1 
ATOM   576  O  OD1 . ASN A 1 90  ? -7.401  -5.998  -8.477  1.00 29.27 ?  69  ASN A OD1 1 
ATOM   577  N  ND2 . ASN A 1 90  ? -6.335  -4.085  -9.001  1.00 16.37 ?  69  ASN A ND2 1 
ATOM   578  N  N   . LEU A 1 91  ? -4.201  -8.857  -6.535  1.00 21.73 ?  70  LEU A N   1 
ATOM   579  C  CA  . LEU A 1 91  ? -3.135  -9.735  -6.082  1.00 24.13 ?  70  LEU A CA  1 
ATOM   580  C  C   . LEU A 1 91  ? -2.511  -10.504 -7.244  1.00 33.90 ?  70  LEU A C   1 
ATOM   581  O  O   . LEU A 1 91  ? -3.065  -10.575 -8.344  1.00 31.01 ?  70  LEU A O   1 
ATOM   582  C  CB  . LEU A 1 91  ? -3.655  -10.729 -5.053  1.00 27.66 ?  70  LEU A CB  1 
ATOM   583  C  CG  . LEU A 1 91  ? -4.220  -10.098 -3.786  1.00 29.36 ?  70  LEU A CG  1 
ATOM   584  C  CD1 . LEU A 1 91  ? -4.916  -11.172 -3.000  1.00 27.66 ?  70  LEU A CD1 1 
ATOM   585  C  CD2 . LEU A 1 91  ? -3.100  -9.473  -2.964  1.00 22.43 ?  70  LEU A CD2 1 
ATOM   586  N  N   . TRP A 1 92  ? -1.331  -11.072 -6.974  1.00 36.08 ?  71  TRP A N   1 
ATOM   587  C  CA  . TRP A 1 92  ? -0.700  -12.106 -7.801  1.00 41.05 ?  71  TRP A CA  1 
ATOM   588  C  C   . TRP A 1 92  ? -0.634  -13.345 -6.919  1.00 47.43 ?  71  TRP A C   1 
ATOM   589  O  O   . TRP A 1 92  ? 0.264   -13.465 -6.078  1.00 47.82 ?  71  TRP A O   1 
ATOM   590  C  CB  . TRP A 1 92  ? 0.708   -11.718 -8.263  1.00 42.17 ?  71  TRP A CB  1 
ATOM   591  C  CG  . TRP A 1 92  ? 0.767   -10.778 -9.433  1.00 38.50 ?  71  TRP A CG  1 
ATOM   592  C  CD1 . TRP A 1 92  ? 1.064   -9.455  -9.386  1.00 37.41 ?  71  TRP A CD1 1 
ATOM   593  C  CD2 . TRP A 1 92  ? 0.578   -11.100 -10.818 1.00 41.97 ?  71  TRP A CD2 1 
ATOM   594  N  NE1 . TRP A 1 92  ? 1.044   -8.917  -10.648 1.00 37.59 ?  71  TRP A NE1 1 
ATOM   595  C  CE2 . TRP A 1 92  ? 0.749   -9.908  -11.548 1.00 39.49 ?  71  TRP A CE2 1 
ATOM   596  C  CE3 . TRP A 1 92  ? 0.257   -12.274 -11.511 1.00 49.41 ?  71  TRP A CE3 1 
ATOM   597  C  CZ2 . TRP A 1 92  ? 0.612   -9.855  -12.947 1.00 41.44 ?  71  TRP A CZ2 1 
ATOM   598  C  CZ3 . TRP A 1 92  ? 0.126   -12.223 -12.907 1.00 40.92 ?  71  TRP A CZ3 1 
ATOM   599  C  CH2 . TRP A 1 92  ? 0.309   -11.021 -13.602 1.00 35.20 ?  71  TRP A CH2 1 
ATOM   600  N  N   . VAL A 1 93  ? -1.591  -14.255 -7.078  1.00 51.29 ?  72  VAL A N   1 
ATOM   601  C  CA  . VAL A 1 93  ? -1.624  -15.510 -6.329  1.00 57.01 ?  72  VAL A CA  1 
ATOM   602  C  C   . VAL A 1 93  ? -1.395  -16.656 -7.303  1.00 56.38 ?  72  VAL A C   1 
ATOM   603  O  O   . VAL A 1 93  ? -2.014  -16.700 -8.377  1.00 57.65 ?  72  VAL A O   1 
ATOM   604  C  CB  . VAL A 1 93  ? -2.951  -15.705 -5.568  1.00 54.01 ?  72  VAL A CB  1 
ATOM   605  C  CG1 . VAL A 1 93  ? -2.934  -17.057 -4.835  1.00 49.70 ?  72  VAL A CG1 1 
ATOM   606  C  CG2 . VAL A 1 93  ? -3.177  -14.566 -4.580  1.00 44.05 ?  72  VAL A CG2 1 
ATOM   607  N  N   . ASP A 1 94  ? -0.501  -17.579 -6.922  1.00 58.96 ?  73  ASP A N   1 
ATOM   608  C  CA  . ASP A 1 94  ? -0.127  -18.741 -7.725  1.00 59.96 ?  73  ASP A CA  1 
ATOM   609  C  C   . ASP A 1 94  ? 0.010   -18.419 -9.216  1.00 54.63 ?  73  ASP A C   1 
ATOM   610  O  O   . ASP A 1 94  ? -0.508  -19.155 -10.061 1.00 49.42 ?  73  ASP A O   1 
ATOM   611  C  CB  . ASP A 1 94  ? -1.151  -19.860 -7.525  1.00 56.99 ?  73  ASP A CB  1 
ATOM   612  C  CG  . ASP A 1 94  ? -0.502  -21.210 -7.405  1.00 71.05 ?  73  ASP A CG  1 
ATOM   613  O  OD1 . ASP A 1 94  ? 0.531   -21.413 -8.076  1.00 71.80 ?  73  ASP A OD1 1 
ATOM   614  O  OD2 . ASP A 1 94  ? -1.018  -22.055 -6.630  1.00 80.63 ?  73  ASP A OD2 1 
ATOM   615  N  N   . GLY A 1 95  ? 0.700   -17.322 -9.551  1.00 54.04 ?  74  GLY A N   1 
ATOM   616  C  CA  . GLY A 1 95  ? 0.898   -16.923 -10.930 1.00 50.49 ?  74  GLY A CA  1 
ATOM   617  C  C   . GLY A 1 95  ? -0.310  -16.332 -11.618 1.00 54.91 ?  74  GLY A C   1 
ATOM   618  O  O   . GLY A 1 95  ? -0.219  -16.012 -12.806 1.00 55.40 ?  74  GLY A O   1 
ATOM   619  N  N   . ARG A 1 96  ? -1.435  -16.173 -10.921 1.00 50.58 ?  75  ARG A N   1 
ATOM   620  C  CA  . ARG A 1 96  ? -2.649  -15.615 -11.495 1.00 54.80 ?  75  ARG A CA  1 
ATOM   621  C  C   . ARG A 1 96  ? -2.936  -14.252 -10.879 1.00 51.82 ?  75  ARG A C   1 
ATOM   622  O  O   . ARG A 1 96  ? -2.362  -13.853 -9.867  1.00 46.70 ?  75  ARG A O   1 
ATOM   623  C  CB  . ARG A 1 96  ? -3.837  -16.568 -11.294 1.00 50.72 ?  75  ARG A CB  1 
ATOM   624  N  N   . ARG A 1 97  ? -3.838  -13.521 -11.505 1.00 45.29 ?  76  ARG A N   1 
ATOM   625  C  CA  . ARG A 1 97  ? -4.213  -12.204 -11.023 1.00 42.49 ?  76  ARG A CA  1 
ATOM   626  C  C   . ARG A 1 97  ? -5.527  -12.371 -10.256 1.00 44.36 ?  76  ARG A C   1 
ATOM   627  O  O   . ARG A 1 97  ? -6.617  -12.335 -10.825 1.00 52.24 ?  76  ARG A O   1 
ATOM   628  C  CB  . ARG A 1 97  ? -4.309  -11.257 -12.217 1.00 37.32 ?  76  ARG A CB  1 
ATOM   629  C  CG  . ARG A 1 97  ? -5.373  -10.144 -12.144 1.00 52.31 ?  76  ARG A CG  1 
ATOM   630  C  CD  . ARG A 1 97  ? -5.054  -8.938  -13.002 1.00 62.45 ?  76  ARG A CD  1 
ATOM   631  N  NE  . ARG A 1 97  ? -5.834  -7.775  -12.558 1.00 65.25 ?  76  ARG A NE  1 
ATOM   632  C  CZ  . ARG A 1 97  ? -5.960  -6.628  -13.233 1.00 70.08 ?  76  ARG A CZ  1 
ATOM   633  N  NH1 . ARG A 1 97  ? -5.330  -6.474  -14.400 1.00 70.30 ?  76  ARG A NH1 1 
ATOM   634  N  NH2 . ARG A 1 97  ? -6.709  -5.629  -12.746 1.00 64.97 ?  76  ARG A NH2 1 
ATOM   635  N  N   . GLU A 1 98  ? -5.413  -12.672 -8.959  1.00 42.08 ?  77  GLU A N   1 
ATOM   636  C  CA  . GLU A 1 98  ? -6.582  -12.791 -8.099  1.00 40.28 ?  77  GLU A CA  1 
ATOM   637  C  C   . GLU A 1 98  ? -6.936  -11.429 -7.504  1.00 40.18 ?  77  GLU A C   1 
ATOM   638  O  O   . GLU A 1 98  ? -6.152  -10.472 -7.548  1.00 36.86 ?  77  GLU A O   1 
ATOM   639  C  CB  . GLU A 1 98  ? -6.357  -13.807 -6.973  1.00 41.18 ?  77  GLU A CB  1 
ATOM   640  C  CG  . GLU A 1 98  ? -6.452  -15.285 -7.369  1.00 48.10 ?  77  GLU A CG  1 
ATOM   641  C  CD  . GLU A 1 98  ? -6.578  -16.221 -6.158  1.00 52.21 ?  77  GLU A CD  1 
ATOM   642  O  OE1 . GLU A 1 98  ? -6.322  -17.435 -6.315  1.00 55.07 ?  77  GLU A OE1 1 
ATOM   643  O  OE2 . GLU A 1 98  ? -6.952  -15.749 -5.055  1.00 48.44 ?  77  GLU A OE2 1 
ATOM   644  N  N   . ARG A 1 99  ? -8.151  -11.334 -6.967  1.00 35.20 ?  78  ARG A N   1 
ATOM   645  C  CA  . ARG A 1 99  ? -8.599  -10.138 -6.264  1.00 26.79 ?  78  ARG A CA  1 
ATOM   646  C  C   . ARG A 1 99  ? -9.126  -10.564 -4.901  1.00 31.92 ?  78  ARG A C   1 
ATOM   647  O  O   . ARG A 1 99  ? -9.839  -11.565 -4.796  1.00 40.66 ?  78  ARG A O   1 
ATOM   648  C  CB  . ARG A 1 99  ? -9.666  -9.394  -7.070  1.00 24.73 ?  78  ARG A CB  1 
ATOM   649  C  CG  . ARG A 1 99  ? -10.425 -8.322  -6.313  1.00 30.88 ?  78  ARG A CG  1 
ATOM   650  C  CD  . ARG A 1 99  ? -11.563 -7.719  -7.155  1.00 29.89 ?  78  ARG A CD  1 
ATOM   651  N  NE  . ARG A 1 99  ? -12.638 -7.156  -6.333  1.00 28.47 ?  78  ARG A NE  1 
ATOM   652  C  CZ  . ARG A 1 99  ? -13.261 -5.989  -6.570  1.00 35.59 ?  78  ARG A CZ  1 
ATOM   653  N  NH1 . ARG A 1 99  ? -12.932 -5.232  -7.624  1.00 30.43 ?  78  ARG A NH1 1 
ATOM   654  N  NH2 . ARG A 1 99  ? -14.233 -5.574  -5.746  1.00 29.47 ?  78  ARG A NH2 1 
ATOM   655  N  N   . ALA A 1 100 ? -8.717  -9.854  -3.851  1.00 27.87 ?  79  ALA A N   1 
ATOM   656  C  CA  . ALA A 1 100 ? -9.210  -10.082 -2.497  1.00 27.56 ?  79  ALA A CA  1 
ATOM   657  C  C   . ALA A 1 100 ? -9.964  -8.836  -2.072  1.00 26.50 ?  79  ALA A C   1 
ATOM   658  O  O   . ALA A 1 100 ? -9.393  -7.739  -2.073  1.00 25.36 ?  79  ALA A O   1 
ATOM   659  C  CB  . ALA A 1 100 ? -8.062  -10.388 -1.525  1.00 22.54 ?  79  ALA A CB  1 
ATOM   660  N  N   . ASP A 1 101 ? -11.245 -8.988  -1.730  1.00 26.72 ?  80  ASP A N   1 
ATOM   661  C  CA  . ASP A 1 101 ? -12.073 -7.837  -1.367  1.00 32.05 ?  80  ASP A CA  1 
ATOM   662  C  C   . ASP A 1 101 ? -11.986 -7.531  0.127   1.00 26.32 ?  80  ASP A C   1 
ATOM   663  O  O   . ASP A 1 101 ? -11.956 -8.435  0.966   1.00 22.86 ?  80  ASP A O   1 
ATOM   664  C  CB  . ASP A 1 101 ? -13.528 -8.068  -1.772  1.00 32.83 ?  80  ASP A CB  1 
ATOM   665  C  CG  . ASP A 1 101 ? -13.750 -7.835  -3.253  1.00 32.13 ?  80  ASP A CG  1 
ATOM   666  O  OD1 . ASP A 1 101 ? -13.404 -8.739  -4.044  1.00 38.43 ?  80  ASP A OD1 1 
ATOM   667  O  OD2 . ASP A 1 101 ? -14.256 -6.752  -3.630  1.00 27.54 ?  80  ASP A OD2 1 
ATOM   668  N  N   . LEU A 1 102 ? -11.899 -6.251  0.448   1.00 22.45 ?  81  LEU A N   1 
ATOM   669  C  CA  . LEU A 1 102 ? -11.913 -5.807  1.841   1.00 23.04 ?  81  LEU A CA  1 
ATOM   670  C  C   . LEU A 1 102 ? -13.234 -5.071  2.017   1.00 20.58 ?  81  LEU A C   1 
ATOM   671  O  O   . LEU A 1 102 ? -13.311 -3.855  1.830   1.00 19.29 ?  81  LEU A O   1 
ATOM   672  C  CB  . LEU A 1 102 ? -10.729 -4.922  2.176   1.00 15.34 ?  81  LEU A CB  1 
ATOM   673  C  CG  . LEU A 1 102 ? -9.334  -5.529  2.046   1.00 19.33 ?  81  LEU A CG  1 
ATOM   674  C  CD1 . LEU A 1 102 ? -8.283  -4.530  2.561   1.00 16.91 ?  81  LEU A CD1 1 
ATOM   675  C  CD2 . LEU A 1 102 ? -9.269  -6.828  2.786   1.00 10.88 ?  81  LEU A CD2 1 
ATOM   676  N  N   . LYS A 1 103 ? -14.289 -5.829  2.307   1.00 22.22 ?  82  LYS A N   1 
ATOM   677  C  CA  . LYS A 1 103 ? -15.563 -5.202  2.613   1.00 24.18 ?  82  LYS A CA  1 
ATOM   678  C  C   . LYS A 1 103 ? -15.536 -4.678  4.031   1.00 20.26 ?  82  LYS A C   1 
ATOM   679  O  O   . LYS A 1 103 ? -14.778 -5.155  4.874   1.00 19.71 ?  82  LYS A O   1 
ATOM   680  C  CB  . LYS A 1 103 ? -16.734 -6.177  2.443   1.00 24.22 ?  82  LYS A CB  1 
ATOM   681  C  CG  . LYS A 1 103 ? -16.733 -6.968  1.142   1.00 29.60 ?  82  LYS A CG  1 
ATOM   682  C  CD  . LYS A 1 103 ? -17.770 -8.098  1.174   1.00 37.57 ?  82  LYS A CD  1 
ATOM   683  C  CE  . LYS A 1 103 ? -17.248 -9.347  1.905   1.00 37.09 ?  82  LYS A CE  1 
ATOM   684  N  NZ  . LYS A 1 103 ? -16.022 -9.996  1.307   1.00 37.87 ?  82  LYS A NZ  1 
ATOM   685  N  N   . GLU A 1 104 ? -16.362 -3.681  4.287   1.00 21.65 ?  83  GLU A N   1 
ATOM   686  C  CA  . GLU A 1 104 ? -16.440 -3.113  5.619   1.00 22.38 ?  83  GLU A CA  1 
ATOM   687  C  C   . GLU A 1 104 ? -16.630 -4.200  6.672   1.00 23.60 ?  83  GLU A C   1 
ATOM   688  O  O   . GLU A 1 104 ? -17.559 -5.015  6.578   1.00 18.83 ?  83  GLU A O   1 
ATOM   689  C  CB  . GLU A 1 104 ? -17.586 -2.109  5.670   1.00 23.05 ?  83  GLU A CB  1 
ATOM   690  C  CG  . GLU A 1 104 ? -17.859 -1.634  7.062   1.00 20.36 ?  83  GLU A CG  1 
ATOM   691  C  CD  . GLU A 1 104 ? -18.764 -0.445  7.071   1.00 26.37 ?  83  GLU A CD  1 
ATOM   692  O  OE1 . GLU A 1 104 ? -18.407 0.553   6.407   1.00 27.83 ?  83  GLU A OE1 1 
ATOM   693  O  OE2 . GLU A 1 104 ? -19.819 -0.502  7.748   1.00 32.49 ?  83  GLU A OE2 1 
ATOM   694  N  N   . GLY A 1 105 ? -15.727 -4.226  7.669   1.00 21.63 ?  84  GLY A N   1 
ATOM   695  C  CA  . GLY A 1 105 ? -15.747 -5.228  8.722   1.00 18.82 ?  84  GLY A CA  1 
ATOM   696  C  C   . GLY A 1 105 ? -14.774 -6.369  8.528   1.00 21.56 ?  84  GLY A C   1 
ATOM   697  O  O   . GLY A 1 105 ? -14.524 -7.124  9.480   1.00 21.15 ?  84  GLY A O   1 
ATOM   698  N  N   . ASP A 1 106 ? -14.205 -6.504  7.333   1.00 19.18 ?  85  ASP A N   1 
ATOM   699  C  CA  . ASP A 1 106 ? -13.245 -7.562  7.080   1.00 19.06 ?  85  ASP A CA  1 
ATOM   700  C  C   . ASP A 1 106 ? -11.918 -7.266  7.757   1.00 16.38 ?  85  ASP A C   1 
ATOM   701  O  O   . ASP A 1 106 ? -11.503 -6.107  7.879   1.00 12.34 ?  85  ASP A O   1 
ATOM   702  C  CB  . ASP A 1 106 ? -12.990 -7.725  5.579   1.00 22.85 ?  85  ASP A CB  1 
ATOM   703  C  CG  . ASP A 1 106 ? -14.186 -8.271  4.826   1.00 24.53 ?  85  ASP A CG  1 
ATOM   704  O  OD1 . ASP A 1 106 ? -15.237 -8.528  5.436   1.00 28.08 ?  85  ASP A OD1 1 
ATOM   705  O  OD2 . ASP A 1 106 ? -14.076 -8.416  3.595   1.00 31.67 ?  85  ASP A OD2 1 
ATOM   706  N  N   . ILE A 1 107 ? -11.266 -8.339  8.194   1.00 15.67 ?  86  ILE A N   1 
ATOM   707  C  CA  . ILE A 1 107 ? -9.862  -8.373  8.564   1.00 18.72 ?  86  ILE A CA  1 
ATOM   708  C  C   . ILE A 1 107 ? -9.179  -9.409  7.684   1.00 18.86 ?  86  ILE A C   1 
ATOM   709  O  O   . ILE A 1 107 ? -9.814  -10.308 7.126   1.00 18.97 ?  86  ILE A O   1 
ATOM   710  C  CB  . ILE A 1 107 ? -9.619  -8.709  10.053  1.00 17.25 ?  86  ILE A CB  1 
ATOM   711  C  CG1 . ILE A 1 107 ? -10.317 -10.011 10.423  1.00 16.81 ?  86  ILE A CG1 1 
ATOM   712  C  CG2 . ILE A 1 107 ? -10.065 -7.575  10.936  1.00 19.71 ?  86  ILE A CG2 1 
ATOM   713  C  CD1 . ILE A 1 107 ? -9.612  -10.719 11.536  1.00 19.38 ?  86  ILE A CD1 1 
ATOM   714  N  N   . PHE A 1 108 ? -7.859  -9.289  7.593   1.00 15.71 ?  87  PHE A N   1 
ATOM   715  C  CA  . PHE A 1 108 ? -7.071  -10.044 6.638   1.00 14.91 ?  87  PHE A CA  1 
ATOM   716  C  C   . PHE A 1 108 ? -5.627  -9.982  7.106   1.00 15.95 ?  87  PHE A C   1 
ATOM   717  O  O   . PHE A 1 108 ? -5.200  -8.957  7.650   1.00 16.27 ?  87  PHE A O   1 
ATOM   718  C  CB  . PHE A 1 108 ? -7.250  -9.422  5.248   1.00 19.00 ?  87  PHE A CB  1 
ATOM   719  C  CG  . PHE A 1 108 ? -6.491  -10.100 4.151   1.00 17.87 ?  87  PHE A CG  1 
ATOM   720  C  CD1 . PHE A 1 108 ? -6.604  -11.461 3.939   1.00 19.92 ?  87  PHE A CD1 1 
ATOM   721  C  CD2 . PHE A 1 108 ? -5.718  -9.353  3.282   1.00 18.55 ?  87  PHE A CD2 1 
ATOM   722  C  CE1 . PHE A 1 108 ? -5.923  -12.072 2.905   1.00 20.48 ?  87  PHE A CE1 1 
ATOM   723  C  CE2 . PHE A 1 108 ? -5.022  -9.959  2.247   1.00 18.05 ?  87  PHE A CE2 1 
ATOM   724  C  CZ  . PHE A 1 108 ? -5.123  -11.319 2.059   1.00 19.49 ?  87  PHE A CZ  1 
ATOM   725  N  N   . LEU A 1 109 ? -4.894  -11.079 6.933   1.00 13.54 ?  88  LEU A N   1 
ATOM   726  C  CA  . LEU A 1 109 ? -3.467  -11.121 7.213   1.00 14.98 ?  88  LEU A CA  1 
ATOM   727  C  C   . LEU A 1 109 ? -2.759  -11.550 5.932   1.00 14.73 ?  88  LEU A C   1 
ATOM   728  O  O   . LEU A 1 109 ? -2.903  -12.689 5.489   1.00 17.26 ?  88  LEU A O   1 
ATOM   729  C  CB  . LEU A 1 109 ? -3.151  -12.062 8.372   1.00 12.59 ?  88  LEU A CB  1 
ATOM   730  C  CG  . LEU A 1 109 ? -1.695  -12.088 8.869   1.00 13.87 ?  88  LEU A CG  1 
ATOM   731  C  CD1 . LEU A 1 109 ? -1.240  -10.714 9.392   1.00 12.47 ?  88  LEU A CD1 1 
ATOM   732  C  CD2 . LEU A 1 109 ? -1.482  -13.176 9.936   1.00 13.52 ?  88  LEU A CD2 1 
ATOM   733  N  N   . LEU A 1 110 ? -1.990  -10.654 5.347   1.00 16.24 ?  89  LEU A N   1 
ATOM   734  C  CA  . LEU A 1 110 ? -1.270  -10.950 4.109   1.00 15.39 ?  89  LEU A CA  1 
ATOM   735  C  C   . LEU A 1 110 ? 0.062   -11.591 4.443   1.00 15.62 ?  89  LEU A C   1 
ATOM   736  O  O   . LEU A 1 110 ? 0.847   -10.997 5.198   1.00 15.70 ?  89  LEU A O   1 
ATOM   737  C  CB  . LEU A 1 110 ? -1.031  -9.682  3.311   1.00 14.97 ?  89  LEU A CB  1 
ATOM   738  C  CG  . LEU A 1 110 ? -0.494  -9.756  1.880   1.00 19.93 ?  89  LEU A CG  1 
ATOM   739  C  CD1 . LEU A 1 110 ? -1.355  -10.648 1.019   1.00 20.73 ?  89  LEU A CD1 1 
ATOM   740  C  CD2 . LEU A 1 110 ? -0.485  -8.371  1.292   1.00 16.61 ?  89  LEU A CD2 1 
ATOM   741  N  N   . PRO A 1 111 ? 0.374   -12.762 3.900   1.00 18.09 ?  90  PRO A N   1 
ATOM   742  C  CA  . PRO A 1 111 ? 1.686   -13.389 4.166   1.00 17.61 ?  90  PRO A CA  1 
ATOM   743  C  C   . PRO A 1 111 ? 2.806   -12.585 3.530   1.00 17.90 ?  90  PRO A C   1 
ATOM   744  O  O   . PRO A 1 111 ? 2.557   -11.752 2.639   1.00 16.32 ?  90  PRO A O   1 
ATOM   745  C  CB  . PRO A 1 111 ? 1.563   -14.781 3.522   1.00 14.79 ?  90  PRO A CB  1 
ATOM   746  C  CG  . PRO A 1 111 ? 0.129   -14.935 3.152   1.00 21.19 ?  90  PRO A CG  1 
ATOM   747  C  CD  . PRO A 1 111 ? -0.437  -13.548 2.960   1.00 18.31 ?  90  PRO A CD  1 
ATOM   748  N  N   . PRO A 1 112 ? 4.051   -12.788 3.968   1.00 15.78 ?  91  PRO A N   1 
ATOM   749  C  CA  . PRO A 1 112 ? 5.168   -12.057 3.360   1.00 18.09 ?  91  PRO A CA  1 
ATOM   750  C  C   . PRO A 1 112 ? 5.239   -12.313 1.862   1.00 20.30 ?  91  PRO A C   1 
ATOM   751  O  O   . PRO A 1 112 ? 4.997   -13.426 1.397   1.00 22.70 ?  91  PRO A O   1 
ATOM   752  C  CB  . PRO A 1 112 ? 6.399   -12.626 4.083   1.00 17.72 ?  91  PRO A CB  1 
ATOM   753  C  CG  . PRO A 1 112 ? 5.871   -13.150 5.371   1.00 15.74 ?  91  PRO A CG  1 
ATOM   754  C  CD  . PRO A 1 112 ? 4.503   -13.692 5.042   1.00 17.51 ?  91  PRO A CD  1 
ATOM   755  N  N   . HIS A 1 113 ? 5.545   -11.256 1.105   1.00 22.27 ?  92  HIS A N   1 
ATOM   756  C  CA  . HIS A 1 113 ? 5.955   -11.282 -0.304  1.00 21.67 ?  92  HIS A CA  1 
ATOM   757  C  C   . HIS A 1 113 ? 4.816   -11.550 -1.289  1.00 23.74 ?  92  HIS A C   1 
ATOM   758  O  O   . HIS A 1 113 ? 5.080   -11.639 -2.491  1.00 25.66 ?  92  HIS A O   1 
ATOM   759  C  CB  . HIS A 1 113 ? 7.088   -12.293 -0.576  1.00 19.87 ?  92  HIS A CB  1 
ATOM   760  C  CG  . HIS A 1 113 ? 8.393   -11.934 0.081   1.00 19.62 ?  92  HIS A CG  1 
ATOM   761  N  ND1 . HIS A 1 113 ? 9.024   -10.718 -0.114  1.00 20.77 ?  92  HIS A ND1 1 
ATOM   762  C  CD2 . HIS A 1 113 ? 9.170   -12.622 0.954   1.00 19.58 ?  92  HIS A CD2 1 
ATOM   763  C  CE1 . HIS A 1 113 ? 10.133  -10.677 0.605   1.00 21.00 ?  92  HIS A CE1 1 
ATOM   764  N  NE2 . HIS A 1 113 ? 10.245  -11.819 1.263   1.00 24.54 ?  92  HIS A NE2 1 
ATOM   765  N  N   . VAL A 1 114 ? 3.565   -11.665 -0.842  1.00 21.99 ?  93  VAL A N   1 
ATOM   766  C  CA  . VAL A 1 114 ? 2.462   -11.721 -1.793  1.00 16.37 ?  93  VAL A CA  1 
ATOM   767  C  C   . VAL A 1 114 ? 2.284   -10.343 -2.417  1.00 21.71 ?  93  VAL A C   1 
ATOM   768  O  O   . VAL A 1 114 ? 2.045   -9.356  -1.706  1.00 20.17 ?  93  VAL A O   1 
ATOM   769  C  CB  . VAL A 1 114 ? 1.165   -12.167 -1.118  1.00 16.62 ?  93  VAL A CB  1 
ATOM   770  C  CG1 . VAL A 1 114 ? 0.034   -12.097 -2.138  1.00 18.49 ?  93  VAL A CG1 1 
ATOM   771  C  CG2 . VAL A 1 114 ? 1.308   -13.550 -0.509  1.00 13.53 ?  93  VAL A CG2 1 
ATOM   772  N  N   . ARG A 1 115 ? 2.374   -10.265 -3.746  1.00 17.53 ?  94  ARG A N   1 
ATOM   773  C  CA  . ARG A 1 115 ? 2.284   -8.961  -4.388  1.00 20.18 ?  94  ARG A CA  1 
ATOM   774  C  C   . ARG A 1 115 ? 0.858   -8.449  -4.294  1.00 21.53 ?  94  ARG A C   1 
ATOM   775  O  O   . ARG A 1 115 ? -0.094  -9.201  -4.506  1.00 24.39 ?  94  ARG A O   1 
ATOM   776  C  CB  . ARG A 1 115 ? 2.731   -9.034  -5.853  1.00 24.61 ?  94  ARG A CB  1 
ATOM   777  C  CG  . ARG A 1 115 ? 3.998   -9.883  -6.110  1.00 24.26 ?  94  ARG A CG  1 
ATOM   778  C  CD  . ARG A 1 115 ? 5.148   -9.465  -5.251  1.00 21.84 ?  94  ARG A CD  1 
ATOM   779  N  NE  . ARG A 1 115 ? 6.440   -9.625  -5.909  1.00 21.73 ?  94  ARG A NE  1 
ATOM   780  C  CZ  . ARG A 1 115 ? 7.332   -10.543 -5.555  1.00 24.59 ?  94  ARG A CZ  1 
ATOM   781  N  NH1 . ARG A 1 115 ? 7.058   -11.375 -4.555  1.00 23.91 ?  94  ARG A NH1 1 
ATOM   782  N  NH2 . ARG A 1 115 ? 8.492   -10.634 -6.196  1.00 21.78 ?  94  ARG A NH2 1 
ATOM   783  N  N   . HIS A 1 116 ? 0.702   -7.161  -3.971  1.00 20.30 ?  95  HIS A N   1 
ATOM   784  C  CA  . HIS A 1 116 ? -0.632  -6.616  -3.745  1.00 22.69 ?  95  HIS A CA  1 
ATOM   785  C  C   . HIS A 1 116 ? -0.682  -5.142  -4.107  1.00 22.64 ?  95  HIS A C   1 
ATOM   786  O  O   . HIS A 1 116 ? 0.275   -4.393  -3.877  1.00 17.85 ?  95  HIS A O   1 
ATOM   787  C  CB  . HIS A 1 116 ? -1.087  -6.788  -2.292  1.00 20.52 ?  95  HIS A CB  1 
ATOM   788  C  CG  . HIS A 1 116 ? -0.110  -6.252  -1.305  1.00 20.46 ?  95  HIS A CG  1 
ATOM   789  N  ND1 . HIS A 1 116 ? 1.110   -6.846  -1.086  1.00 18.11 ?  95  HIS A ND1 1 
ATOM   790  C  CD2 . HIS A 1 116 ? -0.152  -5.163  -0.503  1.00 21.83 ?  95  HIS A CD2 1 
ATOM   791  C  CE1 . HIS A 1 116 ? 1.774   -6.153  -0.178  1.00 20.67 ?  95  HIS A CE1 1 
ATOM   792  N  NE2 . HIS A 1 116 ? 1.030   -5.129  0.192   1.00 19.65 ?  95  HIS A NE2 1 
ATOM   793  N  N   . SER A 1 117 ? -1.835  -4.736  -4.636  1.00 21.73 ?  96  SER A N   1 
ATOM   794  C  CA  . SER A 1 117 ? -2.049  -3.395  -5.170  1.00 22.61 ?  96  SER A CA  1 
ATOM   795  C  C   . SER A 1 117 ? -3.369  -2.872  -4.613  1.00 23.16 ?  96  SER A C   1 
ATOM   796  O  O   . SER A 1 117 ? -4.439  -3.105  -5.191  1.00 25.78 ?  96  SER A O   1 
ATOM   797  C  CB  . SER A 1 117 ? -2.043  -3.417  -6.698  1.00 21.43 ?  96  SER A CB  1 
ATOM   798  O  OG  . SER A 1 117 ? -2.016  -2.097  -7.203  1.00 24.37 ?  96  SER A OG  1 
ATOM   799  N  N   . PRO A 1 118 ? -3.330  -2.155  -3.493  1.00 23.14 ?  97  PRO A N   1 
ATOM   800  C  CA  . PRO A 1 118 ? -4.577  -1.753  -2.833  1.00 23.88 ?  97  PRO A CA  1 
ATOM   801  C  C   . PRO A 1 118 ? -5.324  -0.702  -3.634  1.00 24.91 ?  97  PRO A C   1 
ATOM   802  O  O   . PRO A 1 118 ? -4.772  0.342   -3.993  1.00 24.35 ?  97  PRO A O   1 
ATOM   803  C  CB  . PRO A 1 118 ? -4.105  -1.192  -1.487  1.00 18.89 ?  97  PRO A CB  1 
ATOM   804  C  CG  . PRO A 1 118 ? -2.710  -1.703  -1.350  1.00 25.57 ?  97  PRO A CG  1 
ATOM   805  C  CD  . PRO A 1 118 ? -2.156  -1.755  -2.710  1.00 20.90 ?  97  PRO A CD  1 
ATOM   806  N  N   . GLN A 1 119 ? -6.602  -0.982  -3.876  1.00 20.33 ?  98  GLN A N   1 
ATOM   807  C  CA  . GLN A 1 119 ? -7.517  -0.084  -4.560  1.00 21.55 ?  98  GLN A CA  1 
ATOM   808  C  C   . GLN A 1 119 ? -8.566  0.350   -3.551  1.00 19.41 ?  98  GLN A C   1 
ATOM   809  O  O   . GLN A 1 119 ? -9.256  -0.495  -2.963  1.00 19.17 ?  98  GLN A O   1 
ATOM   810  C  CB  . GLN A 1 119 ? -8.164  -0.779  -5.770  1.00 25.57 ?  98  GLN A CB  1 
ATOM   811  C  CG  . GLN A 1 119 ? -7.172  -1.512  -6.684  1.00 18.69 ?  98  GLN A CG  1 
ATOM   812  C  CD  . GLN A 1 119 ? -6.101  -0.578  -7.245  1.00 19.22 ?  98  GLN A CD  1 
ATOM   813  O  OE1 . GLN A 1 119 ? -6.362  0.596   -7.515  1.00 19.05 ?  98  GLN A OE1 1 
ATOM   814  N  NE2 . GLN A 1 119 ? -4.890  -1.095  -7.410  1.00 15.93 ?  98  GLN A NE2 1 
ATOM   815  N  N   . ARG A 1 120 ? -8.680  1.654   -3.348  1.00 18.81 ?  99  ARG A N   1 
ATOM   816  C  CA  . ARG A 1 120 ? -9.575  2.225   -2.351  1.00 16.72 ?  99  ARG A CA  1 
ATOM   817  C  C   . ARG A 1 120 ? -10.439 3.251   -3.063  1.00 20.27 ?  99  ARG A C   1 
ATOM   818  O  O   . ARG A 1 120 ? -10.124 4.446   -3.070  1.00 23.35 ?  99  ARG A O   1 
ATOM   819  C  CB  . ARG A 1 120 ? -8.781  2.839   -1.201  1.00 18.46 ?  99  ARG A CB  1 
ATOM   820  C  CG  . ARG A 1 120 ? -7.807  1.833   -0.632  1.00 20.37 ?  99  ARG A CG  1 
ATOM   821  C  CD  . ARG A 1 120 ? -7.241  2.192   0.731   1.00 21.47 ?  99  ARG A CD  1 
ATOM   822  N  NE  . ARG A 1 120 ? -6.527  1.026   1.249   1.00 18.85 ?  99  ARG A NE  1 
ATOM   823  C  CZ  . ARG A 1 120 ? -7.120  0.074   1.954   1.00 16.33 ?  99  ARG A CZ  1 
ATOM   824  N  NH1 . ARG A 1 120 ? -8.415  0.198   2.228   1.00 11.87 ?  99  ARG A NH1 1 
ATOM   825  N  NH2 . ARG A 1 120 ? -6.431  -0.985  2.387   1.00 16.10 ?  99  ARG A NH2 1 
ATOM   826  N  N   . PRO A 1 121 ? -11.539 2.820   -3.683  1.00 20.53 ?  100 PRO A N   1 
ATOM   827  C  CA  . PRO A 1 121 ? -12.309 3.754   -4.510  1.00 20.22 ?  100 PRO A CA  1 
ATOM   828  C  C   . PRO A 1 121 ? -13.207 4.679   -3.721  1.00 24.78 ?  100 PRO A C   1 
ATOM   829  O  O   . PRO A 1 121 ? -13.579 5.737   -4.251  1.00 25.33 ?  100 PRO A O   1 
ATOM   830  C  CB  . PRO A 1 121 ? -13.117 2.835   -5.429  1.00 20.59 ?  100 PRO A CB  1 
ATOM   831  C  CG  . PRO A 1 121 ? -13.112 1.507   -4.762  1.00 21.80 ?  100 PRO A CG  1 
ATOM   832  C  CD  . PRO A 1 121 ? -11.984 1.424   -3.819  1.00 17.44 ?  100 PRO A CD  1 
ATOM   833  N  N   . GLU A 1 122 ? -13.526 4.359   -2.470  1.00 21.37 ?  101 GLU A N   1 
ATOM   834  C  CA  . GLU A 1 122 ? -14.558 5.092   -1.743  1.00 25.66 ?  101 GLU A CA  1 
ATOM   835  C  C   . GLU A 1 122 ? -13.961 6.218   -0.911  1.00 27.44 ?  101 GLU A C   1 
ATOM   836  O  O   . GLU A 1 122 ? -13.073 5.989   -0.076  1.00 26.32 ?  101 GLU A O   1 
ATOM   837  C  CB  . GLU A 1 122 ? -15.348 4.164   -0.824  1.00 22.94 ?  101 GLU A CB  1 
ATOM   838  C  CG  . GLU A 1 122 ? -16.176 3.146   -1.537  1.00 24.75 ?  101 GLU A CG  1 
ATOM   839  C  CD  . GLU A 1 122 ? -16.900 2.235   -0.572  1.00 27.54 ?  101 GLU A CD  1 
ATOM   840  O  OE1 . GLU A 1 122 ? -17.293 1.132   -1.001  1.00 27.53 ?  101 GLU A OE1 1 
ATOM   841  O  OE2 . GLU A 1 122 ? -17.071 2.625   0.617   1.00 27.96 ?  101 GLU A OE2 1 
ATOM   842  N  N   . ALA A 1 123 ? -14.456 7.433   -1.137  1.00 23.89 ?  102 ALA A N   1 
ATOM   843  C  CA  . ALA A 1 123 ? -14.158 8.513   -0.214  1.00 24.81 ?  102 ALA A CA  1 
ATOM   844  C  C   . ALA A 1 123 ? -14.766 8.186   1.138   1.00 25.24 ?  102 ALA A C   1 
ATOM   845  O  O   . ALA A 1 123 ? -15.793 7.516   1.219   1.00 28.00 ?  102 ALA A O   1 
ATOM   846  C  CB  . ALA A 1 123 ? -14.707 9.838   -0.734  1.00 24.57 ?  102 ALA A CB  1 
ATOM   847  N  N   . GLY A 1 124 ? -14.113 8.648   2.203   1.00 25.10 ?  103 GLY A N   1 
ATOM   848  C  CA  . GLY A 1 124 ? -14.583 8.384   3.549   1.00 22.34 ?  103 GLY A CA  1 
ATOM   849  C  C   . GLY A 1 124 ? -14.355 6.979   4.058   1.00 17.25 ?  103 GLY A C   1 
ATOM   850  O  O   . GLY A 1 124 ? -14.810 6.663   5.156   1.00 17.32 ?  103 GLY A O   1 
ATOM   851  N  N   . SER A 1 125 ? -13.688 6.114   3.302   1.00 15.19 ?  104 SER A N   1 
ATOM   852  C  CA  . SER A 1 125 ? -13.399 4.791   3.829   1.00 19.44 ?  104 SER A CA  1 
ATOM   853  C  C   . SER A 1 125 ? -12.190 4.865   4.743   1.00 15.17 ?  104 SER A C   1 
ATOM   854  O  O   . SER A 1 125 ? -11.405 5.807   4.687   1.00 15.39 ?  104 SER A O   1 
ATOM   855  C  CB  . SER A 1 125 ? -13.146 3.786   2.698   1.00 16.61 ?  104 SER A CB  1 
ATOM   856  O  OG  . SER A 1 125 ? -12.173 4.310   1.819   1.00 14.60 ?  104 SER A OG  1 
ATOM   857  N  N   . ALA A 1 126 ? -12.049 3.864   5.607   1.00 17.82 ?  105 ALA A N   1 
ATOM   858  C  CA  . ALA A 1 126 ? -10.908 3.842   6.518   1.00 16.85 ?  105 ALA A CA  1 
ATOM   859  C  C   . ALA A 1 126 ? -10.519 2.407   6.791   1.00 13.12 ?  105 ALA A C   1 
ATOM   860  O  O   . ALA A 1 126 ? -11.344 1.601   7.240   1.00 15.10 ?  105 ALA A O   1 
ATOM   861  C  CB  . ALA A 1 126 ? -11.207 4.571   7.819   1.00 16.01 ?  105 ALA A CB  1 
ATOM   862  N  N   . CYS A 1 127 ? -9.260  2.095   6.530   1.00 13.02 ?  106 CYS A N   1 
ATOM   863  C  CA  . CYS A 1 127 ? -8.730  0.760   6.747   1.00 16.26 ?  106 CYS A CA  1 
ATOM   864  C  C   . CYS A 1 127 ? -7.556  0.861   7.712   1.00 15.52 ?  106 CYS A C   1 
ATOM   865  O  O   . CYS A 1 127 ? -6.619  1.637   7.483   1.00 15.42 ?  106 CYS A O   1 
ATOM   866  C  CB  . CYS A 1 127 ? -8.304  0.112   5.431   1.00 10.52 ?  106 CYS A CB  1 
ATOM   867  S  SG  . CYS A 1 127 ? -7.831  -1.600  5.621   1.00 10.46 ?  106 CYS A SG  1 
ATOM   868  N  N   . LEU A 1 128 ? -7.626  0.096   8.799   1.00 12.86 ?  107 LEU A N   1 
ATOM   869  C  CA  . LEU A 1 128 ? -6.507  -0.055  9.715   1.00 12.93 ?  107 LEU A CA  1 
ATOM   870  C  C   . LEU A 1 128 ? -5.504  -1.005  9.088   1.00 11.22 ?  107 LEU A C   1 
ATOM   871  O  O   . LEU A 1 128 ? -5.844  -2.157  8.822   1.00 11.56 ?  107 LEU A O   1 
ATOM   872  C  CB  . LEU A 1 128 ? -6.996  -0.599  11.051  1.00 13.77 ?  107 LEU A CB  1 
ATOM   873  C  CG  . LEU A 1 128 ? -5.925  -0.998  12.070  1.00 13.79 ?  107 LEU A CG  1 
ATOM   874  C  CD1 . LEU A 1 128 ? -5.111  0.219   12.493  1.00 10.91 ?  107 LEU A CD1 1 
ATOM   875  C  CD2 . LEU A 1 128 ? -6.586  -1.631  13.254  1.00 10.26 ?  107 LEU A CD2 1 
ATOM   876  N  N   . VAL A 1 129 ? -4.289  -0.525  8.823   1.00 10.37 ?  108 VAL A N   1 
ATOM   877  C  CA  . VAL A 1 129 ? -3.212  -1.358  8.291   1.00 16.56 ?  108 VAL A CA  1 
ATOM   878  C  C   . VAL A 1 129 ? -2.054  -1.337  9.274   1.00 15.87 ?  108 VAL A C   1 
ATOM   879  O  O   . VAL A 1 129 ? -1.634  -0.261  9.722   1.00 15.22 ?  108 VAL A O   1 
ATOM   880  C  CB  . VAL A 1 129 ? -2.745  -0.905  6.894   1.00 19.84 ?  108 VAL A CB  1 
ATOM   881  C  CG1 . VAL A 1 129 ? -1.547  -1.754  6.448   1.00 16.65 ?  108 VAL A CG1 1 
ATOM   882  C  CG2 . VAL A 1 129 ? -3.877  -1.039  5.897   1.00 17.23 ?  108 VAL A CG2 1 
ATOM   883  N  N   . ILE A 1 130 ? -1.542  -2.519  9.610   1.00 13.60 ?  109 ILE A N   1 
ATOM   884  C  CA  . ILE A 1 130 ? -0.500  -2.654  10.619  1.00 12.26 ?  109 ILE A CA  1 
ATOM   885  C  C   . ILE A 1 130 ? 0.634   -3.478  10.033  1.00 15.67 ?  109 ILE A C   1 
ATOM   886  O  O   . ILE A 1 130 ? 0.395   -4.530  9.430   1.00 14.32 ?  109 ILE A O   1 
ATOM   887  C  CB  . ILE A 1 130 ? -1.040  -3.304  11.898  1.00 11.61 ?  109 ILE A CB  1 
ATOM   888  C  CG1 . ILE A 1 130 ? -2.137  -2.426  12.499  1.00 8.60  ?  109 ILE A CG1 1 
ATOM   889  C  CG2 . ILE A 1 130 ? 0.091   -3.631  12.866  1.00 7.49  ?  109 ILE A CG2 1 
ATOM   890  C  CD1 . ILE A 1 130 ? -2.662  -2.950  13.828  1.00 6.99  ?  109 ILE A CD1 1 
ATOM   891  N  N   . GLU A 1 131 ? 1.859   -2.981  10.185  1.00 14.32 ?  110 GLU A N   1 
ATOM   892  C  CA  . GLU A 1 131 ? 3.051   -3.618  9.665   1.00 13.67 ?  110 GLU A CA  1 
ATOM   893  C  C   . GLU A 1 131 ? 4.181   -3.444  10.669  1.00 18.07 ?  110 GLU A C   1 
ATOM   894  O  O   . GLU A 1 131 ? 4.034   -2.775  11.707  1.00 15.29 ?  110 GLU A O   1 
ATOM   895  C  CB  . GLU A 1 131 ? 3.459   -3.013  8.314   1.00 16.45 ?  110 GLU A CB  1 
ATOM   896  C  CG  . GLU A 1 131 ? 2.392   -3.020  7.242   1.00 18.88 ?  110 GLU A CG  1 
ATOM   897  C  CD  . GLU A 1 131 ? 2.813   -2.242  5.991   1.00 27.73 ?  110 GLU A CD  1 
ATOM   898  O  OE1 . GLU A 1 131 ? 3.997   -1.836  5.899   1.00 23.87 ?  110 GLU A OE1 1 
ATOM   899  O  OE2 . GLU A 1 131 ? 1.953   -2.030  5.099   1.00 31.05 ?  110 GLU A OE2 1 
ATOM   900  N  N   . ARG A 1 132 ? 5.342   -3.991  10.302  1.00 20.03 ?  111 ARG A N   1 
ATOM   901  C  CA  . ARG A 1 132 ? 6.555   -3.987  11.113  1.00 22.40 ?  111 ARG A CA  1 
ATOM   902  C  C   . ARG A 1 132 ? 7.654   -3.160  10.454  1.00 21.47 ?  111 ARG A C   1 
ATOM   903  O  O   . ARG A 1 132 ? 7.890   -3.273  9.244   1.00 19.02 ?  111 ARG A O   1 
ATOM   904  C  CB  . ARG A 1 132 ? 7.094   -5.407  11.312  1.00 21.48 ?  111 ARG A CB  1 
ATOM   905  C  CG  . ARG A 1 132 ? 6.389   -6.239  12.341  1.00 24.37 ?  111 ARG A CG  1 
ATOM   906  C  CD  . ARG A 1 132 ? 7.035   -7.629  12.433  1.00 23.22 ?  111 ARG A CD  1 
ATOM   907  N  NE  . ARG A 1 132 ? 8.468   -7.488  12.603  1.00 20.67 ?  111 ARG A NE  1 
ATOM   908  C  CZ  . ARG A 1 132 ? 9.353   -8.464  12.443  1.00 22.12 ?  111 ARG A CZ  1 
ATOM   909  N  NH1 . ARG A 1 132 ? 8.967   -9.678  12.093  1.00 22.76 ?  111 ARG A NH1 1 
ATOM   910  N  NH2 . ARG A 1 132 ? 10.638  -8.213  12.633  1.00 25.29 ?  111 ARG A NH2 1 
ATOM   911  N  N   . GLN A 1 133 ? 8.337   -2.353  11.267  1.00 18.65 ?  112 GLN A N   1 
ATOM   912  C  CA  . GLN A 1 133 ? 9.612   -1.769  10.873  1.00 22.77 ?  112 GLN A CA  1 
ATOM   913  C  C   . GLN A 1 133 ? 10.536  -2.840  10.289  1.00 24.55 ?  112 GLN A C   1 
ATOM   914  O  O   . GLN A 1 133 ? 10.738  -3.894  10.892  1.00 24.64 ?  112 GLN A O   1 
ATOM   915  C  CB  . GLN A 1 133 ? 10.261  -1.125  12.099  1.00 23.70 ?  112 GLN A CB  1 
ATOM   916  C  CG  . GLN A 1 133 ? 11.229  -0.034  11.793  1.00 29.82 ?  112 GLN A CG  1 
ATOM   917  C  CD  . GLN A 1 133 ? 10.581  1.048   10.988  1.00 39.85 ?  112 GLN A CD  1 
ATOM   918  O  OE1 . GLN A 1 133 ? 11.006  1.352   9.858   1.00 45.53 ?  112 GLN A OE1 1 
ATOM   919  N  NE2 . GLN A 1 133 ? 9.515   1.629   11.547  1.00 37.14 ?  112 GLN A NE2 1 
ATOM   920  N  N   . ARG A 1 134 ? 11.081  -2.577  9.102   1.00 25.35 ?  113 ARG A N   1 
ATOM   921  C  CA  . ARG A 1 134 ? 11.929  -3.559  8.422   1.00 23.79 ?  113 ARG A CA  1 
ATOM   922  C  C   . ARG A 1 134 ? 13.360  -3.465  8.950   1.00 25.93 ?  113 ARG A C   1 
ATOM   923  O  O   . ARG A 1 134 ? 13.918  -2.364  9.013   1.00 27.32 ?  113 ARG A O   1 
ATOM   924  C  CB  . ARG A 1 134 ? 11.926  -3.333  6.900   1.00 25.57 ?  113 ARG A CB  1 
ATOM   925  C  CG  . ARG A 1 134 ? 10.758  -3.958  6.131   1.00 23.51 ?  113 ARG A CG  1 
ATOM   926  C  CD  . ARG A 1 134 ? 9.479   -3.248  6.491   1.00 25.58 ?  113 ARG A CD  1 
ATOM   927  N  NE  . ARG A 1 134 ? 8.546   -3.071  5.385   1.00 24.00 ?  113 ARG A NE  1 
ATOM   928  C  CZ  . ARG A 1 134 ? 7.269   -2.711  5.540   1.00 24.35 ?  113 ARG A CZ  1 
ATOM   929  N  NH1 . ARG A 1 134 ? 6.770   -2.512  6.769   1.00 17.25 ?  113 ARG A NH1 1 
ATOM   930  N  NH2 . ARG A 1 134 ? 6.488   -2.549  4.474   1.00 22.98 ?  113 ARG A NH2 1 
ATOM   931  N  N   . PRO A 1 135 ? 13.980  -4.583  9.332   1.00 24.45 ?  114 PRO A N   1 
ATOM   932  C  CA  . PRO A 1 135 ? 15.390  -4.546  9.735   1.00 28.83 ?  114 PRO A CA  1 
ATOM   933  C  C   . PRO A 1 135 ? 16.282  -4.192  8.559   1.00 29.46 ?  114 PRO A C   1 
ATOM   934  O  O   . PRO A 1 135 ? 15.982  -4.520  7.409   1.00 29.82 ?  114 PRO A O   1 
ATOM   935  C  CB  . PRO A 1 135 ? 15.679  -5.975  10.209  1.00 25.28 ?  114 PRO A CB  1 
ATOM   936  C  CG  . PRO A 1 135 ? 14.392  -6.722  10.127  1.00 25.95 ?  114 PRO A CG  1 
ATOM   937  C  CD  . PRO A 1 135 ? 13.449  -5.951  9.268   1.00 27.02 ?  114 PRO A CD  1 
ATOM   938  N  N   . ALA A 1 136 ? 17.389  -3.520  8.867   1.00 29.94 ?  115 ALA A N   1 
ATOM   939  C  CA  . ALA A 1 136 ? 18.373  -3.164  7.854   1.00 33.83 ?  115 ALA A CA  1 
ATOM   940  C  C   . ALA A 1 136 ? 18.691  -4.365  6.974   1.00 29.25 ?  115 ALA A C   1 
ATOM   941  O  O   . ALA A 1 136 ? 18.979  -5.455  7.472   1.00 29.73 ?  115 ALA A O   1 
ATOM   942  C  CB  . ALA A 1 136 ? 19.647  -2.645  8.529   1.00 27.79 ?  115 ALA A CB  1 
ATOM   943  N  N   . GLY A 1 137 ? 18.607  -4.169  5.659   1.00 29.07 ?  116 GLY A N   1 
ATOM   944  C  CA  . GLY A 1 137 ? 18.853  -5.237  4.709   1.00 29.47 ?  116 GLY A CA  1 
ATOM   945  C  C   . GLY A 1 137 ? 17.624  -6.010  4.273   1.00 31.90 ?  116 GLY A C   1 
ATOM   946  O  O   . GLY A 1 137 ? 17.724  -6.866  3.377   1.00 32.08 ?  116 GLY A O   1 
ATOM   947  N  N   . MET A 1 138 ? 16.473  -5.755  4.880   1.00 26.61 ?  117 MET A N   1 
ATOM   948  C  CA  . MET A 1 138 ? 15.222  -6.374  4.464   1.00 28.01 ?  117 MET A CA  1 
ATOM   949  C  C   . MET A 1 138 ? 14.500  -5.357  3.604   1.00 22.49 ?  117 MET A C   1 
ATOM   950  O  O   . MET A 1 138 ? 14.016  -4.342  4.113   1.00 29.21 ?  117 MET A O   1 
ATOM   951  C  CB  . MET A 1 138 ? 14.384  -6.770  5.672   1.00 30.60 ?  117 MET A CB  1 
ATOM   952  C  CG  . MET A 1 138 ? 13.458  -7.909  5.409   1.00 33.94 ?  117 MET A CG  1 
ATOM   953  S  SD  . MET A 1 138 ? 12.781  -8.473  6.970   1.00 41.45 ?  117 MET A SD  1 
ATOM   954  C  CE  . MET A 1 138 ? 13.949  -9.737  7.450   1.00 29.18 ?  117 MET A CE  1 
ATOM   955  N  N   . LEU A 1 139 ? 14.453  -5.608  2.305   1.00 23.46 ?  118 LEU A N   1 
ATOM   956  C  CA  . LEU A 1 139 ? 14.035  -4.593  1.353   1.00 26.15 ?  118 LEU A CA  1 
ATOM   957  C  C   . LEU A 1 139 ? 12.586  -4.827  0.942   1.00 22.44 ?  118 LEU A C   1 
ATOM   958  O  O   . LEU A 1 139 ? 12.140  -5.967  0.805   1.00 18.67 ?  118 LEU A O   1 
ATOM   959  C  CB  . LEU A 1 139 ? 14.943  -4.595  0.113   1.00 26.86 ?  118 LEU A CB  1 
ATOM   960  C  CG  . LEU A 1 139 ? 16.469  -4.449  0.268   1.00 27.22 ?  118 LEU A CG  1 
ATOM   961  C  CD1 . LEU A 1 139 ? 17.147  -4.109  -1.067  1.00 23.82 ?  118 LEU A CD1 1 
ATOM   962  C  CD2 . LEU A 1 139 ? 16.843  -3.437  1.323   1.00 24.08 ?  118 LEU A CD2 1 
ATOM   963  N  N   . ASP A 1 140 ? 11.859  -3.737  0.758   1.00 19.37 ?  119 ASP A N   1 
ATOM   964  C  CA  . ASP A 1 140 ? 10.567  -3.782  0.103   1.00 20.27 ?  119 ASP A CA  1 
ATOM   965  C  C   . ASP A 1 140 ? 10.734  -3.675  -1.404  1.00 23.78 ?  119 ASP A C   1 
ATOM   966  O  O   . ASP A 1 140 ? 11.657  -3.029  -1.906  1.00 24.59 ?  119 ASP A O   1 
ATOM   967  C  CB  . ASP A 1 140 ? 9.691   -2.646  0.607   1.00 21.56 ?  119 ASP A CB  1 
ATOM   968  C  CG  . ASP A 1 140 ? 9.184   -2.903  2.001   1.00 24.04 ?  119 ASP A CG  1 
ATOM   969  O  OD1 . ASP A 1 140 ? 10.040  -3.087  2.901   1.00 22.04 ?  119 ASP A OD1 1 
ATOM   970  O  OD2 . ASP A 1 140 ? 7.941   -2.947  2.180   1.00 22.66 ?  119 ASP A OD2 1 
ATOM   971  N  N   . GLY A 1 141 ? 9.815   -4.294  -2.129  1.00 23.56 ?  120 GLY A N   1 
ATOM   972  C  CA  . GLY A 1 141 ? 9.777   -4.200  -3.576  1.00 25.97 ?  120 GLY A CA  1 
ATOM   973  C  C   . GLY A 1 141 ? 8.520   -3.478  -4.022  1.00 27.14 ?  120 GLY A C   1 
ATOM   974  O  O   . GLY A 1 141 ? 7.467   -3.577  -3.384  1.00 26.62 ?  120 GLY A O   1 
ATOM   975  N  N   . PHE A 1 142 ? 8.631   -2.744  -5.124  1.00 27.01 ?  121 PHE A N   1 
ATOM   976  C  CA  . PHE A 1 142 ? 7.474   -2.135  -5.761  1.00 23.65 ?  121 PHE A CA  1 
ATOM   977  C  C   . PHE A 1 142 ? 7.537   -2.423  -7.250  1.00 27.46 ?  121 PHE A C   1 
ATOM   978  O  O   . PHE A 1 142 ? 8.453   -1.955  -7.931  1.00 27.67 ?  121 PHE A O   1 
ATOM   979  C  CB  . PHE A 1 142 ? 7.440   -0.645  -5.467  1.00 20.97 ?  121 PHE A CB  1 
ATOM   980  C  CG  . PHE A 1 142 ? 7.097   -0.347  -4.048  1.00 29.95 ?  121 PHE A CG  1 
ATOM   981  C  CD1 . PHE A 1 142 ? 8.100   -0.239  -3.082  1.00 28.11 ?  121 PHE A CD1 1 
ATOM   982  C  CD2 . PHE A 1 142 ? 5.769   -0.197  -3.656  1.00 27.78 ?  121 PHE A CD2 1 
ATOM   983  C  CE1 . PHE A 1 142 ? 7.785   0.032   -1.759  1.00 26.29 ?  121 PHE A CE1 1 
ATOM   984  C  CE2 . PHE A 1 142 ? 5.445   0.065   -2.329  1.00 28.35 ?  121 PHE A CE2 1 
ATOM   985  C  CZ  . PHE A 1 142 ? 6.454   0.171   -1.377  1.00 25.05 ?  121 PHE A CZ  1 
ATOM   986  N  N   . GLU A 1 143 ? 6.576   -3.201  -7.750  1.00 24.62 ?  122 GLU A N   1 
ATOM   987  C  CA  . GLU A 1 143 ? 6.599   -3.693  -9.122  1.00 26.43 ?  122 GLU A CA  1 
ATOM   988  C  C   . GLU A 1 143 ? 5.363   -3.263  -9.910  1.00 28.62 ?  122 GLU A C   1 
ATOM   989  O  O   . GLU A 1 143 ? 4.265   -3.110  -9.358  1.00 28.06 ?  122 GLU A O   1 
ATOM   990  C  CB  . GLU A 1 143 ? 6.686   -5.217  -9.161  1.00 21.59 ?  122 GLU A CB  1 
ATOM   991  C  CG  . GLU A 1 143 ? 7.622   -5.822  -8.159  1.00 21.83 ?  122 GLU A CG  1 
ATOM   992  C  CD  . GLU A 1 143 ? 7.538   -7.325  -8.152  1.00 24.75 ?  122 GLU A CD  1 
ATOM   993  O  OE1 . GLU A 1 143 ? 8.598   -7.991  -8.122  1.00 24.67 ?  122 GLU A OE1 1 
ATOM   994  O  OE2 . GLU A 1 143 ? 6.407   -7.854  -8.187  1.00 29.63 ?  122 GLU A OE2 1 
ATOM   995  N  N   . TRP A 1 144 ? 5.554   -3.100  -11.224 1.00 30.94 ?  123 TRP A N   1 
ATOM   996  C  CA  . TRP A 1 144 ? 4.468   -2.959  -12.184 1.00 27.13 ?  123 TRP A CA  1 
ATOM   997  C  C   . TRP A 1 144 ? 4.499   -4.111  -13.182 1.00 28.10 ?  123 TRP A C   1 
ATOM   998  O  O   . TRP A 1 144 ? 5.558   -4.661  -13.491 1.00 30.29 ?  123 TRP A O   1 
ATOM   999  C  CB  . TRP A 1 144 ? 4.551   -1.653  -12.935 1.00 25.35 ?  123 TRP A CB  1 
ATOM   1000 C  CG  . TRP A 1 144 ? 4.310   -0.461  -12.112 1.00 24.21 ?  123 TRP A CG  1 
ATOM   1001 C  CD1 . TRP A 1 144 ? 3.178   0.293   -12.088 1.00 24.76 ?  123 TRP A CD1 1 
ATOM   1002 C  CD2 . TRP A 1 144 ? 5.228   0.155   -11.205 1.00 23.00 ?  123 TRP A CD2 1 
ATOM   1003 N  NE1 . TRP A 1 144 ? 3.330   1.345   -11.221 1.00 24.98 ?  123 TRP A NE1 1 
ATOM   1004 C  CE2 . TRP A 1 144 ? 4.583   1.286   -10.666 1.00 27.36 ?  123 TRP A CE2 1 
ATOM   1005 C  CE3 . TRP A 1 144 ? 6.531   -0.132  -10.800 1.00 24.78 ?  123 TRP A CE3 1 
ATOM   1006 C  CZ2 . TRP A 1 144 ? 5.198   2.132   -9.734  1.00 28.05 ?  123 TRP A CZ2 1 
ATOM   1007 C  CZ3 . TRP A 1 144 ? 7.144   0.704   -9.876  1.00 24.43 ?  123 TRP A CZ3 1 
ATOM   1008 C  CH2 . TRP A 1 144 ? 6.474   1.822   -9.351  1.00 25.05 ?  123 TRP A CH2 1 
ATOM   1009 N  N   . TYR A 1 145 ? 3.324   -4.489  -13.669 1.00 25.96 ?  124 TYR A N   1 
ATOM   1010 C  CA  . TYR A 1 145 ? 3.191   -5.584  -14.617 1.00 31.96 ?  124 TYR A CA  1 
ATOM   1011 C  C   . TYR A 1 145 ? 2.467   -5.070  -15.853 1.00 32.56 ?  124 TYR A C   1 
ATOM   1012 O  O   . TYR A 1 145 ? 1.801   -4.028  -15.816 1.00 30.08 ?  124 TYR A O   1 
ATOM   1013 C  CB  . TYR A 1 145 ? 2.442   -6.771  -13.996 1.00 28.79 ?  124 TYR A CB  1 
ATOM   1014 C  CG  . TYR A 1 145 ? 3.248   -7.500  -12.944 1.00 34.05 ?  124 TYR A CG  1 
ATOM   1015 C  CD1 . TYR A 1 145 ? 3.407   -6.971  -11.657 1.00 30.86 ?  124 TYR A CD1 1 
ATOM   1016 C  CD2 . TYR A 1 145 ? 3.860   -8.720  -13.228 1.00 36.89 ?  124 TYR A CD2 1 
ATOM   1017 C  CE1 . TYR A 1 145 ? 4.157   -7.645  -10.688 1.00 29.43 ?  124 TYR A CE1 1 
ATOM   1018 C  CE2 . TYR A 1 145 ? 4.605   -9.406  -12.256 1.00 32.68 ?  124 TYR A CE2 1 
ATOM   1019 C  CZ  . TYR A 1 145 ? 4.744   -8.857  -10.998 1.00 29.70 ?  124 TYR A CZ  1 
ATOM   1020 O  OH  . TYR A 1 145 ? 5.475   -9.517  -10.051 1.00 30.29 ?  124 TYR A OH  1 
ATOM   1021 N  N   . CYS A 1 146 ? 2.610   -5.791  -16.965 1.00 35.70 ?  125 CYS A N   1 
ATOM   1022 C  CA  . CYS A 1 146 ? 2.066   -5.319  -18.236 1.00 39.66 ?  125 CYS A CA  1 
ATOM   1023 C  C   . CYS A 1 146 ? 0.643   -5.827  -18.451 1.00 39.45 ?  125 CYS A C   1 
ATOM   1024 O  O   . CYS A 1 146 ? 0.373   -7.025  -18.297 1.00 39.70 ?  125 CYS A O   1 
ATOM   1025 C  CB  . CYS A 1 146 ? 2.954   -5.745  -19.402 1.00 40.88 ?  125 CYS A CB  1 
ATOM   1026 S  SG  . CYS A 1 146 ? 2.406   -5.010  -20.967 1.00 44.09 ?  125 CYS A SG  1 
ATOM   1027 N  N   . ASP A 1 147 ? -0.262  -4.911  -18.818 1.00 39.20 ?  126 ASP A N   1 
ATOM   1028 C  CA  . ASP A 1 147 ? -1.653  -5.300  -19.046 1.00 45.10 ?  126 ASP A CA  1 
ATOM   1029 C  C   . ASP A 1 147 ? -1.761  -6.303  -20.178 1.00 49.56 ?  126 ASP A C   1 
ATOM   1030 O  O   . ASP A 1 147 ? -2.604  -7.205  -20.137 1.00 56.56 ?  126 ASP A O   1 
ATOM   1031 C  CB  . ASP A 1 147 ? -2.518  -4.085  -19.372 1.00 50.51 ?  126 ASP A CB  1 
ATOM   1032 C  CG  . ASP A 1 147 ? -2.468  -3.022  -18.298 1.00 66.10 ?  126 ASP A CG  1 
ATOM   1033 O  OD1 . ASP A 1 147 ? -2.124  -3.356  -17.136 1.00 64.60 ?  126 ASP A OD1 1 
ATOM   1034 O  OD2 . ASP A 1 147 ? -2.768  -1.847  -18.628 1.00 71.02 ?  126 ASP A OD2 1 
ATOM   1035 N  N   . ALA A 1 148 ? -0.919  -6.157  -21.202 1.00 48.59 ?  127 ALA A N   1 
ATOM   1036 C  CA  . ALA A 1 148 ? -0.993  -7.022  -22.372 1.00 48.55 ?  127 ALA A CA  1 
ATOM   1037 C  C   . ALA A 1 148 ? -0.429  -8.395  -22.045 1.00 43.75 ?  127 ALA A C   1 
ATOM   1038 O  O   . ALA A 1 148 ? -1.183  -9.366  -21.925 1.00 45.93 ?  127 ALA A O   1 
ATOM   1039 C  CB  . ALA A 1 148 ? -0.261  -6.392  -23.563 1.00 36.29 ?  127 ALA A CB  1 
ATOM   1040 N  N   . CYS A 1 149 ? 0.884   -8.492  -21.870 1.00 41.42 ?  128 CYS A N   1 
ATOM   1041 C  CA  . CYS A 1 149 ? 1.483   -9.815  -21.816 1.00 45.08 ?  128 CYS A CA  1 
ATOM   1042 C  C   . CYS A 1 149 ? 1.634   -10.359 -20.399 1.00 46.56 ?  128 CYS A C   1 
ATOM   1043 O  O   . CYS A 1 149 ? 1.873   -11.561 -20.241 1.00 48.27 ?  128 CYS A O   1 
ATOM   1044 C  CB  . CYS A 1 149 ? 2.826   -9.801  -22.557 1.00 45.90 ?  128 CYS A CB  1 
ATOM   1045 S  SG  . CYS A 1 149 ? 4.230   -9.173  -21.667 1.00 43.32 ?  128 CYS A SG  1 
ATOM   1046 N  N   . GLY A 1 150 ? 1.462   -9.527  -19.370 1.00 49.96 ?  129 GLY A N   1 
ATOM   1047 C  CA  . GLY A 1 150 ? 1.507   -9.982  -17.994 1.00 45.17 ?  129 GLY A CA  1 
ATOM   1048 C  C   . GLY A 1 150 ? 2.886   -10.044 -17.363 1.00 41.00 ?  129 GLY A C   1 
ATOM   1049 O  O   . GLY A 1 150 ? 2.978   -10.280 -16.154 1.00 41.58 ?  129 GLY A O   1 
ATOM   1050 N  N   . HIS A 1 151 ? 3.951   -9.858  -18.143 1.00 43.27 ?  130 HIS A N   1 
ATOM   1051 C  CA  . HIS A 1 151 ? 5.324   -9.910  -17.653 1.00 42.15 ?  130 HIS A CA  1 
ATOM   1052 C  C   . HIS A 1 151 ? 5.614   -8.728  -16.722 1.00 39.03 ?  130 HIS A C   1 
ATOM   1053 O  O   . HIS A 1 151 ? 4.934   -7.697  -16.751 1.00 31.70 ?  130 HIS A O   1 
ATOM   1054 C  CB  . HIS A 1 151 ? 6.291   -9.893  -18.847 1.00 46.69 ?  130 HIS A CB  1 
ATOM   1055 C  CG  . HIS A 1 151 ? 7.633   -10.522 -18.593 1.00 54.55 ?  130 HIS A CG  1 
ATOM   1056 N  ND1 . HIS A 1 151 ? 8.575   -9.973  -17.743 1.00 59.12 ?  130 HIS A ND1 1 
ATOM   1057 C  CD2 . HIS A 1 151 ? 8.208   -11.633 -19.120 1.00 58.67 ?  130 HIS A CD2 1 
ATOM   1058 C  CE1 . HIS A 1 151 ? 9.659   -10.730 -17.740 1.00 62.73 ?  130 HIS A CE1 1 
ATOM   1059 N  NE2 . HIS A 1 151 ? 9.463   -11.745 -18.566 1.00 65.10 ?  130 HIS A NE2 1 
ATOM   1060 N  N   . LEU A 1 152 ? 6.662   -8.883  -15.905 1.00 41.28 ?  131 LEU A N   1 
ATOM   1061 C  CA  . LEU A 1 152 ? 7.137   -7.807  -15.036 1.00 33.95 ?  131 LEU A CA  1 
ATOM   1062 C  C   . LEU A 1 152 ? 7.787   -6.685  -15.849 1.00 33.27 ?  131 LEU A C   1 
ATOM   1063 O  O   . LEU A 1 152 ? 8.735   -6.908  -16.603 1.00 32.61 ?  131 LEU A O   1 
ATOM   1064 C  CB  . LEU A 1 152 ? 8.122   -8.366  -14.018 1.00 31.97 ?  131 LEU A CB  1 
ATOM   1065 C  CG  . LEU A 1 152 ? 8.936   -7.382  -13.178 1.00 31.36 ?  131 LEU A CG  1 
ATOM   1066 C  CD1 . LEU A 1 152 ? 8.045   -6.484  -12.326 1.00 31.39 ?  131 LEU A CD1 1 
ATOM   1067 C  CD2 . LEU A 1 152 ? 9.912   -8.155  -12.299 1.00 23.51 ?  131 LEU A CD2 1 
ATOM   1068 N  N   . VAL A 1 153 ? 7.286   -5.472  -15.675 1.00 33.52 ?  132 VAL A N   1 
ATOM   1069 C  CA  . VAL A 1 153 ? 7.772   -4.314  -16.416 1.00 36.39 ?  132 VAL A CA  1 
ATOM   1070 C  C   . VAL A 1 153 ? 8.923   -3.628  -15.688 1.00 37.97 ?  132 VAL A C   1 
ATOM   1071 O  O   . VAL A 1 153 ? 9.907   -3.211  -16.308 1.00 35.36 ?  132 VAL A O   1 
ATOM   1072 C  CB  . VAL A 1 153 ? 6.594   -3.345  -16.655 1.00 32.87 ?  132 VAL A CB  1 
ATOM   1073 C  CG1 . VAL A 1 153 ? 7.084   -1.974  -17.087 1.00 32.83 ?  132 VAL A CG1 1 
ATOM   1074 C  CG2 . VAL A 1 153 ? 5.619   -3.925  -17.661 1.00 31.76 ?  132 VAL A CG2 1 
ATOM   1075 N  N   . HIS A 1 154 ? 8.827   -3.502  -14.367 1.00 31.46 ?  133 HIS A N   1 
ATOM   1076 C  CA  . HIS A 1 154 ? 9.797   -2.714  -13.623 1.00 31.89 ?  133 HIS A CA  1 
ATOM   1077 C  C   . HIS A 1 154 ? 9.689   -3.048  -12.145 1.00 33.86 ?  133 HIS A C   1 
ATOM   1078 O  O   . HIS A 1 154 ? 8.579   -3.237  -11.635 1.00 32.66 ?  133 HIS A O   1 
ATOM   1079 C  CB  . HIS A 1 154 ? 9.560   -1.222  -13.827 1.00 27.59 ?  133 HIS A CB  1 
ATOM   1080 C  CG  . HIS A 1 154 ? 10.602  -0.369  -13.191 1.00 33.64 ?  133 HIS A CG  1 
ATOM   1081 N  ND1 . HIS A 1 154 ? 11.939  -0.467  -13.520 1.00 31.73 ?  133 HIS A ND1 1 
ATOM   1082 C  CD2 . HIS A 1 154 ? 10.513  0.585   -12.234 1.00 29.64 ?  133 HIS A CD2 1 
ATOM   1083 C  CE1 . HIS A 1 154 ? 12.625  0.404   -12.803 1.00 34.53 ?  133 HIS A CE1 1 
ATOM   1084 N  NE2 . HIS A 1 154 ? 11.784  1.059   -12.021 1.00 32.14 ?  133 HIS A NE2 1 
ATOM   1085 N  N   . ARG A 1 155 ? 10.836  -3.111  -11.464 1.00 28.56 ?  134 ARG A N   1 
ATOM   1086 C  CA  . ARG A 1 155 ? 10.876  -3.383  -10.034 1.00 23.12 ?  134 ARG A CA  1 
ATOM   1087 C  C   . ARG A 1 155 ? 11.920  -2.494  -9.383  1.00 29.67 ?  134 ARG A C   1 
ATOM   1088 O  O   . ARG A 1 155 ? 13.066  -2.446  -9.837  1.00 35.28 ?  134 ARG A O   1 
ATOM   1089 C  CB  . ARG A 1 155 ? 11.186  -4.850  -9.741  1.00 26.11 ?  134 ARG A CB  1 
ATOM   1090 C  CG  . ARG A 1 155 ? 11.507  -5.131  -8.279  1.00 25.67 ?  134 ARG A CG  1 
ATOM   1091 C  CD  . ARG A 1 155 ? 11.733  -6.621  -8.008  1.00 30.36 ?  134 ARG A CD  1 
ATOM   1092 N  NE  . ARG A 1 155 ? 12.144  -6.874  -6.616  1.00 34.87 ?  134 ARG A NE  1 
ATOM   1093 C  CZ  . ARG A 1 155 ? 11.342  -7.306  -5.634  1.00 29.86 ?  134 ARG A CZ  1 
ATOM   1094 N  NH1 . ARG A 1 155 ? 10.053  -7.541  -5.860  1.00 21.96 ?  134 ARG A NH1 1 
ATOM   1095 N  NH2 . ARG A 1 155 ? 11.836  -7.502  -4.416  1.00 26.85 ?  134 ARG A NH2 1 
ATOM   1096 N  N   . VAL A 1 156 ? 11.516  -1.774  -8.340  1.00 29.17 ?  135 VAL A N   1 
ATOM   1097 C  CA  . VAL A 1 156 ? 12.419  -0.991  -7.505  1.00 23.67 ?  135 VAL A CA  1 
ATOM   1098 C  C   . VAL A 1 156 ? 12.423  -1.630  -6.128  1.00 28.48 ?  135 VAL A C   1 
ATOM   1099 O  O   . VAL A 1 156 ? 11.356  -1.872  -5.553  1.00 27.10 ?  135 VAL A O   1 
ATOM   1100 C  CB  . VAL A 1 156 ? 11.984  0.482   -7.417  1.00 26.17 ?  135 VAL A CB  1 
ATOM   1101 C  CG1 . VAL A 1 156 ? 13.096  1.336   -6.821  1.00 26.75 ?  135 VAL A CG1 1 
ATOM   1102 C  CG2 . VAL A 1 156 ? 11.568  1.014   -8.782  1.00 27.52 ?  135 VAL A CG2 1 
ATOM   1103 N  N   . GLU A 1 157 ? 13.604  -1.937  -5.611  1.00 26.24 ?  136 GLU A N   1 
ATOM   1104 C  CA  . GLU A 1 157 ? 13.723  -2.423  -4.247  1.00 24.20 ?  136 GLU A CA  1 
ATOM   1105 C  C   . GLU A 1 157 ? 14.180  -1.274  -3.375  1.00 22.15 ?  136 GLU A C   1 
ATOM   1106 O  O   . GLU A 1 157 ? 15.006  -0.461  -3.788  1.00 25.17 ?  136 GLU A O   1 
ATOM   1107 C  CB  . GLU A 1 157 ? 14.699  -3.584  -4.139  1.00 26.23 ?  136 GLU A CB  1 
ATOM   1108 C  CG  . GLU A 1 157 ? 14.268  -4.807  -4.898  1.00 27.01 ?  136 GLU A CG  1 
ATOM   1109 C  CD  . GLU A 1 157 ? 15.098  -5.998  -4.524  1.00 32.15 ?  136 GLU A CD  1 
ATOM   1110 O  OE1 . GLU A 1 157 ? 14.555  -7.126  -4.490  1.00 32.30 ?  136 GLU A OE1 1 
ATOM   1111 O  OE2 . GLU A 1 157 ? 16.301  -5.793  -4.248  1.00 34.93 ?  136 GLU A OE2 1 
ATOM   1112 N  N   . VAL A 1 158 ? 13.645  -1.211  -2.167  1.00 25.97 ?  137 VAL A N   1 
ATOM   1113 C  CA  . VAL A 1 158 ? 13.767  -0.016  -1.335  1.00 26.08 ?  137 VAL A CA  1 
ATOM   1114 C  C   . VAL A 1 158 ? 13.870  -0.445  0.132   1.00 24.80 ?  137 VAL A C   1 
ATOM   1115 O  O   . VAL A 1 158 ? 13.161  -1.350  0.587   1.00 24.71 ?  137 VAL A O   1 
ATOM   1116 C  CB  . VAL A 1 158 ? 12.579  0.947   -1.599  1.00 26.66 ?  137 VAL A CB  1 
ATOM   1117 C  CG1 . VAL A 1 158 ? 11.328  0.565   -0.800  1.00 28.84 ?  137 VAL A CG1 1 
ATOM   1118 C  CG2 . VAL A 1 158 ? 12.981  2.380   -1.338  1.00 27.51 ?  137 VAL A CG2 1 
ATOM   1119 N  N   . GLN A 1 159 ? 14.801  0.159   0.860   1.00 28.55 ?  138 GLN A N   1 
ATOM   1120 C  CA  . GLN A 1 159 ? 14.917  -0.059  2.297   1.00 26.54 ?  138 GLN A CA  1 
ATOM   1121 C  C   . GLN A 1 159 ? 13.961  0.938   2.918   1.00 26.77 ?  138 GLN A C   1 
ATOM   1122 O  O   . GLN A 1 159 ? 14.279  2.118   3.054   1.00 31.99 ?  138 GLN A O   1 
ATOM   1123 C  CB  . GLN A 1 159 ? 16.348  0.130   2.790   1.00 28.37 ?  138 GLN A CB  1 
ATOM   1124 C  CG  . GLN A 1 159 ? 16.494  0.187   4.305   1.00 26.05 ?  138 GLN A CG  1 
ATOM   1125 C  CD  . GLN A 1 159 ? 16.339  -1.174  4.930   1.00 28.22 ?  138 GLN A CD  1 
ATOM   1126 O  OE1 . GLN A 1 159 ? 17.063  -2.111  4.584   1.00 28.82 ?  138 GLN A OE1 1 
ATOM   1127 N  NE2 . GLN A 1 159 ? 15.382  -1.300  5.852   1.00 30.18 ?  138 GLN A NE2 1 
ATOM   1128 N  N   . LEU A 1 160 ? 12.776  0.465   3.279   1.00 31.40 ?  139 LEU A N   1 
ATOM   1129 C  CA  . LEU A 1 160 ? 11.664  1.351   3.602   1.00 35.06 ?  139 LEU A CA  1 
ATOM   1130 C  C   . LEU A 1 160 ? 11.852  1.918   4.998   1.00 37.72 ?  139 LEU A C   1 
ATOM   1131 O  O   . LEU A 1 160 ? 11.975  1.165   5.970   1.00 42.17 ?  139 LEU A O   1 
ATOM   1132 C  CB  . LEU A 1 160 ? 10.344  0.590   3.491   1.00 33.65 ?  139 LEU A CB  1 
ATOM   1133 C  CG  . LEU A 1 160 ? 9.063   1.414   3.414   1.00 37.47 ?  139 LEU A CG  1 
ATOM   1134 C  CD1 . LEU A 1 160 ? 9.340   2.698   2.675   1.00 41.30 ?  139 LEU A CD1 1 
ATOM   1135 C  CD2 . LEU A 1 160 ? 7.947   0.614   2.737   1.00 34.67 ?  139 LEU A CD2 1 
ATOM   1136 N  N   . LYS A 1 161 ? 11.932  3.239   5.087   1.00 38.25 ?  140 LYS A N   1 
ATOM   1137 C  CA  . LYS A 1 161 ? 11.906  3.925   6.364   1.00 36.56 ?  140 LYS A CA  1 
ATOM   1138 C  C   . LYS A 1 161 ? 10.616  4.682   6.586   1.00 42.79 ?  140 LYS A C   1 
ATOM   1139 O  O   . LYS A 1 161 ? 10.304  5.017   7.729   1.00 45.99 ?  140 LYS A O   1 
ATOM   1140 C  CB  . LYS A 1 161 ? 13.078  4.916   6.459   1.00 37.52 ?  140 LYS A CB  1 
ATOM   1141 C  CG  . LYS A 1 161 ? 14.436  4.240   6.681   1.00 45.80 ?  140 LYS A CG  1 
ATOM   1142 C  CD  . LYS A 1 161 ? 14.606  3.832   8.146   1.00 50.34 ?  140 LYS A CD  1 
ATOM   1143 C  CE  . LYS A 1 161 ? 15.026  2.349   8.304   1.00 53.71 ?  140 LYS A CE  1 
ATOM   1144 N  NZ  . LYS A 1 161 ? 16.485  2.073   8.051   1.00 50.30 ?  140 LYS A NZ  1 
ATOM   1145 N  N   . SER A 1 162 ? 9.845   4.922   5.529   1.00 52.26 ?  141 SER A N   1 
ATOM   1146 C  CA  . SER A 1 162 ? 8.749   5.882   5.572   1.00 53.56 ?  141 SER A CA  1 
ATOM   1147 C  C   . SER A 1 162 ? 7.579   5.326   4.757   1.00 54.11 ?  141 SER A C   1 
ATOM   1148 O  O   . SER A 1 162 ? 7.445   5.593   3.552   1.00 54.27 ?  141 SER A O   1 
ATOM   1149 C  CB  . SER A 1 162 ? 9.233   7.236   5.059   1.00 56.60 ?  141 SER A CB  1 
ATOM   1150 O  OG  . SER A 1 162 ? 8.169   7.926   4.445   1.00 61.05 ?  141 SER A OG  1 
ATOM   1151 N  N   . ILE A 1 163 ? 6.713   4.562   5.429   1.00 52.77 ?  142 ILE A N   1 
ATOM   1152 C  CA  . ILE A 1 163 ? 5.580   3.872   4.817   1.00 54.05 ?  142 ILE A CA  1 
ATOM   1153 C  C   . ILE A 1 163 ? 4.674   4.897   4.129   1.00 56.29 ?  142 ILE A C   1 
ATOM   1154 O  O   . ILE A 1 163 ? 3.858   4.557   3.255   1.00 55.53 ?  142 ILE A O   1 
ATOM   1155 C  CB  . ILE A 1 163 ? 4.835   3.015   5.880   1.00 52.67 ?  142 ILE A CB  1 
ATOM   1156 C  CG1 . ILE A 1 163 ? 5.453   1.612   5.971   1.00 47.46 ?  142 ILE A CG1 1 
ATOM   1157 C  CG2 . ILE A 1 163 ? 3.328   2.866   5.629   1.00 42.70 ?  142 ILE A CG2 1 
ATOM   1158 C  CD1 . ILE A 1 163 ? 5.040   0.711   4.796   1.00 39.88 ?  142 ILE A CD1 1 
ATOM   1159 N  N   . VAL A 1 164 ? 4.858   6.170   4.481   1.00 58.86 ?  143 VAL A N   1 
ATOM   1160 C  CA  . VAL A 1 164 ? 4.004   7.245   4.006   1.00 65.02 ?  143 VAL A CA  1 
ATOM   1161 C  C   . VAL A 1 164 ? 4.687   8.158   2.979   1.00 67.74 ?  143 VAL A C   1 
ATOM   1162 O  O   . VAL A 1 164 ? 3.998   8.692   2.100   1.00 67.26 ?  143 VAL A O   1 
ATOM   1163 C  CB  . VAL A 1 164 ? 3.477   8.067   5.208   1.00 60.24 ?  143 VAL A CB  1 
ATOM   1164 C  CG1 . VAL A 1 164 ? 2.500   9.154   4.746   1.00 62.70 ?  143 VAL A CG1 1 
ATOM   1165 C  CG2 . VAL A 1 164 ? 2.811   7.154   6.254   1.00 55.88 ?  143 VAL A CG2 1 
ATOM   1166 N  N   . THR A 1 165 ? 6.022   8.342   3.039   1.00 62.81 ?  144 THR A N   1 
ATOM   1167 C  CA  . THR A 1 165 ? 6.685   9.365   2.227   1.00 60.99 ?  144 THR A CA  1 
ATOM   1168 C  C   . THR A 1 165 ? 7.837   8.884   1.346   1.00 60.97 ?  144 THR A C   1 
ATOM   1169 O  O   . THR A 1 165 ? 8.416   9.711   0.629   1.00 62.71 ?  144 THR A O   1 
ATOM   1170 C  CB  . THR A 1 165 ? 7.242   10.486  3.119   1.00 63.02 ?  144 THR A CB  1 
ATOM   1171 O  OG1 . THR A 1 165 ? 8.547   10.103  3.578   1.00 55.86 ?  144 THR A OG1 1 
ATOM   1172 C  CG2 . THR A 1 165 ? 6.320   10.764  4.308   1.00 53.59 ?  144 THR A CG2 1 
ATOM   1173 N  N   . ASP A 1 166 ? 8.218   7.605   1.401   1.00 59.91 ?  145 ASP A N   1 
ATOM   1174 C  CA  . ASP A 1 166 ? 9.334   7.082   0.608   1.00 59.07 ?  145 ASP A CA  1 
ATOM   1175 C  C   . ASP A 1 166 ? 8.891   6.422   -0.696  1.00 53.96 ?  145 ASP A C   1 
ATOM   1176 O  O   . ASP A 1 166 ? 9.744   5.985   -1.481  1.00 49.91 ?  145 ASP A O   1 
ATOM   1177 C  CB  . ASP A 1 166 ? 10.155  6.083   1.438   1.00 54.59 ?  145 ASP A CB  1 
ATOM   1178 C  CG  . ASP A 1 166 ? 11.277  6.757   2.216   1.00 56.73 ?  145 ASP A CG  1 
ATOM   1179 O  OD1 . ASP A 1 166 ? 11.257  8.015   2.301   1.00 55.50 ?  145 ASP A OD1 1 
ATOM   1180 O  OD2 . ASP A 1 166 ? 12.172  6.030   2.730   1.00 50.64 ?  145 ASP A OD2 1 
ATOM   1181 N  N   . LEU A 1 167 ? 7.584   6.352   -0.938  1.00 52.97 ?  146 LEU A N   1 
ATOM   1182 C  CA  . LEU A 1 167 ? 6.968   5.688   -2.080  1.00 51.75 ?  146 LEU A CA  1 
ATOM   1183 C  C   . LEU A 1 167 ? 6.724   6.629   -3.266  1.00 48.27 ?  146 LEU A C   1 
ATOM   1184 O  O   . LEU A 1 167 ? 6.980   6.228   -4.409  1.00 44.48 ?  146 LEU A O   1 
ATOM   1185 C  CB  . LEU A 1 167 ? 5.644   5.019   -1.660  1.00 45.69 ?  146 LEU A CB  1 
ATOM   1186 C  CG  . LEU A 1 167 ? 5.609   4.114   -0.421  1.00 45.35 ?  146 LEU A CG  1 
ATOM   1187 C  CD1 . LEU A 1 167 ? 4.391   3.179   -0.429  1.00 46.30 ?  146 LEU A CD1 1 
ATOM   1188 C  CD2 . LEU A 1 167 ? 6.898   3.312   -0.287  1.00 49.80 ?  146 LEU A CD2 1 
ATOM   1189 N  N   . PRO A 1 168 ? 6.207   7.848   -3.070  1.00 51.16 ?  147 PRO A N   1 
ATOM   1190 C  CA  . PRO A 1 168 ? 5.813   8.680   -4.233  1.00 45.08 ?  147 PRO A CA  1 
ATOM   1191 C  C   . PRO A 1 168 ? 6.963   9.008   -5.176  1.00 41.84 ?  147 PRO A C   1 
ATOM   1192 O  O   . PRO A 1 168 ? 6.757   9.001   -6.400  1.00 40.16 ?  147 PRO A O   1 
ATOM   1193 C  CB  . PRO A 1 168 ? 5.230   9.935   -3.573  1.00 50.93 ?  147 PRO A CB  1 
ATOM   1194 C  CG  . PRO A 1 168 ? 4.596   9.384   -2.336  1.00 51.95 ?  147 PRO A CG  1 
ATOM   1195 C  CD  . PRO A 1 168 ? 5.624   8.398   -1.828  1.00 50.19 ?  147 PRO A CD  1 
ATOM   1196 N  N   . PRO A 1 169 ? 8.185   9.287   -4.689  1.00 41.34 ?  148 PRO A N   1 
ATOM   1197 C  CA  . PRO A 1 169 ? 9.284   9.504   -5.655  1.00 39.44 ?  148 PRO A CA  1 
ATOM   1198 C  C   . PRO A 1 169 ? 9.563   8.280   -6.510  1.00 38.91 ?  148 PRO A C   1 
ATOM   1199 O  O   . PRO A 1 169 ? 9.820   8.428   -7.712  1.00 36.14 ?  148 PRO A O   1 
ATOM   1200 C  CB  . PRO A 1 169 ? 10.494  9.850   -4.771  1.00 41.26 ?  148 PRO A CB  1 
ATOM   1201 C  CG  . PRO A 1 169 ? 9.906   10.231  -3.443  1.00 47.29 ?  148 PRO A CG  1 
ATOM   1202 C  CD  . PRO A 1 169 ? 8.657   9.432   -3.298  1.00 44.10 ?  148 PRO A CD  1 
ATOM   1203 N  N   . LEU A 1 170 ? 9.546   7.076   -5.914  1.00 40.06 ?  149 LEU A N   1 
ATOM   1204 C  CA  . LEU A 1 170 ? 9.533   5.823   -6.675  1.00 35.70 ?  149 LEU A CA  1 
ATOM   1205 C  C   . LEU A 1 170 ? 8.494   5.871   -7.768  1.00 35.79 ?  149 LEU A C   1 
ATOM   1206 O  O   . LEU A 1 170 ? 8.804   5.614   -8.936  1.00 38.53 ?  149 LEU A O   1 
ATOM   1207 C  CB  . LEU A 1 170 ? 9.216   4.625   -5.771  1.00 37.95 ?  149 LEU A CB  1 
ATOM   1208 C  CG  . LEU A 1 170 ? 10.194  3.702   -5.084  1.00 42.17 ?  149 LEU A CG  1 
ATOM   1209 C  CD1 . LEU A 1 170 ? 11.283  4.539   -4.486  1.00 41.55 ?  149 LEU A CD1 1 
ATOM   1210 C  CD2 . LEU A 1 170 ? 9.452   2.960   -3.975  1.00 40.35 ?  149 LEU A CD2 1 
ATOM   1211 N  N   . PHE A 1 171 ? 7.250   6.196   -7.389  1.00 37.24 ?  150 PHE A N   1 
ATOM   1212 C  CA  . PHE A 1 171 ? 6.156   6.194   -8.354  1.00 38.10 ?  150 PHE A CA  1 
ATOM   1213 C  C   . PHE A 1 171 ? 6.374   7.253   -9.431  1.00 34.32 ?  150 PHE A C   1 
ATOM   1214 O  O   . PHE A 1 171 ? 6.332   6.954   -10.633 1.00 35.61 ?  150 PHE A O   1 
ATOM   1215 C  CB  . PHE A 1 171 ? 4.817   6.427   -7.654  1.00 39.32 ?  150 PHE A CB  1 
ATOM   1216 C  CG  . PHE A 1 171 ? 4.451   5.368   -6.645  1.00 38.48 ?  150 PHE A CG  1 
ATOM   1217 C  CD1 . PHE A 1 171 ? 5.033   4.108   -6.688  1.00 30.44 ?  150 PHE A CD1 1 
ATOM   1218 C  CD2 . PHE A 1 171 ? 3.518   5.634   -5.641  1.00 36.11 ?  150 PHE A CD2 1 
ATOM   1219 C  CE1 . PHE A 1 171 ? 4.704   3.137   -5.745  1.00 27.95 ?  150 PHE A CE1 1 
ATOM   1220 C  CE2 . PHE A 1 171 ? 3.175   4.670   -4.708  1.00 32.72 ?  150 PHE A CE2 1 
ATOM   1221 C  CZ  . PHE A 1 171 ? 3.777   3.417   -4.753  1.00 30.85 ?  150 PHE A CZ  1 
ATOM   1222 N  N   . GLU A 1 172 ? 6.618   8.499   -9.015  1.00 30.13 ?  151 GLU A N   1 
ATOM   1223 C  CA  . GLU A 1 172 ? 6.812   9.589   -9.963  1.00 30.60 ?  151 GLU A CA  1 
ATOM   1224 C  C   . GLU A 1 172 ? 7.868   9.247   -11.005 1.00 33.33 ?  151 GLU A C   1 
ATOM   1225 O  O   . GLU A 1 172 ? 7.743   9.613   -12.180 1.00 35.00 ?  151 GLU A O   1 
ATOM   1226 C  CB  . GLU A 1 172 ? 7.205   10.857  -9.209  1.00 33.00 ?  151 GLU A CB  1 
ATOM   1227 C  CG  . GLU A 1 172 ? 6.039   11.690  -8.748  1.00 46.53 ?  151 GLU A CG  1 
ATOM   1228 C  CD  . GLU A 1 172 ? 6.413   13.158  -8.631  1.00 63.70 ?  151 GLU A CD  1 
ATOM   1229 O  OE1 . GLU A 1 172 ? 7.547   13.504  -9.048  1.00 65.88 ?  151 GLU A OE1 1 
ATOM   1230 O  OE2 . GLU A 1 172 ? 5.584   13.961  -8.133  1.00 61.23 ?  151 GLU A OE2 1 
ATOM   1231 N  N   . SER A 1 173 ? 8.916   8.530   -10.595 1.00 34.22 ?  152 SER A N   1 
ATOM   1232 C  CA  . SER A 1 173 ? 10.020  8.246   -11.498 1.00 35.73 ?  152 SER A CA  1 
ATOM   1233 C  C   . SER A 1 173 ? 9.676   7.117   -12.449 1.00 34.08 ?  152 SER A C   1 
ATOM   1234 O  O   . SER A 1 173 ? 10.238  7.041   -13.547 1.00 34.79 ?  152 SER A O   1 
ATOM   1235 C  CB  . SER A 1 173 ? 11.290  7.908   -10.707 1.00 35.22 ?  152 SER A CB  1 
ATOM   1236 O  OG  . SER A 1 173 ? 11.291  6.551   -10.286 1.00 35.16 ?  152 SER A OG  1 
ATOM   1237 N  N   . PHE A 1 174 ? 8.766   6.233   -12.044 1.00 32.13 ?  153 PHE A N   1 
ATOM   1238 C  CA  . PHE A 1 174 ? 8.238   5.265   -12.994 1.00 31.11 ?  153 PHE A CA  1 
ATOM   1239 C  C   . PHE A 1 174 ? 7.299   5.941   -13.992 1.00 31.21 ?  153 PHE A C   1 
ATOM   1240 O  O   . PHE A 1 174 ? 7.343   5.642   -15.188 1.00 33.48 ?  153 PHE A O   1 
ATOM   1241 C  CB  . PHE A 1 174 ? 7.534   4.146   -12.244 1.00 26.22 ?  153 PHE A CB  1 
ATOM   1242 C  CG  . PHE A 1 174 ? 6.858   3.146   -13.135 1.00 29.29 ?  153 PHE A CG  1 
ATOM   1243 C  CD1 . PHE A 1 174 ? 7.594   2.172   -13.784 1.00 25.38 ?  153 PHE A CD1 1 
ATOM   1244 C  CD2 . PHE A 1 174 ? 5.479   3.172   -13.311 1.00 28.89 ?  153 PHE A CD2 1 
ATOM   1245 C  CE1 . PHE A 1 174 ? 6.970   1.248   -14.572 1.00 25.42 ?  153 PHE A CE1 1 
ATOM   1246 C  CE2 . PHE A 1 174 ? 4.858   2.249   -14.120 1.00 24.83 ?  153 PHE A CE2 1 
ATOM   1247 C  CZ  . PHE A 1 174 ? 5.599   1.282   -14.736 1.00 24.80 ?  153 PHE A CZ  1 
ATOM   1248 N  N   . TYR A 1 175 ? 6.455   6.864   -13.522 1.00 29.94 ?  154 TYR A N   1 
ATOM   1249 C  CA  . TYR A 1 175 ? 5.540   7.551   -14.431 1.00 35.40 ?  154 TYR A CA  1 
ATOM   1250 C  C   . TYR A 1 175 ? 6.296   8.460   -15.394 1.00 36.74 ?  154 TYR A C   1 
ATOM   1251 O  O   . TYR A 1 175 ? 5.869   8.643   -16.543 1.00 35.47 ?  154 TYR A O   1 
ATOM   1252 C  CB  . TYR A 1 175 ? 4.496   8.366   -13.645 1.00 32.69 ?  154 TYR A CB  1 
ATOM   1253 C  CG  . TYR A 1 175 ? 3.666   7.558   -12.664 1.00 34.59 ?  154 TYR A CG  1 
ATOM   1254 C  CD1 . TYR A 1 175 ? 3.391   8.041   -11.383 1.00 34.99 ?  154 TYR A CD1 1 
ATOM   1255 C  CD2 . TYR A 1 175 ? 3.183   6.301   -13.012 1.00 35.93 ?  154 TYR A CD2 1 
ATOM   1256 C  CE1 . TYR A 1 175 ? 2.642   7.283   -10.476 1.00 40.94 ?  154 TYR A CE1 1 
ATOM   1257 C  CE2 . TYR A 1 175 ? 2.428   5.545   -12.130 1.00 40.69 ?  154 TYR A CE2 1 
ATOM   1258 C  CZ  . TYR A 1 175 ? 2.161   6.038   -10.859 1.00 45.43 ?  154 TYR A CZ  1 
ATOM   1259 O  OH  . TYR A 1 175 ? 1.413   5.281   -9.980  1.00 52.36 ?  154 TYR A OH  1 
ATOM   1260 N  N   . ALA A 1 176 ? 7.424   9.014   -14.953 1.00 31.61 ?  155 ALA A N   1 
ATOM   1261 C  CA  . ALA A 1 176 ? 8.218   9.924   -15.767 1.00 36.36 ?  155 ALA A CA  1 
ATOM   1262 C  C   . ALA A 1 176 ? 9.117   9.225   -16.785 1.00 36.98 ?  155 ALA A C   1 
ATOM   1263 O  O   . ALA A 1 176 ? 9.669   9.907   -17.657 1.00 37.53 ?  155 ALA A O   1 
ATOM   1264 C  CB  . ALA A 1 176 ? 9.090   10.811  -14.866 1.00 38.08 ?  155 ALA A CB  1 
ATOM   1265 N  N   . SER A 1 177 ? 9.291   7.906   -16.710 1.00 35.59 ?  156 SER A N   1 
ATOM   1266 C  CA  . SER A 1 177 ? 10.272  7.223   -17.551 1.00 32.50 ?  156 SER A CA  1 
ATOM   1267 C  C   . SER A 1 177 ? 9.590   6.197   -18.452 1.00 35.71 ?  156 SER A C   1 
ATOM   1268 O  O   . SER A 1 177 ? 9.244   5.088   -18.020 1.00 34.37 ?  156 SER A O   1 
ATOM   1269 C  CB  . SER A 1 177 ? 11.368  6.563   -16.716 1.00 34.42 ?  156 SER A CB  1 
ATOM   1270 O  OG  . SER A 1 177 ? 12.214  5.765   -17.552 1.00 37.03 ?  156 SER A OG  1 
ATOM   1271 N  N   . GLU A 1 178 ? 9.463   6.549   -19.722 1.00 36.98 ?  157 GLU A N   1 
ATOM   1272 C  CA  . GLU A 1 178 ? 8.951   5.601   -20.694 1.00 38.19 ?  157 GLU A CA  1 
ATOM   1273 C  C   . GLU A 1 178 ? 9.805   4.334   -20.755 1.00 36.65 ?  157 GLU A C   1 
ATOM   1274 O  O   . GLU A 1 178 ? 9.273   3.240   -20.988 1.00 33.71 ?  157 GLU A O   1 
ATOM   1275 C  CB  . GLU A 1 178 ? 8.867   6.295   -22.051 1.00 43.56 ?  157 GLU A CB  1 
ATOM   1276 C  CG  . GLU A 1 178 ? 8.217   5.469   -23.125 1.00 48.32 ?  157 GLU A CG  1 
ATOM   1277 C  CD  . GLU A 1 178 ? 7.844   6.304   -24.331 1.00 55.89 ?  157 GLU A CD  1 
ATOM   1278 O  OE1 . GLU A 1 178 ? 7.282   7.414   -24.139 1.00 53.07 ?  157 GLU A OE1 1 
ATOM   1279 O  OE2 . GLU A 1 178 ? 8.133   5.848   -25.464 1.00 55.65 ?  157 GLU A OE2 1 
ATOM   1280 N  N   . ASP A 1 179 ? 11.124  4.442   -20.538 1.00 40.60 ?  158 ASP A N   1 
ATOM   1281 C  CA  . ASP A 1 179 ? 11.966  3.244   -20.576 1.00 38.45 ?  158 ASP A CA  1 
ATOM   1282 C  C   . ASP A 1 179 ? 11.666  2.324   -19.399 1.00 35.98 ?  158 ASP A C   1 
ATOM   1283 O  O   . ASP A 1 179 ? 11.540  1.103   -19.566 1.00 30.17 ?  158 ASP A O   1 
ATOM   1284 C  CB  . ASP A 1 179 ? 13.457  3.608   -20.599 1.00 43.21 ?  158 ASP A CB  1 
ATOM   1285 C  CG  . ASP A 1 179 ? 14.344  2.425   -21.070 1.00 55.07 ?  158 ASP A CG  1 
ATOM   1286 O  OD1 . ASP A 1 179 ? 14.060  1.849   -22.153 1.00 55.71 ?  158 ASP A OD1 1 
ATOM   1287 O  OD2 . ASP A 1 179 ? 15.312  2.054   -20.354 1.00 52.68 ?  158 ASP A OD2 1 
ATOM   1288 N  N   . LYS A 1 180 ? 11.570  2.882   -18.194 1.00 32.80 ?  159 LYS A N   1 
ATOM   1289 C  CA  . LYS A 1 180 ? 11.191  2.044   -17.063 1.00 35.48 ?  159 LYS A CA  1 
ATOM   1290 C  C   . LYS A 1 180 ? 9.864   1.354   -17.325 1.00 34.85 ?  159 LYS A C   1 
ATOM   1291 O  O   . LYS A 1 180 ? 9.682   0.197   -16.938 1.00 32.37 ?  159 LYS A O   1 
ATOM   1292 C  CB  . LYS A 1 180 ? 11.099  2.878   -15.784 1.00 35.31 ?  159 LYS A CB  1 
ATOM   1293 C  CG  . LYS A 1 180 ? 12.420  3.235   -15.140 1.00 31.54 ?  159 LYS A CG  1 
ATOM   1294 C  CD  . LYS A 1 180 ? 12.185  4.283   -14.067 1.00 30.88 ?  159 LYS A CD  1 
ATOM   1295 C  CE  . LYS A 1 180 ? 13.421  5.104   -13.795 1.00 29.31 ?  159 LYS A CE  1 
ATOM   1296 N  NZ  . LYS A 1 180 ? 14.537  4.258   -13.280 1.00 30.20 ?  159 LYS A NZ  1 
ATOM   1297 N  N   . ARG A 1 181 ? 8.946   2.037   -18.024 1.00 36.21 ?  160 ARG A N   1 
ATOM   1298 C  CA  . ARG A 1 181 ? 7.608   1.530   -18.312 1.00 34.29 ?  160 ARG A CA  1 
ATOM   1299 C  C   . ARG A 1 181 ? 7.547   0.585   -19.497 1.00 37.45 ?  160 ARG A C   1 
ATOM   1300 O  O   . ARG A 1 181 ? 6.483   0.000   -19.734 1.00 35.23 ?  160 ARG A O   1 
ATOM   1301 C  CB  . ARG A 1 181 ? 6.652   2.680   -18.586 1.00 31.13 ?  160 ARG A CB  1 
ATOM   1302 C  CG  . ARG A 1 181 ? 6.214   3.384   -17.339 1.00 31.34 ?  160 ARG A CG  1 
ATOM   1303 C  CD  . ARG A 1 181 ? 5.071   4.285   -17.655 1.00 35.17 ?  160 ARG A CD  1 
ATOM   1304 N  NE  . ARG A 1 181 ? 5.592   5.565   -18.083 1.00 37.81 ?  160 ARG A NE  1 
ATOM   1305 C  CZ  . ARG A 1 181 ? 5.079   6.280   -19.070 1.00 43.38 ?  160 ARG A CZ  1 
ATOM   1306 N  NH1 . ARG A 1 181 ? 4.013   5.830   -19.723 1.00 37.81 ?  160 ARG A NH1 1 
ATOM   1307 N  NH2 . ARG A 1 181 ? 5.637   7.448   -19.399 1.00 47.94 ?  160 ARG A NH2 1 
ATOM   1308 N  N   . ARG A 1 182 ? 8.633   0.429   -20.251 1.00 35.53 ?  161 ARG A N   1 
ATOM   1309 C  CA  . ARG A 1 182 ? 8.599   -0.410  -21.437 1.00 35.30 ?  161 ARG A CA  1 
ATOM   1310 C  C   . ARG A 1 182 ? 8.657   -1.874  -21.024 1.00 31.25 ?  161 ARG A C   1 
ATOM   1311 O  O   . ARG A 1 182 ? 9.602   -2.286  -20.349 1.00 34.39 ?  161 ARG A O   1 
ATOM   1312 C  CB  . ARG A 1 182 ? 9.750   -0.057  -22.372 1.00 39.84 ?  161 ARG A CB  1 
ATOM   1313 C  CG  . ARG A 1 182 ? 9.755   -0.864  -23.677 1.00 38.52 ?  161 ARG A CG  1 
ATOM   1314 C  CD  . ARG A 1 182 ? 10.722  -0.298  -24.720 1.00 35.56 ?  161 ARG A CD  1 
ATOM   1315 N  NE  . ARG A 1 182 ? 10.283  1.027   -25.157 1.00 35.19 ?  161 ARG A NE  1 
ATOM   1316 C  CZ  . ARG A 1 182 ? 10.851  2.160   -24.753 1.00 40.15 ?  161 ARG A CZ  1 
ATOM   1317 N  NH1 . ARG A 1 182 ? 11.892  2.110   -23.927 1.00 36.75 ?  161 ARG A NH1 1 
ATOM   1318 N  NH2 . ARG A 1 182 ? 10.387  3.335   -25.178 1.00 41.94 ?  161 ARG A NH2 1 
ATOM   1319 N  N   . CYS A 1 183 ? 7.653   -2.652  -21.423 1.00 33.30 ?  162 CYS A N   1 
ATOM   1320 C  CA  . CYS A 1 183 ? 7.676   -4.085  -21.155 1.00 37.50 ?  162 CYS A CA  1 
ATOM   1321 C  C   . CYS A 1 183 ? 8.845   -4.725  -21.893 1.00 41.89 ?  162 CYS A C   1 
ATOM   1322 O  O   . CYS A 1 183 ? 9.023   -4.478  -23.095 1.00 41.89 ?  162 CYS A O   1 
ATOM   1323 C  CB  . CYS A 1 183 ? 6.375   -4.761  -21.582 1.00 30.89 ?  162 CYS A CB  1 
ATOM   1324 S  SG  . CYS A 1 183 ? 6.399   -6.575  -21.326 1.00 31.09 ?  162 CYS A SG  1 
ATOM   1325 N  N   . PRO A 1 184 ? 9.661   -5.539  -21.223 1.00 40.27 ?  163 PRO A N   1 
ATOM   1326 C  CA  . PRO A 1 184 ? 10.778  -6.211  -21.889 1.00 36.58 ?  163 PRO A CA  1 
ATOM   1327 C  C   . PRO A 1 184 ? 10.402  -7.504  -22.588 1.00 46.65 ?  163 PRO A C   1 
ATOM   1328 O  O   . PRO A 1 184 ? 11.300  -8.238  -23.011 1.00 50.33 ?  163 PRO A O   1 
ATOM   1329 C  CB  . PRO A 1 184 ? 11.722  -6.504  -20.717 1.00 43.47 ?  163 PRO A CB  1 
ATOM   1330 C  CG  . PRO A 1 184 ? 10.773  -6.803  -19.578 1.00 38.40 ?  163 PRO A CG  1 
ATOM   1331 C  CD  . PRO A 1 184 ? 9.601   -5.861  -19.786 1.00 40.12 ?  163 PRO A CD  1 
ATOM   1332 N  N   . HIS A 1 185 ? 9.115   -7.818  -22.681 1.00 43.21 ?  164 HIS A N   1 
ATOM   1333 C  CA  . HIS A 1 185 ? 8.665   -9.034  -23.335 1.00 50.12 ?  164 HIS A CA  1 
ATOM   1334 C  C   . HIS A 1 185 ? 7.789   -8.771  -24.549 1.00 50.43 ?  164 HIS A C   1 
ATOM   1335 O  O   . HIS A 1 185 ? 7.818   -9.557  -25.500 1.00 51.67 ?  164 HIS A O   1 
ATOM   1336 C  CB  . HIS A 1 185 ? 7.899   -9.921  -22.340 1.00 51.93 ?  164 HIS A CB  1 
ATOM   1337 C  CG  . HIS A 1 185 ? 7.564   -11.276 -22.877 1.00 53.21 ?  164 HIS A CG  1 
ATOM   1338 N  ND1 . HIS A 1 185 ? 6.421   -11.522 -23.606 1.00 58.36 ?  164 HIS A ND1 1 
ATOM   1339 C  CD2 . HIS A 1 185 ? 8.221   -12.457 -22.792 1.00 52.67 ?  164 HIS A CD2 1 
ATOM   1340 C  CE1 . HIS A 1 185 ? 6.385   -12.800 -23.944 1.00 58.87 ?  164 HIS A CE1 1 
ATOM   1341 N  NE2 . HIS A 1 185 ? 7.466   -13.389 -23.465 1.00 58.12 ?  164 HIS A NE2 1 
ATOM   1342 N  N   . CYS A 1 186 ? 7.027   -7.685  -24.546 1.00 42.95 ?  165 CYS A N   1 
ATOM   1343 C  CA  . CYS A 1 186 ? 6.185   -7.321  -25.669 1.00 44.25 ?  165 CYS A CA  1 
ATOM   1344 C  C   . CYS A 1 186 ? 6.368   -5.865  -26.082 1.00 48.65 ?  165 CYS A C   1 
ATOM   1345 O  O   . CYS A 1 186 ? 5.757   -5.434  -27.069 1.00 46.28 ?  165 CYS A O   1 
ATOM   1346 C  CB  . CYS A 1 186 ? 4.710   -7.583  -25.328 1.00 36.22 ?  165 CYS A CB  1 
ATOM   1347 S  SG  . CYS A 1 186 ? 3.927   -6.184  -24.495 1.00 52.63 ?  165 CYS A SG  1 
ATOM   1348 N  N   . GLY A 1 187 ? 7.164   -5.092  -25.344 1.00 43.49 ?  166 GLY A N   1 
ATOM   1349 C  CA  . GLY A 1 187 ? 7.452   -3.722  -25.701 1.00 44.54 ?  166 GLY A CA  1 
ATOM   1350 C  C   . GLY A 1 187 ? 6.357   -2.709  -25.432 1.00 39.57 ?  166 GLY A C   1 
ATOM   1351 O  O   . GLY A 1 187 ? 6.595   -1.517  -25.640 1.00 41.80 ?  166 GLY A O   1 
ATOM   1352 N  N   . GLN A 1 188 ? 5.170   -3.129  -24.989 1.00 40.52 ?  167 GLN A N   1 
ATOM   1353 C  CA  . GLN A 1 188 ? 4.101   -2.174  -24.709 1.00 40.23 ?  167 GLN A CA  1 
ATOM   1354 C  C   . GLN A 1 188 ? 4.500   -1.277  -23.543 1.00 37.46 ?  167 GLN A C   1 
ATOM   1355 O  O   . GLN A 1 188 ? 4.952   -1.766  -22.504 1.00 39.81 ?  167 GLN A O   1 
ATOM   1356 C  CB  . GLN A 1 188 ? 2.792   -2.904  -24.402 1.00 37.62 ?  167 GLN A CB  1 
ATOM   1357 C  CG  . GLN A 1 188 ? 1.732   -2.042  -23.714 1.00 38.55 ?  167 GLN A CG  1 
ATOM   1358 C  CD  . GLN A 1 188 ? 0.657   -1.525  -24.678 1.00 55.86 ?  167 GLN A CD  1 
ATOM   1359 O  OE1 . GLN A 1 188 ? 0.311   -2.177  -25.670 1.00 67.35 ?  167 GLN A OE1 1 
ATOM   1360 N  NE2 . GLN A 1 188 ? 0.131   -0.341  -24.388 1.00 55.03 ?  167 GLN A NE2 1 
ATOM   1361 N  N   . VAL A 1 189 ? 4.361   0.036   -23.722 1.00 32.88 ?  168 VAL A N   1 
ATOM   1362 C  CA  . VAL A 1 189 ? 4.709   0.974   -22.661 1.00 37.29 ?  168 VAL A CA  1 
ATOM   1363 C  C   . VAL A 1 189 ? 3.525   1.088   -21.707 1.00 39.77 ?  168 VAL A C   1 
ATOM   1364 O  O   . VAL A 1 189 ? 2.421   1.475   -22.108 1.00 39.90 ?  168 VAL A O   1 
ATOM   1365 C  CB  . VAL A 1 189 ? 5.108   2.348   -23.216 1.00 36.72 ?  168 VAL A CB  1 
ATOM   1366 C  CG1 . VAL A 1 189 ? 5.512   3.265   -22.080 1.00 37.88 ?  168 VAL A CG1 1 
ATOM   1367 C  CG2 . VAL A 1 189 ? 6.265   2.221   -24.202 1.00 41.06 ?  168 VAL A CG2 1 
ATOM   1368 N  N   . HIS A 1 190 ? 3.757   0.715   -20.448 1.00 35.17 ?  169 HIS A N   1 
ATOM   1369 C  CA  . HIS A 1 190 ? 2.787   0.768   -19.367 1.00 31.74 ?  169 HIS A CA  1 
ATOM   1370 C  C   . HIS A 1 190 ? 2.197   2.167   -19.287 1.00 36.99 ?  169 HIS A C   1 
ATOM   1371 O  O   . HIS A 1 190 ? 2.874   3.155   -19.602 1.00 39.03 ?  169 HIS A O   1 
ATOM   1372 C  CB  . HIS A 1 190 ? 3.463   0.402   -18.050 1.00 31.94 ?  169 HIS A CB  1 
ATOM   1373 C  CG  . HIS A 1 190 ? 2.519   0.143   -16.922 1.00 31.68 ?  169 HIS A CG  1 
ATOM   1374 N  ND1 . HIS A 1 190 ? 1.877   1.159   -16.243 1.00 34.15 ?  169 HIS A ND1 1 
ATOM   1375 C  CD2 . HIS A 1 190 ? 2.116   -1.014  -16.341 1.00 29.90 ?  169 HIS A CD2 1 
ATOM   1376 C  CE1 . HIS A 1 190 ? 1.116   0.638   -15.294 1.00 33.14 ?  169 HIS A CE1 1 
ATOM   1377 N  NE2 . HIS A 1 190 ? 1.242   -0.679  -15.333 1.00 32.95 ?  169 HIS A NE2 1 
ATOM   1378 N  N   . PRO A 1 191 ? 0.940   2.300   -18.875 1.00 37.88 ?  170 PRO A N   1 
ATOM   1379 C  CA  . PRO A 1 191 ? 0.327   3.641   -18.889 1.00 39.63 ?  170 PRO A CA  1 
ATOM   1380 C  C   . PRO A 1 191 ? 0.826   4.571   -17.788 1.00 38.14 ?  170 PRO A C   1 
ATOM   1381 O  O   . PRO A 1 191 ? 0.875   5.790   -17.990 1.00 39.68 ?  170 PRO A O   1 
ATOM   1382 C  CB  . PRO A 1 191 ? -1.176  3.344   -18.741 1.00 43.81 ?  170 PRO A CB  1 
ATOM   1383 C  CG  . PRO A 1 191 ? -1.330  1.853   -19.023 1.00 39.08 ?  170 PRO A CG  1 
ATOM   1384 C  CD  . PRO A 1 191 ? -0.040  1.217   -18.681 1.00 35.50 ?  170 PRO A CD  1 
ATOM   1385 N  N   . GLY A 1 192 ? 1.190   4.042   -16.627 1.00 38.64 ?  171 GLY A N   1 
ATOM   1386 C  CA  . GLY A 1 192 ? 1.447   4.869   -15.457 1.00 42.14 ?  171 GLY A CA  1 
ATOM   1387 C  C   . GLY A 1 192 ? 0.453   5.994   -15.194 1.00 48.54 ?  171 GLY A C   1 
ATOM   1388 O  O   . GLY A 1 192 ? -0.152  6.080   -14.121 1.00 53.88 ?  171 GLY A O   1 
HETATM 1389 FE FE  . FE2 B 2 .   ? 3.886   -7.053  -21.898 1.00 35.69 ?  301 FE2 A FE  1 
HETATM 1390 C  C10 . QXM C 3 .   ? 1.058   -0.548  2.125   1.00 38.20 ?  302 QXM A C10 1 
HETATM 1391 FE FE  . QXM C 3 .   ? 1.629   -3.141  1.427   1.00 36.82 ?  302 QXM A FE  1 
HETATM 1392 O  O01 . QXM C 3 .   ? 0.912   -0.726  0.300   1.00 43.89 ?  302 QXM A O01 1 
HETATM 1393 O  O02 . QXM C 3 .   ? 0.760   -1.770  -0.177  1.00 31.98 ?  302 QXM A O02 1 
HETATM 1394 C  C02 . QXM C 3 .   ? -0.485  -0.834  2.354   1.00 38.85 ?  302 QXM A C02 1 
HETATM 1395 C  C03 . QXM C 3 .   ? -1.502  0.317   2.206   1.00 37.63 ?  302 QXM A C03 1 
HETATM 1396 C  C04 . QXM C 3 .   ? -2.957  0.070   1.750   1.00 32.08 ?  302 QXM A C04 1 
HETATM 1397 C  C07 . QXM C 3 .   ? -1.010  1.737   2.230   1.00 39.85 ?  302 QXM A C07 1 
HETATM 1398 C  C08 . QXM C 3 .   ? 0.447   2.044   2.019   1.00 50.52 ?  302 QXM A C08 1 
HETATM 1399 C  C09 . QXM C 3 .   ? 1.482   0.941   2.240   1.00 44.89 ?  302 QXM A C09 1 
HETATM 1400 N  N01 . QXM C 3 .   ? -0.929  -2.013  2.406   1.00 28.20 ?  302 QXM A N01 1 
HETATM 1401 O  O05 . QXM C 3 .   ? -3.521  -1.033  1.997   1.00 27.96 ?  302 QXM A O05 1 
HETATM 1402 O  O06 . QXM C 3 .   ? -3.608  0.980   1.134   1.00 28.36 -1 302 QXM A O06 1 
HETATM 1403 O  O11 . QXM C 3 .   ? 1.903   -1.229  3.029   1.00 30.80 ?  302 QXM A O11 1 
HETATM 1404 C  C   . TRS D 4 .   ? 12.616  -2.259  -18.278 1.00 43.73 ?  303 TRS A C   1 
HETATM 1405 C  C1  . TRS D 4 .   ? 13.123  -2.201  -16.841 1.00 42.82 ?  303 TRS A C1  1 
HETATM 1406 C  C2  . TRS D 4 .   ? 13.631  -1.607  -19.211 1.00 44.52 ?  303 TRS A C2  1 
HETATM 1407 C  C3  . TRS D 4 .   ? 12.383  -3.696  -18.716 1.00 44.80 ?  303 TRS A C3  1 
HETATM 1408 N  N   . TRS D 4 .   ? 11.337  -1.537  -18.344 1.00 42.24 ?  303 TRS A N   1 
HETATM 1409 O  O1  . TRS D 4 .   ? 13.185  -0.855  -16.435 1.00 41.14 ?  303 TRS A O1  1 
HETATM 1410 O  O2  . TRS D 4 .   ? 13.041  -1.314  -20.454 1.00 46.02 ?  303 TRS A O2  1 
HETATM 1411 O  O3  . TRS D 4 .   ? 13.558  -4.440  -18.510 1.00 47.36 ?  303 TRS A O3  1 
HETATM 1412 O  O   . HOH E 5 .   ? -9.341  10.268  21.706  1.00 47.31 ?  401 HOH A O   1 
HETATM 1413 O  O   . HOH E 5 .   ? 10.683  -0.049  8.189   1.00 30.41 ?  402 HOH A O   1 
HETATM 1414 O  O   . HOH E 5 .   ? 9.837   -9.770  -8.765  1.00 31.55 ?  403 HOH A O   1 
HETATM 1415 O  O   . HOH E 5 .   ? 14.059  3.138   -11.364 1.00 28.83 ?  404 HOH A O   1 
HETATM 1416 O  O   . HOH E 5 .   ? 18.855  -7.748  7.215   1.00 27.68 ?  405 HOH A O   1 
HETATM 1417 O  O   . HOH E 5 .   ? -17.399 -7.359  6.176   1.00 19.00 ?  406 HOH A O   1 
HETATM 1418 O  O   . HOH E 5 .   ? -19.397 1.032   1.425   1.00 33.15 ?  407 HOH A O   1 
HETATM 1419 O  O   . HOH E 5 .   ? -3.250  2.579   -0.638  1.00 27.23 ?  408 HOH A O   1 
HETATM 1420 O  O   . HOH E 5 .   ? -6.083  3.389   -7.121  1.00 27.77 ?  409 HOH A O   1 
HETATM 1421 O  O   . HOH E 5 .   ? 3.267   -8.991  3.202   1.00 19.48 ?  410 HOH A O   1 
HETATM 1422 O  O   . HOH E 5 .   ? -16.050 5.131   20.232  1.00 24.19 ?  411 HOH A O   1 
HETATM 1423 O  O   . HOH E 5 .   ? -18.241 7.904   0.843   1.00 23.76 ?  412 HOH A O   1 
HETATM 1424 O  O   . HOH E 5 .   ? 8.916   -12.989 -3.904  1.00 22.79 ?  413 HOH A O   1 
HETATM 1425 O  O   . HOH E 5 .   ? -13.806 -11.288 1.226   1.00 40.57 ?  414 HOH A O   1 
HETATM 1426 O  O   . HOH E 5 .   ? 12.436  -2.047  3.696   1.00 21.07 ?  415 HOH A O   1 
HETATM 1427 O  O   . HOH E 5 .   ? 10.624  -10.888 -3.092  1.00 26.70 ?  416 HOH A O   1 
HETATM 1428 O  O   . HOH E 5 .   ? -15.045 7.954   7.693   1.00 23.48 ?  417 HOH A O   1 
HETATM 1429 O  O   . HOH E 5 .   ? 5.700   -14.625 8.575   1.00 16.30 ?  418 HOH A O   1 
HETATM 1430 O  O   . HOH E 5 .   ? 9.982   -5.138  13.174  1.00 24.01 ?  419 HOH A O   1 
HETATM 1431 O  O   . HOH E 5 .   ? 15.883  -7.678  1.431   1.00 27.92 ?  420 HOH A O   1 
HETATM 1432 O  O   . HOH E 5 .   ? -12.429 10.710  1.926   1.00 32.52 ?  421 HOH A O   1 
HETATM 1433 O  O   . HOH E 5 .   ? 1.045   -3.181  -12.910 1.00 27.17 ?  422 HOH A O   1 
HETATM 1434 O  O   . HOH E 5 .   ? -3.898  -3.088  -9.748  1.00 23.87 ?  423 HOH A O   1 
HETATM 1435 O  O   . HOH E 5 .   ? 13.188  -9.110  12.151  1.00 23.52 ?  424 HOH A O   1 
HETATM 1436 O  O   . HOH E 5 .   ? 11.167  9.632   0.076   1.00 43.93 ?  425 HOH A O   1 
HETATM 1437 O  O   . HOH E 5 .   ? -4.229  10.210  -1.534  1.00 40.24 ?  426 HOH A O   1 
HETATM 1438 O  O   . HOH E 5 .   ? 11.907  -13.598 2.559   1.00 34.72 ?  427 HOH A O   1 
HETATM 1439 O  O   . HOH E 5 .   ? 8.076   -4.450  19.082  1.00 19.33 ?  428 HOH A O   1 
HETATM 1440 O  O   . HOH E 5 .   ? 9.876   3.183   32.484  1.00 45.23 ?  429 HOH A O   1 
HETATM 1441 O  O   . HOH E 5 .   ? 15.849  -0.084  -16.294 1.00 35.50 ?  430 HOH A O   1 
HETATM 1442 O  O   . HOH E 5 .   ? 2.350   3.178   14.426  1.00 16.05 ?  431 HOH A O   1 
HETATM 1443 O  O   . HOH E 5 .   ? 3.813   -8.572  0.297   1.00 18.90 ?  432 HOH A O   1 
HETATM 1444 O  O   . HOH E 5 .   ? 8.127   0.208   -27.206 1.00 36.71 ?  433 HOH A O   1 
HETATM 1445 O  O   . HOH E 5 .   ? 5.340   -5.655  7.517   1.00 17.92 ?  434 HOH A O   1 
HETATM 1446 O  O   . HOH E 5 .   ? 9.340   -12.690 6.515   1.00 25.53 ?  435 HOH A O   1 
HETATM 1447 O  O   . HOH E 5 .   ? -12.101 2.787   -0.597  1.00 19.97 ?  436 HOH A O   1 
HETATM 1448 O  O   . HOH E 5 .   ? 2.296   4.363   25.111  1.00 18.59 ?  437 HOH A O   1 
HETATM 1449 O  O   . HOH E 5 .   ? 12.492  6.822   -21.135 1.00 40.03 ?  438 HOH A O   1 
HETATM 1450 O  O   . HOH E 5 .   ? -9.924  2.524   2.714   1.00 12.27 ?  439 HOH A O   1 
HETATM 1451 O  O   . HOH E 5 .   ? -16.872 -12.680 1.334   1.00 39.78 ?  440 HOH A O   1 
HETATM 1452 O  O   . HOH E 5 .   ? -9.361  -14.117 -3.698  1.00 43.13 ?  441 HOH A O   1 
HETATM 1453 O  O   . HOH E 5 .   ? 13.091  4.661   -23.644 1.00 46.99 ?  442 HOH A O   1 
HETATM 1454 O  O   . HOH E 5 .   ? -14.091 -9.550  -6.932  1.00 35.03 ?  443 HOH A O   1 
HETATM 1455 O  O   . HOH E 5 .   ? -1.210  5.116   22.719  1.00 24.08 ?  444 HOH A O   1 
HETATM 1456 O  O   . HOH E 5 .   ? -3.805  -14.106 -14.331 1.00 45.50 ?  445 HOH A O   1 
HETATM 1457 O  O   . HOH E 5 .   ? -16.432 -3.750  12.034  1.00 34.14 ?  446 HOH A O   1 
HETATM 1458 O  O   . HOH E 5 .   ? -1.647  10.626  -3.248  1.00 42.44 ?  447 HOH A O   1 
HETATM 1459 O  O   . HOH E 5 .   ? -14.913 3.933   13.006  1.00 4.49  ?  448 HOH A O   1 
HETATM 1460 O  O   . HOH E 5 .   ? 4.580   7.968   30.564  1.00 37.19 ?  449 HOH A O   1 
HETATM 1461 O  O   . HOH E 5 .   ? 6.597   4.137   8.334   1.00 34.50 ?  450 HOH A O   1 
HETATM 1462 O  O   . HOH E 5 .   ? -16.063 -11.001 4.069   1.00 37.28 ?  451 HOH A O   1 
HETATM 1463 O  O   . HOH E 5 .   ? 17.998  -2.397  11.517  1.00 26.23 ?  452 HOH A O   1 
HETATM 1464 O  O   . HOH E 5 .   ? 1.777   9.838   8.645   1.00 24.59 ?  453 HOH A O   1 
HETATM 1465 O  O   . HOH E 5 .   ? 0.284   1.601   5.235   1.00 31.73 ?  454 HOH A O   1 
HETATM 1466 O  O   . HOH E 5 .   ? 13.150  -3.912  -13.149 1.00 31.41 ?  455 HOH A O   1 
HETATM 1467 O  O   . HOH E 5 .   ? 0.670   6.890   -7.589  1.00 38.04 ?  456 HOH A O   1 
HETATM 1468 O  O   . HOH E 5 .   ? -19.797 2.866   1.849   1.00 38.81 ?  457 HOH A O   1 
HETATM 1469 O  O   . HOH E 5 .   ? -20.256 -4.950  5.240   1.00 26.20 ?  458 HOH A O   1 
HETATM 1470 O  O   . HOH E 5 .   ? 12.081  -1.440  15.380  1.00 31.27 ?  459 HOH A O   1 
HETATM 1471 O  O   . HOH E 5 .   ? 9.644   10.311  13.098  1.00 36.41 ?  460 HOH A O   1 
HETATM 1472 O  O   . HOH E 5 .   ? -10.476 8.931   3.377   1.00 34.32 ?  461 HOH A O   1 
HETATM 1473 O  O   . HOH E 5 .   ? 9.912   2.671   24.473  1.00 24.83 ?  462 HOH A O   1 
HETATM 1474 O  O   . HOH E 5 .   ? -8.421  -2.325  -10.476 1.00 27.16 ?  463 HOH A O   1 
HETATM 1475 O  O   . HOH E 5 .   ? -1.288  10.859  25.917  1.00 32.17 ?  464 HOH A O   1 
HETATM 1476 O  O   . HOH E 5 .   ? 6.507   -10.802 -28.125 1.00 51.56 ?  465 HOH A O   1 
HETATM 1477 O  O   . HOH E 5 .   ? -10.007 9.943   23.600  1.00 29.50 ?  466 HOH A O   1 
HETATM 1478 O  O   . HOH E 5 .   ? -12.490 -11.959 -1.540  1.00 30.91 ?  467 HOH A O   1 
HETATM 1479 O  O   . HOH E 5 .   ? 4.834   -13.003 -20.099 1.00 40.72 ?  468 HOH A O   1 
HETATM 1480 O  O   . HOH E 5 .   ? -3.239  6.464   0.582   1.00 33.90 ?  469 HOH A O   1 
HETATM 1481 O  O   . HOH E 5 .   ? 4.932   9.206   8.883   1.00 39.77 ?  470 HOH A O   1 
HETATM 1482 O  O   . HOH E 5 .   ? 3.686   8.798   18.999  1.00 25.01 ?  471 HOH A O   1 
HETATM 1483 O  O   . HOH E 5 .   ? 16.692  -3.698  -7.007  1.00 36.03 ?  472 HOH A O   1 
HETATM 1484 O  O   . HOH E 5 .   ? 4.248   -12.571 -8.646  1.00 31.65 ?  473 HOH A O   1 
HETATM 1485 O  O   . HOH E 5 .   ? 10.756  1.702   21.993  1.00 43.99 ?  474 HOH A O   1 
HETATM 1486 O  O   . HOH E 5 .   ? 5.141   -15.082 -3.717  1.00 32.55 ?  475 HOH A O   1 
HETATM 1487 O  O   . HOH E 5 .   ? -14.504 -2.176  -3.315  1.00 20.12 ?  476 HOH A O   1 
HETATM 1488 O  O   . HOH E 5 .   ? 12.562  -3.573  17.543  1.00 37.92 ?  477 HOH A O   1 
HETATM 1489 O  O   . HOH E 5 .   ? -11.410 8.808   24.690  1.00 40.55 ?  478 HOH A O   1 
HETATM 1490 O  O   . HOH E 5 .   ? 0.293   9.909   19.056  1.00 39.10 ?  479 HOH A O   1 
HETATM 1491 O  O   . HOH E 5 .   ? 16.757  4.606   4.315   1.00 25.57 ?  480 HOH A O   1 
HETATM 1492 O  O   . HOH E 5 .   ? -1.864  10.135  18.441  1.00 29.64 ?  481 HOH A O   1 
HETATM 1493 O  O   . HOH E 5 .   ? 15.381  1.635   -10.510 1.00 43.62 ?  482 HOH A O   1 
HETATM 1494 O  O   . HOH E 5 .   ? -1.818  7.287   -2.561  1.00 40.58 ?  483 HOH A O   1 
HETATM 1495 O  O   . HOH E 5 .   ? -14.528 10.249  22.160  1.00 34.88 ?  484 HOH A O   1 
HETATM 1496 O  O   . HOH E 5 .   ? 9.940   -12.779 -26.878 1.00 47.84 ?  485 HOH A O   1 
HETATM 1497 O  O   . HOH E 5 .   ? -4.461  10.484  -3.604  1.00 42.44 ?  486 HOH A O   1 
HETATM 1498 O  O   . HOH E 5 .   ? -3.773  10.633  19.648  1.00 39.55 ?  487 HOH A O   1 
HETATM 1499 O  O   . HOH E 5 .   ? 10.574  -3.254  19.571  1.00 21.21 ?  488 HOH A O   1 
HETATM 1500 O  O   . HOH E 5 .   ? -17.700 10.879  2.839   1.00 41.22 ?  489 HOH A O   1 
HETATM 1501 O  O   . HOH E 5 .   ? 20.335  -3.905  1.795   1.00 31.49 ?  490 HOH A O   1 
HETATM 1502 O  O   . HOH E 5 .   ? -3.720  6.400   30.159  1.00 33.03 ?  491 HOH A O   1 
HETATM 1503 O  O   . HOH E 5 .   ? 0.267   5.912   -0.729  1.00 35.72 ?  492 HOH A O   1 
HETATM 1504 O  O   . HOH E 5 .   ? 9.187   -14.779 4.639   1.00 29.74 ?  493 HOH A O   1 
HETATM 1505 O  O   . HOH E 5 .   ? 2.801   11.521  -14.905 1.00 29.55 ?  494 HOH A O   1 
HETATM 1506 O  O   . HOH E 5 .   ? -0.079  8.862   -4.257  1.00 41.16 ?  495 HOH A O   1 
HETATM 1507 O  O   . HOH E 5 .   ? 13.675  -6.696  -12.276 1.00 38.83 ?  496 HOH A O   1 
HETATM 1508 O  O   . HOH E 5 .   ? 12.545  -13.258 -25.640 1.00 55.81 ?  497 HOH A O   1 
# 
loop_
_pdbx_poly_seq_scheme.asym_id 
_pdbx_poly_seq_scheme.entity_id 
_pdbx_poly_seq_scheme.seq_id 
_pdbx_poly_seq_scheme.mon_id 
_pdbx_poly_seq_scheme.ndb_seq_num 
_pdbx_poly_seq_scheme.pdb_seq_num 
_pdbx_poly_seq_scheme.auth_seq_num 
_pdbx_poly_seq_scheme.pdb_mon_id 
_pdbx_poly_seq_scheme.auth_mon_id 
_pdbx_poly_seq_scheme.pdb_strand_id 
_pdbx_poly_seq_scheme.pdb_ins_code 
_pdbx_poly_seq_scheme.hetero 
A 1 1   MET 1   -20 ?   ?   ?   A . n 
A 1 2   GLY 2   -19 ?   ?   ?   A . n 
A 1 3   HIS 3   -18 ?   ?   ?   A . n 
A 1 4   HIS 4   -17 ?   ?   ?   A . n 
A 1 5   HIS 5   -16 ?   ?   ?   A . n 
A 1 6   HIS 6   -15 ?   ?   ?   A . n 
A 1 7   HIS 7   -14 ?   ?   ?   A . n 
A 1 8   HIS 8   -13 ?   ?   ?   A . n 
A 1 9   HIS 9   -12 ?   ?   ?   A . n 
A 1 10  HIS 10  -11 ?   ?   ?   A . n 
A 1 11  HIS 11  -10 ?   ?   ?   A . n 
A 1 12  HIS 12  -9  ?   ?   ?   A . n 
A 1 13  SER 13  -8  ?   ?   ?   A . n 
A 1 14  SER 14  -7  ?   ?   ?   A . n 
A 1 15  GLY 15  -6  ?   ?   ?   A . n 
A 1 16  HIS 16  -5  ?   ?   ?   A . n 
A 1 17  ILE 17  -4  ?   ?   ?   A . n 
A 1 18  GLU 18  -3  ?   ?   ?   A . n 
A 1 19  GLY 19  -2  ?   ?   ?   A . n 
A 1 20  ARG 20  -1  ?   ?   ?   A . n 
A 1 21  HIS 21  0   ?   ?   ?   A . n 
A 1 22  MET 22  1   1   MET MET A . n 
A 1 23  LEU 23  2   2   LEU LEU A . n 
A 1 24  THR 24  3   3   THR THR A . n 
A 1 25  TYR 25  4   4   TYR TYR A . n 
A 1 26  GLY 26  5   5   GLY GLY A . n 
A 1 27  ALA 27  6   6   ALA ALA A . n 
A 1 28  PRO 28  7   7   PRO PRO A . n 
A 1 29  PHE 29  8   8   PHE PHE A . n 
A 1 30  ASN 30  9   9   ASN ASN A . n 
A 1 31  PHE 31  10  10  PHE PHE A . n 
A 1 32  PRO 32  11  11  PRO PRO A . n 
A 1 33  ARG 33  12  12  ARG ARG A . n 
A 1 34  TRP 34  13  13  TRP TRP A . n 
A 1 35  ILE 35  14  14  ILE ILE A . n 
A 1 36  ASP 36  15  15  ASP ASP A . n 
A 1 37  GLU 37  16  16  GLU GLU A . n 
A 1 38  HIS 38  17  17  HIS HIS A . n 
A 1 39  ALA 39  18  18  ALA ALA A . n 
A 1 40  HIS 40  19  19  HIS HIS A . n 
A 1 41  LEU 41  20  20  LEU LEU A . n 
A 1 42  LEU 42  21  21  LEU LEU A . n 
A 1 43  LYS 43  22  22  LYS LYS A . n 
A 1 44  PRO 44  23  23  PRO PRO A . n 
A 1 45  PRO 45  24  24  PRO PRO A . n 
A 1 46  VAL 46  25  25  VAL VAL A . n 
A 1 47  GLY 47  26  26  GLY GLY A . n 
A 1 48  ASN 48  27  27  ASN ASN A . n 
A 1 49  ARG 49  28  28  ARG ARG A . n 
A 1 50  GLN 50  29  29  GLN GLN A . n 
A 1 51  VAL 51  30  30  VAL VAL A . n 
A 1 52  TRP 52  31  31  TRP TRP A . n 
A 1 53  GLN 53  32  32  GLN GLN A . n 
A 1 54  ASP 54  33  33  ASP ASP A . n 
A 1 55  SER 55  34  34  SER SER A . n 
A 1 56  ASP 56  35  35  ASP ASP A . n 
A 1 57  PHE 57  36  36  PHE PHE A . n 
A 1 58  ILE 58  37  37  ILE ILE A . n 
A 1 59  VAL 59  38  38  VAL VAL A . n 
A 1 60  THR 60  39  39  THR THR A . n 
A 1 61  VAL 61  40  40  VAL VAL A . n 
A 1 62  VAL 62  41  41  VAL VAL A . n 
A 1 63  GLY 63  42  42  GLY GLY A . n 
A 1 64  GLY 64  43  43  GLY GLY A . n 
A 1 65  PRO 65  44  44  PRO PRO A . n 
A 1 66  ASN 66  45  45  ASN ASN A . n 
A 1 67  HIS 67  46  46  HIS HIS A . n 
A 1 68  ARG 68  47  47  ARG ARG A . n 
A 1 69  THR 69  48  48  THR THR A . n 
A 1 70  ASP 70  49  49  ASP ASP A . n 
A 1 71  TYR 71  50  50  TYR TYR A . n 
A 1 72  HIS 72  51  51  HIS HIS A . n 
A 1 73  ASP 73  52  52  ASP ASP A . n 
A 1 74  ASP 74  53  53  ASP ASP A . n 
A 1 75  PRO 75  54  54  PRO PRO A . n 
A 1 76  LEU 76  55  55  LEU LEU A . n 
A 1 77  GLU 77  56  56  GLU GLU A . n 
A 1 78  GLU 78  57  57  GLU GLU A . n 
A 1 79  PHE 79  58  58  PHE PHE A . n 
A 1 80  PHE 80  59  59  PHE PHE A . n 
A 1 81  TYR 81  60  60  TYR TYR A . n 
A 1 82  GLN 82  61  61  GLN GLN A . n 
A 1 83  LEU 83  62  62  LEU LEU A . n 
A 1 84  ARG 84  63  63  ARG ARG A . n 
A 1 85  GLY 85  64  64  GLY GLY A . n 
A 1 86  ASN 86  65  65  ASN ASN A . n 
A 1 87  ALA 87  66  66  ALA ALA A . n 
A 1 88  TYR 88  67  67  TYR TYR A . n 
A 1 89  LEU 89  68  68  LEU LEU A . n 
A 1 90  ASN 90  69  69  ASN ASN A . n 
A 1 91  LEU 91  70  70  LEU LEU A . n 
A 1 92  TRP 92  71  71  TRP TRP A . n 
A 1 93  VAL 93  72  72  VAL VAL A . n 
A 1 94  ASP 94  73  73  ASP ASP A . n 
A 1 95  GLY 95  74  74  GLY GLY A . n 
A 1 96  ARG 96  75  75  ARG ARG A . n 
A 1 97  ARG 97  76  76  ARG ARG A . n 
A 1 98  GLU 98  77  77  GLU GLU A . n 
A 1 99  ARG 99  78  78  ARG ARG A . n 
A 1 100 ALA 100 79  79  ALA ALA A . n 
A 1 101 ASP 101 80  80  ASP ASP A . n 
A 1 102 LEU 102 81  81  LEU LEU A . n 
A 1 103 LYS 103 82  82  LYS LYS A . n 
A 1 104 GLU 104 83  83  GLU GLU A . n 
A 1 105 GLY 105 84  84  GLY GLY A . n 
A 1 106 ASP 106 85  85  ASP ASP A . n 
A 1 107 ILE 107 86  86  ILE ILE A . n 
A 1 108 PHE 108 87  87  PHE PHE A . n 
A 1 109 LEU 109 88  88  LEU LEU A . n 
A 1 110 LEU 110 89  89  LEU LEU A . n 
A 1 111 PRO 111 90  90  PRO PRO A . n 
A 1 112 PRO 112 91  91  PRO PRO A . n 
A 1 113 HIS 113 92  92  HIS HIS A . n 
A 1 114 VAL 114 93  93  VAL VAL A . n 
A 1 115 ARG 115 94  94  ARG ARG A . n 
A 1 116 HIS 116 95  95  HIS HIS A . n 
A 1 117 SER 117 96  96  SER SER A . n 
A 1 118 PRO 118 97  97  PRO PRO A . n 
A 1 119 GLN 119 98  98  GLN GLN A . n 
A 1 120 ARG 120 99  99  ARG ARG A . n 
A 1 121 PRO 121 100 100 PRO PRO A . n 
A 1 122 GLU 122 101 101 GLU GLU A . n 
A 1 123 ALA 123 102 102 ALA ALA A . n 
A 1 124 GLY 124 103 103 GLY GLY A . n 
A 1 125 SER 125 104 104 SER SER A . n 
A 1 126 ALA 126 105 105 ALA ALA A . n 
A 1 127 CYS 127 106 106 CYS CYS A . n 
A 1 128 LEU 128 107 107 LEU LEU A . n 
A 1 129 VAL 129 108 108 VAL VAL A . n 
A 1 130 ILE 130 109 109 ILE ILE A . n 
A 1 131 GLU 131 110 110 GLU GLU A . n 
A 1 132 ARG 132 111 111 ARG ARG A . n 
A 1 133 GLN 133 112 112 GLN GLN A . n 
A 1 134 ARG 134 113 113 ARG ARG A . n 
A 1 135 PRO 135 114 114 PRO PRO A . n 
A 1 136 ALA 136 115 115 ALA ALA A . n 
A 1 137 GLY 137 116 116 GLY GLY A . n 
A 1 138 MET 138 117 117 MET MET A . n 
A 1 139 LEU 139 118 118 LEU LEU A . n 
A 1 140 ASP 140 119 119 ASP ASP A . n 
A 1 141 GLY 141 120 120 GLY GLY A . n 
A 1 142 PHE 142 121 121 PHE PHE A . n 
A 1 143 GLU 143 122 122 GLU GLU A . n 
A 1 144 TRP 144 123 123 TRP TRP A . n 
A 1 145 TYR 145 124 124 TYR TYR A . n 
A 1 146 CYS 146 125 125 CYS CYS A . n 
A 1 147 ASP 147 126 126 ASP ASP A . n 
A 1 148 ALA 148 127 127 ALA ALA A . n 
A 1 149 CYS 149 128 128 CYS CYS A . n 
A 1 150 GLY 150 129 129 GLY GLY A . n 
A 1 151 HIS 151 130 130 HIS HIS A . n 
A 1 152 LEU 152 131 131 LEU LEU A . n 
A 1 153 VAL 153 132 132 VAL VAL A . n 
A 1 154 HIS 154 133 133 HIS HIS A . n 
A 1 155 ARG 155 134 134 ARG ARG A . n 
A 1 156 VAL 156 135 135 VAL VAL A . n 
A 1 157 GLU 157 136 136 GLU GLU A . n 
A 1 158 VAL 158 137 137 VAL VAL A . n 
A 1 159 GLN 159 138 138 GLN GLN A . n 
A 1 160 LEU 160 139 139 LEU LEU A . n 
A 1 161 LYS 161 140 140 LYS LYS A . n 
A 1 162 SER 162 141 141 SER SER A . n 
A 1 163 ILE 163 142 142 ILE ILE A . n 
A 1 164 VAL 164 143 143 VAL VAL A . n 
A 1 165 THR 165 144 144 THR THR A . n 
A 1 166 ASP 166 145 145 ASP ASP A . n 
A 1 167 LEU 167 146 146 LEU LEU A . n 
A 1 168 PRO 168 147 147 PRO PRO A . n 
A 1 169 PRO 169 148 148 PRO PRO A . n 
A 1 170 LEU 170 149 149 LEU LEU A . n 
A 1 171 PHE 171 150 150 PHE PHE A . n 
A 1 172 GLU 172 151 151 GLU GLU A . n 
A 1 173 SER 173 152 152 SER SER A . n 
A 1 174 PHE 174 153 153 PHE PHE A . n 
A 1 175 TYR 175 154 154 TYR TYR A . n 
A 1 176 ALA 176 155 155 ALA ALA A . n 
A 1 177 SER 177 156 156 SER SER A . n 
A 1 178 GLU 178 157 157 GLU GLU A . n 
A 1 179 ASP 179 158 158 ASP ASP A . n 
A 1 180 LYS 180 159 159 LYS LYS A . n 
A 1 181 ARG 181 160 160 ARG ARG A . n 
A 1 182 ARG 182 161 161 ARG ARG A . n 
A 1 183 CYS 183 162 162 CYS CYS A . n 
A 1 184 PRO 184 163 163 PRO PRO A . n 
A 1 185 HIS 185 164 164 HIS HIS A . n 
A 1 186 CYS 186 165 165 CYS CYS A . n 
A 1 187 GLY 187 166 166 GLY GLY A . n 
A 1 188 GLN 188 167 167 GLN GLN A . n 
A 1 189 VAL 189 168 168 VAL VAL A . n 
A 1 190 HIS 190 169 169 HIS HIS A . n 
A 1 191 PRO 191 170 170 PRO PRO A . n 
A 1 192 GLY 192 171 171 GLY GLY A . n 
A 1 193 ARG 193 172 ?   ?   ?   A . n 
A 1 194 ALA 194 173 ?   ?   ?   A . n 
A 1 195 ALA 195 174 ?   ?   ?   A . n 
# 
loop_
_pdbx_nonpoly_scheme.asym_id 
_pdbx_nonpoly_scheme.entity_id 
_pdbx_nonpoly_scheme.mon_id 
_pdbx_nonpoly_scheme.ndb_seq_num 
_pdbx_nonpoly_scheme.pdb_seq_num 
_pdbx_nonpoly_scheme.auth_seq_num 
_pdbx_nonpoly_scheme.pdb_mon_id 
_pdbx_nonpoly_scheme.auth_mon_id 
_pdbx_nonpoly_scheme.pdb_strand_id 
_pdbx_nonpoly_scheme.pdb_ins_code 
B 2 FE2 1  301 301 FE2 FE2 A . 
C 3 QXM 1  302 302 QXM EC1 A . 
D 4 TRS 1  303 303 TRS TRS A . 
E 5 HOH 1  401 401 HOH HOH A . 
E 5 HOH 2  402 402 HOH HOH A . 
E 5 HOH 3  403 403 HOH HOH A . 
E 5 HOH 4  404 404 HOH HOH A . 
E 5 HOH 5  405 405 HOH HOH A . 
E 5 HOH 6  406 406 HOH HOH A . 
E 5 HOH 7  407 407 HOH HOH A . 
E 5 HOH 8  408 408 HOH HOH A . 
E 5 HOH 9  409 409 HOH HOH A . 
E 5 HOH 10 410 410 HOH HOH A . 
E 5 HOH 11 411 411 HOH HOH A . 
E 5 HOH 12 412 412 HOH HOH A . 
E 5 HOH 13 413 413 HOH HOH A . 
E 5 HOH 14 414 414 HOH HOH A . 
E 5 HOH 15 415 415 HOH HOH A . 
E 5 HOH 16 416 416 HOH HOH A . 
E 5 HOH 17 417 417 HOH HOH A . 
E 5 HOH 18 418 418 HOH HOH A . 
E 5 HOH 19 419 419 HOH HOH A . 
E 5 HOH 20 420 420 HOH HOH A . 
E 5 HOH 21 421 421 HOH HOH A . 
E 5 HOH 22 422 422 HOH HOH A . 
E 5 HOH 23 423 423 HOH HOH A . 
E 5 HOH 24 424 424 HOH HOH A . 
E 5 HOH 25 425 425 HOH HOH A . 
E 5 HOH 26 426 426 HOH HOH A . 
E 5 HOH 27 427 427 HOH HOH A . 
E 5 HOH 28 428 428 HOH HOH A . 
E 5 HOH 29 429 429 HOH HOH A . 
E 5 HOH 30 430 430 HOH HOH A . 
E 5 HOH 31 431 431 HOH HOH A . 
E 5 HOH 32 432 432 HOH HOH A . 
E 5 HOH 33 433 433 HOH HOH A . 
E 5 HOH 34 434 434 HOH HOH A . 
E 5 HOH 35 435 435 HOH HOH A . 
E 5 HOH 36 436 436 HOH HOH A . 
E 5 HOH 37 437 437 HOH HOH A . 
E 5 HOH 38 438 438 HOH HOH A . 
E 5 HOH 39 439 439 HOH HOH A . 
E 5 HOH 40 440 440 HOH HOH A . 
E 5 HOH 41 441 441 HOH HOH A . 
E 5 HOH 42 442 442 HOH HOH A . 
E 5 HOH 43 443 443 HOH HOH A . 
E 5 HOH 44 444 444 HOH HOH A . 
E 5 HOH 45 445 445 HOH HOH A . 
E 5 HOH 46 446 446 HOH HOH A . 
E 5 HOH 47 447 447 HOH HOH A . 
E 5 HOH 48 448 448 HOH HOH A . 
E 5 HOH 49 449 449 HOH HOH A . 
E 5 HOH 50 450 450 HOH HOH A . 
E 5 HOH 51 451 451 HOH HOH A . 
E 5 HOH 52 452 452 HOH HOH A . 
E 5 HOH 53 453 453 HOH HOH A . 
E 5 HOH 54 454 454 HOH HOH A . 
E 5 HOH 55 455 455 HOH HOH A . 
E 5 HOH 56 456 456 HOH HOH A . 
E 5 HOH 57 457 457 HOH HOH A . 
E 5 HOH 58 458 458 HOH HOH A . 
E 5 HOH 59 459 459 HOH HOH A . 
E 5 HOH 60 460 460 HOH HOH A . 
E 5 HOH 61 461 461 HOH HOH A . 
E 5 HOH 62 462 462 HOH HOH A . 
E 5 HOH 63 463 463 HOH HOH A . 
E 5 HOH 64 464 464 HOH HOH A . 
E 5 HOH 65 465 465 HOH HOH A . 
E 5 HOH 66 466 466 HOH HOH A . 
E 5 HOH 67 467 467 HOH HOH A . 
E 5 HOH 68 468 468 HOH HOH A . 
E 5 HOH 69 469 469 HOH HOH A . 
E 5 HOH 70 470 470 HOH HOH A . 
E 5 HOH 71 471 471 HOH HOH A . 
E 5 HOH 72 472 472 HOH HOH A . 
E 5 HOH 73 473 473 HOH HOH A . 
E 5 HOH 74 474 474 HOH HOH A . 
E 5 HOH 75 475 475 HOH HOH A . 
E 5 HOH 76 476 476 HOH HOH A . 
E 5 HOH 77 477 477 HOH HOH A . 
E 5 HOH 78 478 478 HOH HOH A . 
E 5 HOH 79 479 479 HOH HOH A . 
E 5 HOH 80 480 480 HOH HOH A . 
E 5 HOH 81 481 481 HOH HOH A . 
E 5 HOH 82 482 482 HOH HOH A . 
E 5 HOH 83 483 483 HOH HOH A . 
E 5 HOH 84 484 484 HOH HOH A . 
E 5 HOH 85 485 485 HOH HOH A . 
E 5 HOH 86 486 486 HOH HOH A . 
E 5 HOH 87 487 487 HOH HOH A . 
E 5 HOH 88 488 488 HOH HOH A . 
E 5 HOH 89 489 489 HOH HOH A . 
E 5 HOH 90 490 490 HOH HOH A . 
E 5 HOH 91 491 491 HOH HOH A . 
E 5 HOH 92 492 492 HOH HOH A . 
E 5 HOH 93 493 493 HOH HOH A . 
E 5 HOH 94 494 494 HOH HOH A . 
E 5 HOH 95 495 495 HOH HOH A . 
E 5 HOH 96 496 496 HOH HOH A . 
E 5 HOH 97 497 497 HOH HOH A . 
# 
_pdbx_struct_assembly.id                   1 
_pdbx_struct_assembly.details              author_and_software_defined_assembly 
_pdbx_struct_assembly.method_details       PISA 
_pdbx_struct_assembly.oligomeric_details   dimeric 
_pdbx_struct_assembly.oligomeric_count     2 
# 
_pdbx_struct_assembly_gen.assembly_id       1 
_pdbx_struct_assembly_gen.oper_expression   1,2 
_pdbx_struct_assembly_gen.asym_id_list      A,B,C,D,E 
# 
loop_
_pdbx_struct_assembly_prop.biol_id 
_pdbx_struct_assembly_prop.type 
_pdbx_struct_assembly_prop.value 
_pdbx_struct_assembly_prop.details 
1 'ABSA (A^2)' 4000  ? 
1 MORE         -26   ? 
1 'SSA (A^2)'  14860 ? 
# 
loop_
_pdbx_struct_oper_list.id 
_pdbx_struct_oper_list.type 
_pdbx_struct_oper_list.name 
_pdbx_struct_oper_list.symmetry_operation 
_pdbx_struct_oper_list.matrix[1][1] 
_pdbx_struct_oper_list.matrix[1][2] 
_pdbx_struct_oper_list.matrix[1][3] 
_pdbx_struct_oper_list.vector[1] 
_pdbx_struct_oper_list.matrix[2][1] 
_pdbx_struct_oper_list.matrix[2][2] 
_pdbx_struct_oper_list.matrix[2][3] 
_pdbx_struct_oper_list.vector[2] 
_pdbx_struct_oper_list.matrix[3][1] 
_pdbx_struct_oper_list.matrix[3][2] 
_pdbx_struct_oper_list.matrix[3][3] 
_pdbx_struct_oper_list.vector[3] 
1 'identity operation'         1_555  x,y,z            1.0000000000 0.0000000000  0.0000000000  0.0000000000  0.0000000000  1.0000000000  0.0000000000 0.0000000000   0.0000000000  0.0000000000 1.0000000000  0.0000000000  
2 'crystal symmetry operation' 10_665 -y+1,-x+1,-z+1/6 0.8520048986 -0.5214556432 -0.0466011261 -2.2154486392 -0.5214556432 -0.8531775007 0.0131211425 -10.4530834147 -0.0466011261 0.0131211425 -0.9988273978 28.9219964751 
# 
loop_
_pdbx_struct_conn_angle.id 
_pdbx_struct_conn_angle.ptnr1_label_atom_id 
_pdbx_struct_conn_angle.ptnr1_label_alt_id 
_pdbx_struct_conn_angle.ptnr1_label_asym_id 
_pdbx_struct_conn_angle.ptnr1_label_comp_id 
_pdbx_struct_conn_angle.ptnr1_label_seq_id 
_pdbx_struct_conn_angle.ptnr1_auth_atom_id 
_pdbx_struct_conn_angle.ptnr1_auth_asym_id 
_pdbx_struct_conn_angle.ptnr1_auth_comp_id 
_pdbx_struct_conn_angle.ptnr1_auth_seq_id 
_pdbx_struct_conn_angle.ptnr1_PDB_ins_code 
_pdbx_struct_conn_angle.ptnr1_symmetry 
_pdbx_struct_conn_angle.ptnr2_label_atom_id 
_pdbx_struct_conn_angle.ptnr2_label_alt_id 
_pdbx_struct_conn_angle.ptnr2_label_asym_id 
_pdbx_struct_conn_angle.ptnr2_label_comp_id 
_pdbx_struct_conn_angle.ptnr2_label_seq_id 
_pdbx_struct_conn_angle.ptnr2_auth_atom_id 
_pdbx_struct_conn_angle.ptnr2_auth_asym_id 
_pdbx_struct_conn_angle.ptnr2_auth_comp_id 
_pdbx_struct_conn_angle.ptnr2_auth_seq_id 
_pdbx_struct_conn_angle.ptnr2_PDB_ins_code 
_pdbx_struct_conn_angle.ptnr2_symmetry 
_pdbx_struct_conn_angle.ptnr3_label_atom_id 
_pdbx_struct_conn_angle.ptnr3_label_alt_id 
_pdbx_struct_conn_angle.ptnr3_label_asym_id 
_pdbx_struct_conn_angle.ptnr3_label_comp_id 
_pdbx_struct_conn_angle.ptnr3_label_seq_id 
_pdbx_struct_conn_angle.ptnr3_auth_atom_id 
_pdbx_struct_conn_angle.ptnr3_auth_asym_id 
_pdbx_struct_conn_angle.ptnr3_auth_comp_id 
_pdbx_struct_conn_angle.ptnr3_auth_seq_id 
_pdbx_struct_conn_angle.ptnr3_PDB_ins_code 
_pdbx_struct_conn_angle.ptnr3_symmetry 
_pdbx_struct_conn_angle.value 
_pdbx_struct_conn_angle.value_esd 
1  ND1 ? A HIS 72  ? A HIS 51  ? 1_555 FE ? C QXM . ? A QXM 302 ? 1_555 O02 ? C QXM .   ? A QXM 302 ? 1_555 87.1  ? 
2  ND1 ? A HIS 72  ? A HIS 51  ? 1_555 FE ? C QXM . ? A QXM 302 ? 1_555 O11 ? C QXM .   ? A QXM 302 ? 1_555 90.8  ? 
3  O02 ? C QXM .   ? A QXM 302 ? 1_555 FE ? C QXM . ? A QXM 302 ? 1_555 O11 ? C QXM .   ? A QXM 302 ? 1_555 91.9  ? 
4  ND1 ? A HIS 72  ? A HIS 51  ? 1_555 FE ? C QXM . ? A QXM 302 ? 1_555 OE1 ? A GLU 78  ? A GLU 57  ? 1_555 94.2  ? 
5  O02 ? C QXM .   ? A QXM 302 ? 1_555 FE ? C QXM . ? A QXM 302 ? 1_555 OE1 ? A GLU 78  ? A GLU 57  ? 1_555 168.4 ? 
6  O11 ? C QXM .   ? A QXM 302 ? 1_555 FE ? C QXM . ? A QXM 302 ? 1_555 OE1 ? A GLU 78  ? A GLU 57  ? 1_555 99.6  ? 
7  ND1 ? A HIS 72  ? A HIS 51  ? 1_555 FE ? C QXM . ? A QXM 302 ? 1_555 OE2 ? A GLU 78  ? A GLU 57  ? 1_555 142.2 ? 
8  O02 ? C QXM .   ? A QXM 302 ? 1_555 FE ? C QXM . ? A QXM 302 ? 1_555 OE2 ? A GLU 78  ? A GLU 57  ? 1_555 129.8 ? 
9  O11 ? C QXM .   ? A QXM 302 ? 1_555 FE ? C QXM . ? A QXM 302 ? 1_555 OE2 ? A GLU 78  ? A GLU 57  ? 1_555 81.3  ? 
10 OE1 ? A GLU 78  ? A GLU 57  ? 1_555 FE ? C QXM . ? A QXM 302 ? 1_555 OE2 ? A GLU 78  ? A GLU 57  ? 1_555 51.6  ? 
11 ND1 ? A HIS 72  ? A HIS 51  ? 1_555 FE ? C QXM . ? A QXM 302 ? 1_555 NE2 ? A HIS 116 ? A HIS 95  ? 1_555 99.9  ? 
12 O02 ? C QXM .   ? A QXM 302 ? 1_555 FE ? C QXM . ? A QXM 302 ? 1_555 NE2 ? A HIS 116 ? A HIS 95  ? 1_555 92.3  ? 
13 O11 ? C QXM .   ? A QXM 302 ? 1_555 FE ? C QXM . ? A QXM 302 ? 1_555 NE2 ? A HIS 116 ? A HIS 95  ? 1_555 168.6 ? 
14 OE1 ? A GLU 78  ? A GLU 57  ? 1_555 FE ? C QXM . ? A QXM 302 ? 1_555 NE2 ? A HIS 116 ? A HIS 95  ? 1_555 76.1  ? 
15 OE2 ? A GLU 78  ? A GLU 57  ? 1_555 FE ? C QXM . ? A QXM 302 ? 1_555 NE2 ? A HIS 116 ? A HIS 95  ? 1_555 87.9  ? 
16 SG  ? A CYS 146 ? A CYS 125 ? 1_555 FE ? B FE2 . ? A FE2 301 ? 1_555 SG  ? A CYS 149 ? A CYS 128 ? 1_555 142.8 ? 
17 SG  ? A CYS 146 ? A CYS 125 ? 1_555 FE ? B FE2 . ? A FE2 301 ? 1_555 SG  ? A CYS 183 ? A CYS 162 ? 1_555 108.3 ? 
18 SG  ? A CYS 149 ? A CYS 128 ? 1_555 FE ? B FE2 . ? A FE2 301 ? 1_555 SG  ? A CYS 183 ? A CYS 162 ? 1_555 90.2  ? 
# 
loop_
_pdbx_audit_revision_history.ordinal 
_pdbx_audit_revision_history.data_content_type 
_pdbx_audit_revision_history.major_revision 
_pdbx_audit_revision_history.minor_revision 
_pdbx_audit_revision_history.revision_date 
1 'Structure model' 1 0 2020-07-29 
2 'Structure model' 1 1 2021-10-06 
3 'Structure model' 1 2 2023-10-11 
# 
_pdbx_audit_revision_details.ordinal             1 
_pdbx_audit_revision_details.revision_ordinal    1 
_pdbx_audit_revision_details.data_content_type   'Structure model' 
_pdbx_audit_revision_details.provider            repository 
_pdbx_audit_revision_details.type                'Initial release' 
_pdbx_audit_revision_details.description         ? 
_pdbx_audit_revision_details.details             ? 
# 
loop_
_pdbx_audit_revision_group.ordinal 
_pdbx_audit_revision_group.revision_ordinal 
_pdbx_audit_revision_group.data_content_type 
_pdbx_audit_revision_group.group 
1 2 'Structure model' 'Database references'    
2 3 'Structure model' 'Data collection'        
3 3 'Structure model' 'Refinement description' 
# 
loop_
_pdbx_audit_revision_category.ordinal 
_pdbx_audit_revision_category.revision_ordinal 
_pdbx_audit_revision_category.data_content_type 
_pdbx_audit_revision_category.category 
1 2 'Structure model' citation                      
2 2 'Structure model' citation_author               
3 2 'Structure model' database_2                    
4 3 'Structure model' chem_comp_atom                
5 3 'Structure model' chem_comp_bond                
6 3 'Structure model' pdbx_initial_refinement_model 
# 
loop_
_pdbx_audit_revision_item.ordinal 
_pdbx_audit_revision_item.revision_ordinal 
_pdbx_audit_revision_item.data_content_type 
_pdbx_audit_revision_item.item 
1 2 'Structure model' '_citation.journal_volume'            
2 2 'Structure model' '_citation.page_first'                
3 2 'Structure model' '_citation.page_last'                 
4 2 'Structure model' '_citation.pdbx_database_id_PubMed'   
5 2 'Structure model' '_citation.title'                     
6 2 'Structure model' '_database_2.pdbx_DOI'                
7 2 'Structure model' '_database_2.pdbx_database_accession' 
# 
loop_
_software.citation_id 
_software.classification 
_software.compiler_name 
_software.compiler_version 
_software.contact_author 
_software.contact_author_email 
_software.date 
_software.description 
_software.dependencies 
_software.hardware 
_software.language 
_software.location 
_software.mods 
_software.name 
_software.os 
_software.os_version 
_software.type 
_software.version 
_software.pdbx_ordinal 
? refinement        ? ? ? ? ? ? ? ? ? ? ? PHENIX      ? ? ? 1.16 1 
? 'data reduction'  ? ? ? ? ? ? ? ? ? ? ? DENZO       ? ? ? .    2 
? 'data scaling'    ? ? ? ? ? ? ? ? ? ? ? SCALEPACK   ? ? ? .    3 
? 'data extraction' ? ? ? ? ? ? ? ? ? ? ? PDB_EXTRACT ? ? ? 3.24 4 
? phasing           ? ? ? ? ? ? ? ? ? ? ? PHENIX      ? ? ? .    5 
# 
_pdbx_entry_details.entry_id                 6VI9 
_pdbx_entry_details.has_ligand_of_interest   Y 
_pdbx_entry_details.compound_details         ? 
_pdbx_entry_details.source_details           ? 
_pdbx_entry_details.nonpolymer_details       ? 
_pdbx_entry_details.sequence_details         ? 
# 
loop_
_pdbx_validate_close_contact.id 
_pdbx_validate_close_contact.PDB_model_num 
_pdbx_validate_close_contact.auth_atom_id_1 
_pdbx_validate_close_contact.auth_asym_id_1 
_pdbx_validate_close_contact.auth_comp_id_1 
_pdbx_validate_close_contact.auth_seq_id_1 
_pdbx_validate_close_contact.PDB_ins_code_1 
_pdbx_validate_close_contact.label_alt_id_1 
_pdbx_validate_close_contact.auth_atom_id_2 
_pdbx_validate_close_contact.auth_asym_id_2 
_pdbx_validate_close_contact.auth_comp_id_2 
_pdbx_validate_close_contact.auth_seq_id_2 
_pdbx_validate_close_contact.PDB_ins_code_2 
_pdbx_validate_close_contact.label_alt_id_2 
_pdbx_validate_close_contact.dist 
1 1 O   A HOH 407 ? ? O A HOH 457 ? ? 1.92 
2 1 O   A HOH 401 ? ? O A HOH 466 ? ? 2.03 
3 1 O   A HOH 426 ? ? O A HOH 486 ? ? 2.10 
4 1 O   A HOH 466 ? ? O A HOH 478 ? ? 2.11 
5 1 NH2 A ARG 12  ? ? O A HOH 401 ? ? 2.17 
6 1 O   A HOH 404 ? ? O A HOH 482 ? ? 2.18 
# 
loop_
_pdbx_validate_symm_contact.id 
_pdbx_validate_symm_contact.PDB_model_num 
_pdbx_validate_symm_contact.auth_atom_id_1 
_pdbx_validate_symm_contact.auth_asym_id_1 
_pdbx_validate_symm_contact.auth_comp_id_1 
_pdbx_validate_symm_contact.auth_seq_id_1 
_pdbx_validate_symm_contact.PDB_ins_code_1 
_pdbx_validate_symm_contact.label_alt_id_1 
_pdbx_validate_symm_contact.site_symmetry_1 
_pdbx_validate_symm_contact.auth_atom_id_2 
_pdbx_validate_symm_contact.auth_asym_id_2 
_pdbx_validate_symm_contact.auth_comp_id_2 
_pdbx_validate_symm_contact.auth_seq_id_2 
_pdbx_validate_symm_contact.PDB_ins_code_2 
_pdbx_validate_symm_contact.label_alt_id_2 
_pdbx_validate_symm_contact.site_symmetry_2 
_pdbx_validate_symm_contact.dist 
1 1 O A HOH 451 ? ? 1_555 O A HOH 478 ? ? 10_665 1.95 
2 1 O A HOH 472 ? ? 1_555 O A HOH 489 ? ? 8_665  2.07 
3 1 O A HOH 404 ? ? 1_555 O A HOH 457 ? ? 8_665  2.17 
# 
loop_
_pdbx_validate_torsion.id 
_pdbx_validate_torsion.PDB_model_num 
_pdbx_validate_torsion.auth_comp_id 
_pdbx_validate_torsion.auth_asym_id 
_pdbx_validate_torsion.auth_seq_id 
_pdbx_validate_torsion.PDB_ins_code 
_pdbx_validate_torsion.label_alt_id 
_pdbx_validate_torsion.phi 
_pdbx_validate_torsion.psi 
1 1 VAL A 25  ? ? -95.77  -84.80 
2 1 ARG A 28  ? ? -163.33 111.25 
3 1 ALA A 127 ? ? -74.92  -70.94 
# 
loop_
_pdbx_unobs_or_zero_occ_atoms.id 
_pdbx_unobs_or_zero_occ_atoms.PDB_model_num 
_pdbx_unobs_or_zero_occ_atoms.polymer_flag 
_pdbx_unobs_or_zero_occ_atoms.occupancy_flag 
_pdbx_unobs_or_zero_occ_atoms.auth_asym_id 
_pdbx_unobs_or_zero_occ_atoms.auth_comp_id 
_pdbx_unobs_or_zero_occ_atoms.auth_seq_id 
_pdbx_unobs_or_zero_occ_atoms.PDB_ins_code 
_pdbx_unobs_or_zero_occ_atoms.auth_atom_id 
_pdbx_unobs_or_zero_occ_atoms.label_alt_id 
_pdbx_unobs_or_zero_occ_atoms.label_asym_id 
_pdbx_unobs_or_zero_occ_atoms.label_comp_id 
_pdbx_unobs_or_zero_occ_atoms.label_seq_id 
_pdbx_unobs_or_zero_occ_atoms.label_atom_id 
1 1 Y 1 A ARG 75 ? CG  ? A ARG 96 CG  
2 1 Y 1 A ARG 75 ? CD  ? A ARG 96 CD  
3 1 Y 1 A ARG 75 ? NE  ? A ARG 96 NE  
4 1 Y 1 A ARG 75 ? CZ  ? A ARG 96 CZ  
5 1 Y 1 A ARG 75 ? NH1 ? A ARG 96 NH1 
6 1 Y 1 A ARG 75 ? NH2 ? A ARG 96 NH2 
# 
loop_
_pdbx_unobs_or_zero_occ_residues.id 
_pdbx_unobs_or_zero_occ_residues.PDB_model_num 
_pdbx_unobs_or_zero_occ_residues.polymer_flag 
_pdbx_unobs_or_zero_occ_residues.occupancy_flag 
_pdbx_unobs_or_zero_occ_residues.auth_asym_id 
_pdbx_unobs_or_zero_occ_residues.auth_comp_id 
_pdbx_unobs_or_zero_occ_residues.auth_seq_id 
_pdbx_unobs_or_zero_occ_residues.PDB_ins_code 
_pdbx_unobs_or_zero_occ_residues.label_asym_id 
_pdbx_unobs_or_zero_occ_residues.label_comp_id 
_pdbx_unobs_or_zero_occ_residues.label_seq_id 
1  1 Y 1 A MET -20 ? A MET 1   
2  1 Y 1 A GLY -19 ? A GLY 2   
3  1 Y 1 A HIS -18 ? A HIS 3   
4  1 Y 1 A HIS -17 ? A HIS 4   
5  1 Y 1 A HIS -16 ? A HIS 5   
6  1 Y 1 A HIS -15 ? A HIS 6   
7  1 Y 1 A HIS -14 ? A HIS 7   
8  1 Y 1 A HIS -13 ? A HIS 8   
9  1 Y 1 A HIS -12 ? A HIS 9   
10 1 Y 1 A HIS -11 ? A HIS 10  
11 1 Y 1 A HIS -10 ? A HIS 11  
12 1 Y 1 A HIS -9  ? A HIS 12  
13 1 Y 1 A SER -8  ? A SER 13  
14 1 Y 1 A SER -7  ? A SER 14  
15 1 Y 1 A GLY -6  ? A GLY 15  
16 1 Y 1 A HIS -5  ? A HIS 16  
17 1 Y 1 A ILE -4  ? A ILE 17  
18 1 Y 1 A GLU -3  ? A GLU 18  
19 1 Y 1 A GLY -2  ? A GLY 19  
20 1 Y 1 A ARG -1  ? A ARG 20  
21 1 Y 1 A HIS 0   ? A HIS 21  
22 1 Y 1 A ARG 172 ? A ARG 193 
23 1 Y 1 A ALA 173 ? A ALA 194 
24 1 Y 1 A ALA 174 ? A ALA 195 
# 
loop_
_chem_comp_atom.comp_id 
_chem_comp_atom.atom_id 
_chem_comp_atom.type_symbol 
_chem_comp_atom.pdbx_aromatic_flag 
_chem_comp_atom.pdbx_stereo_config 
_chem_comp_atom.pdbx_ordinal 
ALA N    N  N N 1   
ALA CA   C  N S 2   
ALA C    C  N N 3   
ALA O    O  N N 4   
ALA CB   C  N N 5   
ALA OXT  O  N N 6   
ALA H    H  N N 7   
ALA H2   H  N N 8   
ALA HA   H  N N 9   
ALA HB1  H  N N 10  
ALA HB2  H  N N 11  
ALA HB3  H  N N 12  
ALA HXT  H  N N 13  
ARG N    N  N N 14  
ARG CA   C  N S 15  
ARG C    C  N N 16  
ARG O    O  N N 17  
ARG CB   C  N N 18  
ARG CG   C  N N 19  
ARG CD   C  N N 20  
ARG NE   N  N N 21  
ARG CZ   C  N N 22  
ARG NH1  N  N N 23  
ARG NH2  N  N N 24  
ARG OXT  O  N N 25  
ARG H    H  N N 26  
ARG H2   H  N N 27  
ARG HA   H  N N 28  
ARG HB2  H  N N 29  
ARG HB3  H  N N 30  
ARG HG2  H  N N 31  
ARG HG3  H  N N 32  
ARG HD2  H  N N 33  
ARG HD3  H  N N 34  
ARG HE   H  N N 35  
ARG HH11 H  N N 36  
ARG HH12 H  N N 37  
ARG HH21 H  N N 38  
ARG HH22 H  N N 39  
ARG HXT  H  N N 40  
ASN N    N  N N 41  
ASN CA   C  N S 42  
ASN C    C  N N 43  
ASN O    O  N N 44  
ASN CB   C  N N 45  
ASN CG   C  N N 46  
ASN OD1  O  N N 47  
ASN ND2  N  N N 48  
ASN OXT  O  N N 49  
ASN H    H  N N 50  
ASN H2   H  N N 51  
ASN HA   H  N N 52  
ASN HB2  H  N N 53  
ASN HB3  H  N N 54  
ASN HD21 H  N N 55  
ASN HD22 H  N N 56  
ASN HXT  H  N N 57  
ASP N    N  N N 58  
ASP CA   C  N S 59  
ASP C    C  N N 60  
ASP O    O  N N 61  
ASP CB   C  N N 62  
ASP CG   C  N N 63  
ASP OD1  O  N N 64  
ASP OD2  O  N N 65  
ASP OXT  O  N N 66  
ASP H    H  N N 67  
ASP H2   H  N N 68  
ASP HA   H  N N 69  
ASP HB2  H  N N 70  
ASP HB3  H  N N 71  
ASP HD2  H  N N 72  
ASP HXT  H  N N 73  
CYS N    N  N N 74  
CYS CA   C  N R 75  
CYS C    C  N N 76  
CYS O    O  N N 77  
CYS CB   C  N N 78  
CYS SG   S  N N 79  
CYS OXT  O  N N 80  
CYS H    H  N N 81  
CYS H2   H  N N 82  
CYS HA   H  N N 83  
CYS HB2  H  N N 84  
CYS HB3  H  N N 85  
CYS HG   H  N N 86  
CYS HXT  H  N N 87  
FE2 FE   FE N N 88  
GLN N    N  N N 89  
GLN CA   C  N S 90  
GLN C    C  N N 91  
GLN O    O  N N 92  
GLN CB   C  N N 93  
GLN CG   C  N N 94  
GLN CD   C  N N 95  
GLN OE1  O  N N 96  
GLN NE2  N  N N 97  
GLN OXT  O  N N 98  
GLN H    H  N N 99  
GLN H2   H  N N 100 
GLN HA   H  N N 101 
GLN HB2  H  N N 102 
GLN HB3  H  N N 103 
GLN HG2  H  N N 104 
GLN HG3  H  N N 105 
GLN HE21 H  N N 106 
GLN HE22 H  N N 107 
GLN HXT  H  N N 108 
GLU N    N  N N 109 
GLU CA   C  N S 110 
GLU C    C  N N 111 
GLU O    O  N N 112 
GLU CB   C  N N 113 
GLU CG   C  N N 114 
GLU CD   C  N N 115 
GLU OE1  O  N N 116 
GLU OE2  O  N N 117 
GLU OXT  O  N N 118 
GLU H    H  N N 119 
GLU H2   H  N N 120 
GLU HA   H  N N 121 
GLU HB2  H  N N 122 
GLU HB3  H  N N 123 
GLU HG2  H  N N 124 
GLU HG3  H  N N 125 
GLU HE2  H  N N 126 
GLU HXT  H  N N 127 
GLY N    N  N N 128 
GLY CA   C  N N 129 
GLY C    C  N N 130 
GLY O    O  N N 131 
GLY OXT  O  N N 132 
GLY H    H  N N 133 
GLY H2   H  N N 134 
GLY HA2  H  N N 135 
GLY HA3  H  N N 136 
GLY HXT  H  N N 137 
HIS N    N  N N 138 
HIS CA   C  N S 139 
HIS C    C  N N 140 
HIS O    O  N N 141 
HIS CB   C  N N 142 
HIS CG   C  Y N 143 
HIS ND1  N  Y N 144 
HIS CD2  C  Y N 145 
HIS CE1  C  Y N 146 
HIS NE2  N  Y N 147 
HIS OXT  O  N N 148 
HIS H    H  N N 149 
HIS H2   H  N N 150 
HIS HA   H  N N 151 
HIS HB2  H  N N 152 
HIS HB3  H  N N 153 
HIS HD1  H  N N 154 
HIS HD2  H  N N 155 
HIS HE1  H  N N 156 
HIS HE2  H  N N 157 
HIS HXT  H  N N 158 
HOH O    O  N N 159 
HOH H1   H  N N 160 
HOH H2   H  N N 161 
ILE N    N  N N 162 
ILE CA   C  N S 163 
ILE C    C  N N 164 
ILE O    O  N N 165 
ILE CB   C  N S 166 
ILE CG1  C  N N 167 
ILE CG2  C  N N 168 
ILE CD1  C  N N 169 
ILE OXT  O  N N 170 
ILE H    H  N N 171 
ILE H2   H  N N 172 
ILE HA   H  N N 173 
ILE HB   H  N N 174 
ILE HG12 H  N N 175 
ILE HG13 H  N N 176 
ILE HG21 H  N N 177 
ILE HG22 H  N N 178 
ILE HG23 H  N N 179 
ILE HD11 H  N N 180 
ILE HD12 H  N N 181 
ILE HD13 H  N N 182 
ILE HXT  H  N N 183 
LEU N    N  N N 184 
LEU CA   C  N S 185 
LEU C    C  N N 186 
LEU O    O  N N 187 
LEU CB   C  N N 188 
LEU CG   C  N N 189 
LEU CD1  C  N N 190 
LEU CD2  C  N N 191 
LEU OXT  O  N N 192 
LEU H    H  N N 193 
LEU H2   H  N N 194 
LEU HA   H  N N 195 
LEU HB2  H  N N 196 
LEU HB3  H  N N 197 
LEU HG   H  N N 198 
LEU HD11 H  N N 199 
LEU HD12 H  N N 200 
LEU HD13 H  N N 201 
LEU HD21 H  N N 202 
LEU HD22 H  N N 203 
LEU HD23 H  N N 204 
LEU HXT  H  N N 205 
LYS N    N  N N 206 
LYS CA   C  N S 207 
LYS C    C  N N 208 
LYS O    O  N N 209 
LYS CB   C  N N 210 
LYS CG   C  N N 211 
LYS CD   C  N N 212 
LYS CE   C  N N 213 
LYS NZ   N  N N 214 
LYS OXT  O  N N 215 
LYS H    H  N N 216 
LYS H2   H  N N 217 
LYS HA   H  N N 218 
LYS HB2  H  N N 219 
LYS HB3  H  N N 220 
LYS HG2  H  N N 221 
LYS HG3  H  N N 222 
LYS HD2  H  N N 223 
LYS HD3  H  N N 224 
LYS HE2  H  N N 225 
LYS HE3  H  N N 226 
LYS HZ1  H  N N 227 
LYS HZ2  H  N N 228 
LYS HZ3  H  N N 229 
LYS HXT  H  N N 230 
MET N    N  N N 231 
MET CA   C  N S 232 
MET C    C  N N 233 
MET O    O  N N 234 
MET CB   C  N N 235 
MET CG   C  N N 236 
MET SD   S  N N 237 
MET CE   C  N N 238 
MET OXT  O  N N 239 
MET H    H  N N 240 
MET H2   H  N N 241 
MET HA   H  N N 242 
MET HB2  H  N N 243 
MET HB3  H  N N 244 
MET HG2  H  N N 245 
MET HG3  H  N N 246 
MET HE1  H  N N 247 
MET HE2  H  N N 248 
MET HE3  H  N N 249 
MET HXT  H  N N 250 
PHE N    N  N N 251 
PHE CA   C  N S 252 
PHE C    C  N N 253 
PHE O    O  N N 254 
PHE CB   C  N N 255 
PHE CG   C  Y N 256 
PHE CD1  C  Y N 257 
PHE CD2  C  Y N 258 
PHE CE1  C  Y N 259 
PHE CE2  C  Y N 260 
PHE CZ   C  Y N 261 
PHE OXT  O  N N 262 
PHE H    H  N N 263 
PHE H2   H  N N 264 
PHE HA   H  N N 265 
PHE HB2  H  N N 266 
PHE HB3  H  N N 267 
PHE HD1  H  N N 268 
PHE HD2  H  N N 269 
PHE HE1  H  N N 270 
PHE HE2  H  N N 271 
PHE HZ   H  N N 272 
PHE HXT  H  N N 273 
PRO N    N  N N 274 
PRO CA   C  N S 275 
PRO C    C  N N 276 
PRO O    O  N N 277 
PRO CB   C  N N 278 
PRO CG   C  N N 279 
PRO CD   C  N N 280 
PRO OXT  O  N N 281 
PRO H    H  N N 282 
PRO HA   H  N N 283 
PRO HB2  H  N N 284 
PRO HB3  H  N N 285 
PRO HG2  H  N N 286 
PRO HG3  H  N N 287 
PRO HD2  H  N N 288 
PRO HD3  H  N N 289 
PRO HXT  H  N N 290 
QXM C10  C  N R 291 
QXM FE   FE N N 292 
QXM O01  O  N N 293 
QXM O02  O  N N 294 
QXM C02  C  N N 295 
QXM C03  C  N N 296 
QXM C04  C  N N 297 
QXM C07  C  N N 298 
QXM C08  C  N N 299 
QXM C09  C  N N 300 
QXM N01  N  N N 301 
QXM O05  O  N N 302 
QXM O06  O  N N 303 
QXM O11  O  N N 304 
QXM H2   H  N N 305 
QXM H4   H  N N 306 
QXM H6   H  N N 307 
QXM H8   H  N N 308 
SER N    N  N N 309 
SER CA   C  N S 310 
SER C    C  N N 311 
SER O    O  N N 312 
SER CB   C  N N 313 
SER OG   O  N N 314 
SER OXT  O  N N 315 
SER H    H  N N 316 
SER H2   H  N N 317 
SER HA   H  N N 318 
SER HB2  H  N N 319 
SER HB3  H  N N 320 
SER HG   H  N N 321 
SER HXT  H  N N 322 
THR N    N  N N 323 
THR CA   C  N S 324 
THR C    C  N N 325 
THR O    O  N N 326 
THR CB   C  N R 327 
THR OG1  O  N N 328 
THR CG2  C  N N 329 
THR OXT  O  N N 330 
THR H    H  N N 331 
THR H2   H  N N 332 
THR HA   H  N N 333 
THR HB   H  N N 334 
THR HG1  H  N N 335 
THR HG21 H  N N 336 
THR HG22 H  N N 337 
THR HG23 H  N N 338 
THR HXT  H  N N 339 
TRP N    N  N N 340 
TRP CA   C  N S 341 
TRP C    C  N N 342 
TRP O    O  N N 343 
TRP CB   C  N N 344 
TRP CG   C  Y N 345 
TRP CD1  C  Y N 346 
TRP CD2  C  Y N 347 
TRP NE1  N  Y N 348 
TRP CE2  C  Y N 349 
TRP CE3  C  Y N 350 
TRP CZ2  C  Y N 351 
TRP CZ3  C  Y N 352 
TRP CH2  C  Y N 353 
TRP OXT  O  N N 354 
TRP H    H  N N 355 
TRP H2   H  N N 356 
TRP HA   H  N N 357 
TRP HB2  H  N N 358 
TRP HB3  H  N N 359 
TRP HD1  H  N N 360 
TRP HE1  H  N N 361 
TRP HE3  H  N N 362 
TRP HZ2  H  N N 363 
TRP HZ3  H  N N 364 
TRP HH2  H  N N 365 
TRP HXT  H  N N 366 
TRS C    C  N N 367 
TRS C1   C  N N 368 
TRS C2   C  N N 369 
TRS C3   C  N N 370 
TRS N    N  N N 371 
TRS O1   O  N N 372 
TRS O2   O  N N 373 
TRS O3   O  N N 374 
TRS H11  H  N N 375 
TRS H12  H  N N 376 
TRS H21  H  N N 377 
TRS H22  H  N N 378 
TRS H31  H  N N 379 
TRS H32  H  N N 380 
TRS HN1  H  N N 381 
TRS HN2  H  N N 382 
TRS HN3  H  N N 383 
TRS HO1  H  N N 384 
TRS HO2  H  N N 385 
TRS HO3  H  N N 386 
TYR N    N  N N 387 
TYR CA   C  N S 388 
TYR C    C  N N 389 
TYR O    O  N N 390 
TYR CB   C  N N 391 
TYR CG   C  Y N 392 
TYR CD1  C  Y N 393 
TYR CD2  C  Y N 394 
TYR CE1  C  Y N 395 
TYR CE2  C  Y N 396 
TYR CZ   C  Y N 397 
TYR OH   O  N N 398 
TYR OXT  O  N N 399 
TYR H    H  N N 400 
TYR H2   H  N N 401 
TYR HA   H  N N 402 
TYR HB2  H  N N 403 
TYR HB3  H  N N 404 
TYR HD1  H  N N 405 
TYR HD2  H  N N 406 
TYR HE1  H  N N 407 
TYR HE2  H  N N 408 
TYR HH   H  N N 409 
TYR HXT  H  N N 410 
VAL N    N  N N 411 
VAL CA   C  N S 412 
VAL C    C  N N 413 
VAL O    O  N N 414 
VAL CB   C  N N 415 
VAL CG1  C  N N 416 
VAL CG2  C  N N 417 
VAL OXT  O  N N 418 
VAL H    H  N N 419 
VAL H2   H  N N 420 
VAL HA   H  N N 421 
VAL HB   H  N N 422 
VAL HG11 H  N N 423 
VAL HG12 H  N N 424 
VAL HG13 H  N N 425 
VAL HG21 H  N N 426 
VAL HG22 H  N N 427 
VAL HG23 H  N N 428 
VAL HXT  H  N N 429 
# 
loop_
_chem_comp_bond.comp_id 
_chem_comp_bond.atom_id_1 
_chem_comp_bond.atom_id_2 
_chem_comp_bond.value_order 
_chem_comp_bond.pdbx_aromatic_flag 
_chem_comp_bond.pdbx_stereo_config 
_chem_comp_bond.pdbx_ordinal 
ALA N   CA   sing N N 1   
ALA N   H    sing N N 2   
ALA N   H2   sing N N 3   
ALA CA  C    sing N N 4   
ALA CA  CB   sing N N 5   
ALA CA  HA   sing N N 6   
ALA C   O    doub N N 7   
ALA C   OXT  sing N N 8   
ALA CB  HB1  sing N N 9   
ALA CB  HB2  sing N N 10  
ALA CB  HB3  sing N N 11  
ALA OXT HXT  sing N N 12  
ARG N   CA   sing N N 13  
ARG N   H    sing N N 14  
ARG N   H2   sing N N 15  
ARG CA  C    sing N N 16  
ARG CA  CB   sing N N 17  
ARG CA  HA   sing N N 18  
ARG C   O    doub N N 19  
ARG C   OXT  sing N N 20  
ARG CB  CG   sing N N 21  
ARG CB  HB2  sing N N 22  
ARG CB  HB3  sing N N 23  
ARG CG  CD   sing N N 24  
ARG CG  HG2  sing N N 25  
ARG CG  HG3  sing N N 26  
ARG CD  NE   sing N N 27  
ARG CD  HD2  sing N N 28  
ARG CD  HD3  sing N N 29  
ARG NE  CZ   sing N N 30  
ARG NE  HE   sing N N 31  
ARG CZ  NH1  sing N N 32  
ARG CZ  NH2  doub N N 33  
ARG NH1 HH11 sing N N 34  
ARG NH1 HH12 sing N N 35  
ARG NH2 HH21 sing N N 36  
ARG NH2 HH22 sing N N 37  
ARG OXT HXT  sing N N 38  
ASN N   CA   sing N N 39  
ASN N   H    sing N N 40  
ASN N   H2   sing N N 41  
ASN CA  C    sing N N 42  
ASN CA  CB   sing N N 43  
ASN CA  HA   sing N N 44  
ASN C   O    doub N N 45  
ASN C   OXT  sing N N 46  
ASN CB  CG   sing N N 47  
ASN CB  HB2  sing N N 48  
ASN CB  HB3  sing N N 49  
ASN CG  OD1  doub N N 50  
ASN CG  ND2  sing N N 51  
ASN ND2 HD21 sing N N 52  
ASN ND2 HD22 sing N N 53  
ASN OXT HXT  sing N N 54  
ASP N   CA   sing N N 55  
ASP N   H    sing N N 56  
ASP N   H2   sing N N 57  
ASP CA  C    sing N N 58  
ASP CA  CB   sing N N 59  
ASP CA  HA   sing N N 60  
ASP C   O    doub N N 61  
ASP C   OXT  sing N N 62  
ASP CB  CG   sing N N 63  
ASP CB  HB2  sing N N 64  
ASP CB  HB3  sing N N 65  
ASP CG  OD1  doub N N 66  
ASP CG  OD2  sing N N 67  
ASP OD2 HD2  sing N N 68  
ASP OXT HXT  sing N N 69  
CYS N   CA   sing N N 70  
CYS N   H    sing N N 71  
CYS N   H2   sing N N 72  
CYS CA  C    sing N N 73  
CYS CA  CB   sing N N 74  
CYS CA  HA   sing N N 75  
CYS C   O    doub N N 76  
CYS C   OXT  sing N N 77  
CYS CB  SG   sing N N 78  
CYS CB  HB2  sing N N 79  
CYS CB  HB3  sing N N 80  
CYS SG  HG   sing N N 81  
CYS OXT HXT  sing N N 82  
GLN N   CA   sing N N 83  
GLN N   H    sing N N 84  
GLN N   H2   sing N N 85  
GLN CA  C    sing N N 86  
GLN CA  CB   sing N N 87  
GLN CA  HA   sing N N 88  
GLN C   O    doub N N 89  
GLN C   OXT  sing N N 90  
GLN CB  CG   sing N N 91  
GLN CB  HB2  sing N N 92  
GLN CB  HB3  sing N N 93  
GLN CG  CD   sing N N 94  
GLN CG  HG2  sing N N 95  
GLN CG  HG3  sing N N 96  
GLN CD  OE1  doub N N 97  
GLN CD  NE2  sing N N 98  
GLN NE2 HE21 sing N N 99  
GLN NE2 HE22 sing N N 100 
GLN OXT HXT  sing N N 101 
GLU N   CA   sing N N 102 
GLU N   H    sing N N 103 
GLU N   H2   sing N N 104 
GLU CA  C    sing N N 105 
GLU CA  CB   sing N N 106 
GLU CA  HA   sing N N 107 
GLU C   O    doub N N 108 
GLU C   OXT  sing N N 109 
GLU CB  CG   sing N N 110 
GLU CB  HB2  sing N N 111 
GLU CB  HB3  sing N N 112 
GLU CG  CD   sing N N 113 
GLU CG  HG2  sing N N 114 
GLU CG  HG3  sing N N 115 
GLU CD  OE1  doub N N 116 
GLU CD  OE2  sing N N 117 
GLU OE2 HE2  sing N N 118 
GLU OXT HXT  sing N N 119 
GLY N   CA   sing N N 120 
GLY N   H    sing N N 121 
GLY N   H2   sing N N 122 
GLY CA  C    sing N N 123 
GLY CA  HA2  sing N N 124 
GLY CA  HA3  sing N N 125 
GLY C   O    doub N N 126 
GLY C   OXT  sing N N 127 
GLY OXT HXT  sing N N 128 
HIS N   CA   sing N N 129 
HIS N   H    sing N N 130 
HIS N   H2   sing N N 131 
HIS CA  C    sing N N 132 
HIS CA  CB   sing N N 133 
HIS CA  HA   sing N N 134 
HIS C   O    doub N N 135 
HIS C   OXT  sing N N 136 
HIS CB  CG   sing N N 137 
HIS CB  HB2  sing N N 138 
HIS CB  HB3  sing N N 139 
HIS CG  ND1  sing Y N 140 
HIS CG  CD2  doub Y N 141 
HIS ND1 CE1  doub Y N 142 
HIS ND1 HD1  sing N N 143 
HIS CD2 NE2  sing Y N 144 
HIS CD2 HD2  sing N N 145 
HIS CE1 NE2  sing Y N 146 
HIS CE1 HE1  sing N N 147 
HIS NE2 HE2  sing N N 148 
HIS OXT HXT  sing N N 149 
HOH O   H1   sing N N 150 
HOH O   H2   sing N N 151 
ILE N   CA   sing N N 152 
ILE N   H    sing N N 153 
ILE N   H2   sing N N 154 
ILE CA  C    sing N N 155 
ILE CA  CB   sing N N 156 
ILE CA  HA   sing N N 157 
ILE C   O    doub N N 158 
ILE C   OXT  sing N N 159 
ILE CB  CG1  sing N N 160 
ILE CB  CG2  sing N N 161 
ILE CB  HB   sing N N 162 
ILE CG1 CD1  sing N N 163 
ILE CG1 HG12 sing N N 164 
ILE CG1 HG13 sing N N 165 
ILE CG2 HG21 sing N N 166 
ILE CG2 HG22 sing N N 167 
ILE CG2 HG23 sing N N 168 
ILE CD1 HD11 sing N N 169 
ILE CD1 HD12 sing N N 170 
ILE CD1 HD13 sing N N 171 
ILE OXT HXT  sing N N 172 
LEU N   CA   sing N N 173 
LEU N   H    sing N N 174 
LEU N   H2   sing N N 175 
LEU CA  C    sing N N 176 
LEU CA  CB   sing N N 177 
LEU CA  HA   sing N N 178 
LEU C   O    doub N N 179 
LEU C   OXT  sing N N 180 
LEU CB  CG   sing N N 181 
LEU CB  HB2  sing N N 182 
LEU CB  HB3  sing N N 183 
LEU CG  CD1  sing N N 184 
LEU CG  CD2  sing N N 185 
LEU CG  HG   sing N N 186 
LEU CD1 HD11 sing N N 187 
LEU CD1 HD12 sing N N 188 
LEU CD1 HD13 sing N N 189 
LEU CD2 HD21 sing N N 190 
LEU CD2 HD22 sing N N 191 
LEU CD2 HD23 sing N N 192 
LEU OXT HXT  sing N N 193 
LYS N   CA   sing N N 194 
LYS N   H    sing N N 195 
LYS N   H2   sing N N 196 
LYS CA  C    sing N N 197 
LYS CA  CB   sing N N 198 
LYS CA  HA   sing N N 199 
LYS C   O    doub N N 200 
LYS C   OXT  sing N N 201 
LYS CB  CG   sing N N 202 
LYS CB  HB2  sing N N 203 
LYS CB  HB3  sing N N 204 
LYS CG  CD   sing N N 205 
LYS CG  HG2  sing N N 206 
LYS CG  HG3  sing N N 207 
LYS CD  CE   sing N N 208 
LYS CD  HD2  sing N N 209 
LYS CD  HD3  sing N N 210 
LYS CE  NZ   sing N N 211 
LYS CE  HE2  sing N N 212 
LYS CE  HE3  sing N N 213 
LYS NZ  HZ1  sing N N 214 
LYS NZ  HZ2  sing N N 215 
LYS NZ  HZ3  sing N N 216 
LYS OXT HXT  sing N N 217 
MET N   CA   sing N N 218 
MET N   H    sing N N 219 
MET N   H2   sing N N 220 
MET CA  C    sing N N 221 
MET CA  CB   sing N N 222 
MET CA  HA   sing N N 223 
MET C   O    doub N N 224 
MET C   OXT  sing N N 225 
MET CB  CG   sing N N 226 
MET CB  HB2  sing N N 227 
MET CB  HB3  sing N N 228 
MET CG  SD   sing N N 229 
MET CG  HG2  sing N N 230 
MET CG  HG3  sing N N 231 
MET SD  CE   sing N N 232 
MET CE  HE1  sing N N 233 
MET CE  HE2  sing N N 234 
MET CE  HE3  sing N N 235 
MET OXT HXT  sing N N 236 
PHE N   CA   sing N N 237 
PHE N   H    sing N N 238 
PHE N   H2   sing N N 239 
PHE CA  C    sing N N 240 
PHE CA  CB   sing N N 241 
PHE CA  HA   sing N N 242 
PHE C   O    doub N N 243 
PHE C   OXT  sing N N 244 
PHE CB  CG   sing N N 245 
PHE CB  HB2  sing N N 246 
PHE CB  HB3  sing N N 247 
PHE CG  CD1  doub Y N 248 
PHE CG  CD2  sing Y N 249 
PHE CD1 CE1  sing Y N 250 
PHE CD1 HD1  sing N N 251 
PHE CD2 CE2  doub Y N 252 
PHE CD2 HD2  sing N N 253 
PHE CE1 CZ   doub Y N 254 
PHE CE1 HE1  sing N N 255 
PHE CE2 CZ   sing Y N 256 
PHE CE2 HE2  sing N N 257 
PHE CZ  HZ   sing N N 258 
PHE OXT HXT  sing N N 259 
PRO N   CA   sing N N 260 
PRO N   CD   sing N N 261 
PRO N   H    sing N N 262 
PRO CA  C    sing N N 263 
PRO CA  CB   sing N N 264 
PRO CA  HA   sing N N 265 
PRO C   O    doub N N 266 
PRO C   OXT  sing N N 267 
PRO CB  CG   sing N N 268 
PRO CB  HB2  sing N N 269 
PRO CB  HB3  sing N N 270 
PRO CG  CD   sing N N 271 
PRO CG  HG2  sing N N 272 
PRO CG  HG3  sing N N 273 
PRO CD  HD2  sing N N 274 
PRO CD  HD3  sing N N 275 
PRO OXT HXT  sing N N 276 
QXM C10 C02  sing N N 277 
QXM C10 C09  sing N N 278 
QXM C10 O11  sing N N 279 
QXM FE  O02  sing N N 280 
QXM O01 O02  sing N N 281 
QXM C02 C03  sing N N 282 
QXM C02 N01  doub N N 283 
QXM C03 C04  sing N N 284 
QXM C03 C07  doub N N 285 
QXM C04 O05  doub N N 286 
QXM C04 O06  sing N N 287 
QXM C07 C08  sing N N 288 
QXM C08 C09  doub N N 289 
QXM C10 O01  sing N N 290 
QXM C07 H2   sing N N 291 
QXM C08 H4   sing N N 292 
QXM C09 H6   sing N N 293 
QXM N01 H8   sing N N 294 
QXM O11 FE   sing N N 295 
SER N   CA   sing N N 296 
SER N   H    sing N N 297 
SER N   H2   sing N N 298 
SER CA  C    sing N N 299 
SER CA  CB   sing N N 300 
SER CA  HA   sing N N 301 
SER C   O    doub N N 302 
SER C   OXT  sing N N 303 
SER CB  OG   sing N N 304 
SER CB  HB2  sing N N 305 
SER CB  HB3  sing N N 306 
SER OG  HG   sing N N 307 
SER OXT HXT  sing N N 308 
THR N   CA   sing N N 309 
THR N   H    sing N N 310 
THR N   H2   sing N N 311 
THR CA  C    sing N N 312 
THR CA  CB   sing N N 313 
THR CA  HA   sing N N 314 
THR C   O    doub N N 315 
THR C   OXT  sing N N 316 
THR CB  OG1  sing N N 317 
THR CB  CG2  sing N N 318 
THR CB  HB   sing N N 319 
THR OG1 HG1  sing N N 320 
THR CG2 HG21 sing N N 321 
THR CG2 HG22 sing N N 322 
THR CG2 HG23 sing N N 323 
THR OXT HXT  sing N N 324 
TRP N   CA   sing N N 325 
TRP N   H    sing N N 326 
TRP N   H2   sing N N 327 
TRP CA  C    sing N N 328 
TRP CA  CB   sing N N 329 
TRP CA  HA   sing N N 330 
TRP C   O    doub N N 331 
TRP C   OXT  sing N N 332 
TRP CB  CG   sing N N 333 
TRP CB  HB2  sing N N 334 
TRP CB  HB3  sing N N 335 
TRP CG  CD1  doub Y N 336 
TRP CG  CD2  sing Y N 337 
TRP CD1 NE1  sing Y N 338 
TRP CD1 HD1  sing N N 339 
TRP CD2 CE2  doub Y N 340 
TRP CD2 CE3  sing Y N 341 
TRP NE1 CE2  sing Y N 342 
TRP NE1 HE1  sing N N 343 
TRP CE2 CZ2  sing Y N 344 
TRP CE3 CZ3  doub Y N 345 
TRP CE3 HE3  sing N N 346 
TRP CZ2 CH2  doub Y N 347 
TRP CZ2 HZ2  sing N N 348 
TRP CZ3 CH2  sing Y N 349 
TRP CZ3 HZ3  sing N N 350 
TRP CH2 HH2  sing N N 351 
TRP OXT HXT  sing N N 352 
TRS C   C1   sing N N 353 
TRS C   C2   sing N N 354 
TRS C   C3   sing N N 355 
TRS C   N    sing N N 356 
TRS C1  O1   sing N N 357 
TRS C1  H11  sing N N 358 
TRS C1  H12  sing N N 359 
TRS C2  O2   sing N N 360 
TRS C2  H21  sing N N 361 
TRS C2  H22  sing N N 362 
TRS C3  O3   sing N N 363 
TRS C3  H31  sing N N 364 
TRS C3  H32  sing N N 365 
TRS N   HN1  sing N N 366 
TRS N   HN2  sing N N 367 
TRS N   HN3  sing N N 368 
TRS O1  HO1  sing N N 369 
TRS O2  HO2  sing N N 370 
TRS O3  HO3  sing N N 371 
TYR N   CA   sing N N 372 
TYR N   H    sing N N 373 
TYR N   H2   sing N N 374 
TYR CA  C    sing N N 375 
TYR CA  CB   sing N N 376 
TYR CA  HA   sing N N 377 
TYR C   O    doub N N 378 
TYR C   OXT  sing N N 379 
TYR CB  CG   sing N N 380 
TYR CB  HB2  sing N N 381 
TYR CB  HB3  sing N N 382 
TYR CG  CD1  doub Y N 383 
TYR CG  CD2  sing Y N 384 
TYR CD1 CE1  sing Y N 385 
TYR CD1 HD1  sing N N 386 
TYR CD2 CE2  doub Y N 387 
TYR CD2 HD2  sing N N 388 
TYR CE1 CZ   doub Y N 389 
TYR CE1 HE1  sing N N 390 
TYR CE2 CZ   sing Y N 391 
TYR CE2 HE2  sing N N 392 
TYR CZ  OH   sing N N 393 
TYR OH  HH   sing N N 394 
TYR OXT HXT  sing N N 395 
VAL N   CA   sing N N 396 
VAL N   H    sing N N 397 
VAL N   H2   sing N N 398 
VAL CA  C    sing N N 399 
VAL CA  CB   sing N N 400 
VAL CA  HA   sing N N 401 
VAL C   O    doub N N 402 
VAL C   OXT  sing N N 403 
VAL CB  CG1  sing N N 404 
VAL CB  CG2  sing N N 405 
VAL CB  HB   sing N N 406 
VAL CG1 HG11 sing N N 407 
VAL CG1 HG12 sing N N 408 
VAL CG1 HG13 sing N N 409 
VAL CG2 HG21 sing N N 410 
VAL CG2 HG22 sing N N 411 
VAL CG2 HG23 sing N N 412 
VAL OXT HXT  sing N N 413 
# 
loop_
_pdbx_audit_support.funding_organization 
_pdbx_audit_support.country 
_pdbx_audit_support.grant_number 
_pdbx_audit_support.ordinal 
'National Institutes of Health/National Institute of General Medical Sciences (NIH/NIGMS)' 'United States' R01GM108988 1 
'National Institutes of Health/National Institute of Mental Health (NIH/NIMH)'             'United States' R21MH107985 2 
'National Science Foundation (NSF, United States)'                                         'United States' CHE-1623856 3 
'National Institutes of Health/National Institute of General Medical Sciences (NIH/NIGMS)' 'United States' R01GM107529 4 
# 
loop_
_pdbx_entity_instance_feature.ordinal 
_pdbx_entity_instance_feature.comp_id 
_pdbx_entity_instance_feature.asym_id 
_pdbx_entity_instance_feature.seq_num 
_pdbx_entity_instance_feature.auth_comp_id 
_pdbx_entity_instance_feature.auth_asym_id 
_pdbx_entity_instance_feature.auth_seq_num 
_pdbx_entity_instance_feature.feature_type 
_pdbx_entity_instance_feature.details 
1 QXM ? ? QXM ? ? 'SUBJECT OF INVESTIGATION' ? 
2 FE2 ? ? FE2 ? ? 'SUBJECT OF INVESTIGATION' ? 
# 
loop_
_pdbx_entity_nonpoly.entity_id 
_pdbx_entity_nonpoly.name 
_pdbx_entity_nonpoly.comp_id 
2 'FE (II) ION'                                                                                        FE2 
3 '(5R,6Z)-5-(hydroperoxy-kappaO)-5-(hydroxy-kappaO)-6-iminocyclohexa-1,3-diene-1-carboxylato(2-)iron' QXM 
4 2-AMINO-2-HYDROXYMETHYL-PROPANE-1,3-DIOL                                                             TRS 
5 water                                                                                                HOH 
# 
_pdbx_initial_refinement_model.id               1 
_pdbx_initial_refinement_model.entity_id_list   ? 
_pdbx_initial_refinement_model.type             'experimental model' 
_pdbx_initial_refinement_model.source_name      PDB 
_pdbx_initial_refinement_model.accession_code   1YFU 
_pdbx_initial_refinement_model.details          'PDB entry 1YFU' 
# 
_pdbx_struct_assembly_auth_evidence.id                     1 
_pdbx_struct_assembly_auth_evidence.assembly_id            1 
_pdbx_struct_assembly_auth_evidence.experimental_support   'gel filtration' 
_pdbx_struct_assembly_auth_evidence.details                ? 
# 
